data_9HGR
# 
_entry.id   9HGR 
# 
_audit_conform.dict_name       mmcif_pdbx.dic 
_audit_conform.dict_version    5.406 
_audit_conform.dict_location   http://mmcif.pdb.org/dictionaries/ascii/mmcif_pdbx.dic 
# 
loop_
_database_2.database_id 
_database_2.database_code 
_database_2.pdbx_database_accession 
_database_2.pdbx_DOI 
PDB   9HGR         pdb_00009hgr 10.2210/pdb9hgr/pdb 
WWPDB D_1292143309 ?            ?                   
EMDB  EMD-52165    ?            ?                   
# 
loop_
_pdbx_audit_revision_history.ordinal 
_pdbx_audit_revision_history.data_content_type 
_pdbx_audit_revision_history.major_revision 
_pdbx_audit_revision_history.minor_revision 
_pdbx_audit_revision_history.revision_date 
_pdbx_audit_revision_history.part_number 
1  'Structure model' 1 0 2025-01-29 ? 
2  'EM metadata'     1 0 2025-01-29 ? 
3  FSC               1 0 2025-01-29 ? 
4  'Half map'        1 0 2025-01-29 1 
5  'Half map'        1 0 2025-01-29 2 
6  Image             1 0 2025-01-29 ? 
7  'Primary map'     1 0 2025-01-29 ? 
8  'Structure model' 1 1 2025-07-02 ? 
9  'EM metadata'     1 1 2025-07-02 ? 
10 'Structure model' 1 2 2025-10-08 ? 
# 
loop_
_pdbx_audit_revision_details.ordinal 
_pdbx_audit_revision_details.revision_ordinal 
_pdbx_audit_revision_details.data_content_type 
_pdbx_audit_revision_details.provider 
_pdbx_audit_revision_details.type 
_pdbx_audit_revision_details.description 
_pdbx_audit_revision_details.details 
1 1 'Structure model' repository 'Initial release' ? ? 
2 2 'EM metadata'     repository 'Initial release' ? ? 
3 3 FSC               repository 'Initial release' ? ? 
4 4 'Half map'        repository 'Initial release' ? ? 
5 5 'Half map'        repository 'Initial release' ? ? 
6 6 Image             repository 'Initial release' ? ? 
7 7 'Primary map'     repository 'Initial release' ? ? 
# 
loop_
_pdbx_audit_revision_group.ordinal 
_pdbx_audit_revision_group.revision_ordinal 
_pdbx_audit_revision_group.data_content_type 
_pdbx_audit_revision_group.group 
1 8  'Structure model' 'Data collection'      
2 9  'EM metadata'     'Data processing'      
3 9  'EM metadata'     'Experimental summary' 
4 10 'Structure model' 'Data collection'      
5 10 'Structure model' 'Database references'  
# 
loop_
_pdbx_audit_revision_category.ordinal 
_pdbx_audit_revision_category.revision_ordinal 
_pdbx_audit_revision_category.data_content_type 
_pdbx_audit_revision_category.category 
1 8  'Structure model' em_admin        
2 8  'Structure model' em_software     
3 9  'EM metadata'     em_admin        
4 9  'EM metadata'     em_software     
5 10 'Structure model' citation        
6 10 'Structure model' citation_author 
7 10 'Structure model' em_admin        
# 
loop_
_pdbx_audit_revision_item.ordinal 
_pdbx_audit_revision_item.revision_ordinal 
_pdbx_audit_revision_item.data_content_type 
_pdbx_audit_revision_item.item 
1 8  'Structure model' '_em_admin.last_update' 
2 8  'Structure model' '_em_software.name'     
3 9  'EM metadata'     '_em_admin.last_update' 
4 9  'EM metadata'     '_em_software.name'     
5 10 'Structure model' '_em_admin.last_update' 
# 
_pdbx_database_status.status_code                     REL 
_pdbx_database_status.status_code_sf                  ? 
_pdbx_database_status.status_code_mr                  ? 
_pdbx_database_status.entry_id                        9HGR 
_pdbx_database_status.recvd_initial_deposition_date   2024-11-20 
_pdbx_database_status.SG_entry                        N 
_pdbx_database_status.deposit_site                    PDBE 
_pdbx_database_status.process_site                    PDBE 
_pdbx_database_status.status_code_cs                  ? 
_pdbx_database_status.status_code_nmr_data            ? 
_pdbx_database_status.methods_development_category    ? 
_pdbx_database_status.pdb_format_compatible           Y 
# 
loop_
_pdbx_database_related.db_name 
_pdbx_database_related.details 
_pdbx_database_related.db_id 
_pdbx_database_related.content_type 
PDB  'In vitro grown G14R Alpha-Synuclein fibrils' 9HGS      unspecified            
EMDB 'In vitro grown WT Alpha-Synuclein Fibrils'   EMD-52165 'associated EM volume' 
# 
loop_
_pdbx_contact_author.id 
_pdbx_contact_author.email 
_pdbx_contact_author.name_first 
_pdbx_contact_author.name_last 
_pdbx_contact_author.name_mi 
_pdbx_contact_author.role 
_pdbx_contact_author.identifier_ORCID 
3 tiago.outeiro@med.uni-goettingen.de             Tiago Outeiro              ? 'principal investigator/group leader' 
0000-0003-1679-1727 
4 ruben.fernandezbusnadiego@med.uni-goettingen.de Ruben Fernandez-Busnadiego ? 'principal investigator/group leader' 
0000-0002-8366-7622 
# 
loop_
_audit_author.name 
_audit_author.pdbx_ordinal 
_audit_author.identifier_ORCID 
'Sicking, K.'              1 0000-0001-8828-835X 
'Al-Azzani, M.'            2 0000-0003-2864-0854 
'Outeiro, T.F.'            3 0000-0003-1679-1727 
'Fernandez-Busnadiego, R.' 4 0000-0002-8366-7622 
# 
loop_
_citation.abstract 
_citation.abstract_id_CAS 
_citation.book_id_ISBN 
_citation.book_publisher 
_citation.book_publisher_city 
_citation.book_title 
_citation.coordinate_linkage 
_citation.country 
_citation.database_id_Medline 
_citation.details 
_citation.id 
_citation.journal_abbrev 
_citation.journal_id_ASTM 
_citation.journal_id_CSD 
_citation.journal_id_ISSN 
_citation.journal_full 
_citation.journal_issue 
_citation.journal_volume 
_citation.language 
_citation.page_first 
_citation.page_last 
_citation.title 
_citation.year 
_citation.database_id_CSD 
_citation.pdbx_database_id_DOI 
_citation.pdbx_database_id_PubMed 
_citation.pdbx_database_id_patent 
_citation.unpublished_flag 
? ? ? ? ? ? ? UK ? ? primary 'Mol Neurodegener' ? ? 1750-1326 ? ? 20 ? 98 98 
'A novel alpha-synuclein G14R missense variant is associated with atypical neuropathological features.' 2025 ? 
10.1186/s13024-025-00889-y  41013605 ? ? 
? ? ? ? ? ? ? US ? ? 1       Medrxiv            ? ? 0000-0000 ? ? ?  ? ?  ?  
'A novel alpha-synuclein G14R missense variant is associated with atypical neuropathological features.' 2024 ? 
10.1101/2024.09.23.24313864 39399048 ? ? 
# 
loop_
_citation_author.citation_id 
_citation_author.name 
_citation_author.ordinal 
_citation_author.identifier_ORCID 
primary 'Brucke, C.'         1  ?                   
primary 'Al-Azzani, M.'      2  ?                   
primary 'Ramalingam, N.'     3  ?                   
primary 'Ramon, M.'          4  ?                   
primary 'Sousa, R.L.'        5  ?                   
primary 'Buratti, F.'        6  ?                   
primary 'Zech, M.'           7  ?                   
primary 'Sicking, K.'        8  ?                   
primary 'Amaral, L.'         9  ?                   
primary 'Gelpi, E.'          10 ?                   
primary 'Chandran, A.'       11 ?                   
primary 'Agarwal, A.'        12 ?                   
primary 'Chaves, S.R.'       13 ?                   
primary 'Fernandez, C.O.'    14 ?                   
primary 'Dettmer, U.'        15 ?                   
primary 'Lautenschlager, J.' 16 ?                   
primary 'Zweckstetter, M.'   17 ?                   
primary 'Busnadiego, R.F.'   18 ?                   
primary 'Zimprich, A.'       19 ?                   
primary 'Outeiro, T.F.'      20 ?                   
1       'Brucke, C.'         21 ?                   
1       'Al-Azzani, M.'      22 0000-0003-2864-0854 
1       'Ramalingam, N.'     23 ?                   
1       'Ramon, M.'          24 ?                   
1       'Sousa, R.L.'        25 ?                   
1       'Buratti, F.'        26 ?                   
1       'Zech, M.'           27 ?                   
1       'Sicking, K.'        28 ?                   
1       'Amaral, L.'         29 ?                   
1       'Gelpi, E.'          30 ?                   
1       'Chandran, A.'       31 ?                   
1       'Agarwal, A.'        32 ?                   
1       'Chaves, S.R.'       33 0000-0002-6004-9872 
1       'Fernandez, C.O.'    34 ?                   
1       'Dettmer, U.'        35 ?                   
1       'Lautenschlager, J.' 36 ?                   
1       'Zweckstetter, M.'   37 ?                   
1       'Busnadiego, R.F.'   38 0000-0002-8366-7622 
1       'Zimprich, A.'       39 ?                   
1       'Outeiro, T.F.'      40 ?                   
# 
_entity.id                         1 
_entity.type                       polymer 
_entity.src_method                 man 
_entity.pdbx_description           Alpha-synuclein 
_entity.formula_weight             14476.108 
_entity.pdbx_number_of_molecules   2 
_entity.pdbx_ec                    ? 
_entity.pdbx_mutation              ? 
_entity.pdbx_fragment              ? 
_entity.details                    ? 
# 
_entity_name_com.entity_id   1 
_entity_name_com.name        'Non-A beta component of AD amyloid,Non-A4 component of amyloid precursor,NACP' 
# 
_entity_poly.entity_id                      1 
_entity_poly.type                           'polypeptide(L)' 
_entity_poly.nstd_linkage                   no 
_entity_poly.nstd_monomer                   no 
_entity_poly.pdbx_seq_one_letter_code       
;MDVFMKGLSKAKEGVVAAAEKTKQGVAEAAGKTKEGVLYVGSKTKEGVVHGVATVAEKTKEQVTNVGGAVVTGVTAVAQK
TVEGAGSIAAATGFVKKDQLGKNEEGAPQEGILEDMPVDPDNEAYEMPSEEGYQDYEPEA
;
_entity_poly.pdbx_seq_one_letter_code_can   
;MDVFMKGLSKAKEGVVAAAEKTKQGVAEAAGKTKEGVLYVGSKTKEGVVHGVATVAEKTKEQVTNVGGAVVTGVTAVAQK
TVEGAGSIAAATGFVKKDQLGKNEEGAPQEGILEDMPVDPDNEAYEMPSEEGYQDYEPEA
;
_entity_poly.pdbx_strand_id                 A,B 
_entity_poly.pdbx_target_identifier         ? 
# 
loop_
_entity_poly_seq.entity_id 
_entity_poly_seq.num 
_entity_poly_seq.mon_id 
_entity_poly_seq.hetero 
1 1   MET n 
1 2   ASP n 
1 3   VAL n 
1 4   PHE n 
1 5   MET n 
1 6   LYS n 
1 7   GLY n 
1 8   LEU n 
1 9   SER n 
1 10  LYS n 
1 11  ALA n 
1 12  LYS n 
1 13  GLU n 
1 14  GLY n 
1 15  VAL n 
1 16  VAL n 
1 17  ALA n 
1 18  ALA n 
1 19  ALA n 
1 20  GLU n 
1 21  LYS n 
1 22  THR n 
1 23  LYS n 
1 24  GLN n 
1 25  GLY n 
1 26  VAL n 
1 27  ALA n 
1 28  GLU n 
1 29  ALA n 
1 30  ALA n 
1 31  GLY n 
1 32  LYS n 
1 33  THR n 
1 34  LYS n 
1 35  GLU n 
1 36  GLY n 
1 37  VAL n 
1 38  LEU n 
1 39  TYR n 
1 40  VAL n 
1 41  GLY n 
1 42  SER n 
1 43  LYS n 
1 44  THR n 
1 45  LYS n 
1 46  GLU n 
1 47  GLY n 
1 48  VAL n 
1 49  VAL n 
1 50  HIS n 
1 51  GLY n 
1 52  VAL n 
1 53  ALA n 
1 54  THR n 
1 55  VAL n 
1 56  ALA n 
1 57  GLU n 
1 58  LYS n 
1 59  THR n 
1 60  LYS n 
1 61  GLU n 
1 62  GLN n 
1 63  VAL n 
1 64  THR n 
1 65  ASN n 
1 66  VAL n 
1 67  GLY n 
1 68  GLY n 
1 69  ALA n 
1 70  VAL n 
1 71  VAL n 
1 72  THR n 
1 73  GLY n 
1 74  VAL n 
1 75  THR n 
1 76  ALA n 
1 77  VAL n 
1 78  ALA n 
1 79  GLN n 
1 80  LYS n 
1 81  THR n 
1 82  VAL n 
1 83  GLU n 
1 84  GLY n 
1 85  ALA n 
1 86  GLY n 
1 87  SER n 
1 88  ILE n 
1 89  ALA n 
1 90  ALA n 
1 91  ALA n 
1 92  THR n 
1 93  GLY n 
1 94  PHE n 
1 95  VAL n 
1 96  LYS n 
1 97  LYS n 
1 98  ASP n 
1 99  GLN n 
1 100 LEU n 
1 101 GLY n 
1 102 LYS n 
1 103 ASN n 
1 104 GLU n 
1 105 GLU n 
1 106 GLY n 
1 107 ALA n 
1 108 PRO n 
1 109 GLN n 
1 110 GLU n 
1 111 GLY n 
1 112 ILE n 
1 113 LEU n 
1 114 GLU n 
1 115 ASP n 
1 116 MET n 
1 117 PRO n 
1 118 VAL n 
1 119 ASP n 
1 120 PRO n 
1 121 ASP n 
1 122 ASN n 
1 123 GLU n 
1 124 ALA n 
1 125 TYR n 
1 126 GLU n 
1 127 MET n 
1 128 PRO n 
1 129 SER n 
1 130 GLU n 
1 131 GLU n 
1 132 GLY n 
1 133 TYR n 
1 134 GLN n 
1 135 ASP n 
1 136 TYR n 
1 137 GLU n 
1 138 PRO n 
1 139 GLU n 
1 140 ALA n 
# 
_entity_src_gen.entity_id                          1 
_entity_src_gen.pdbx_src_id                        1 
_entity_src_gen.pdbx_alt_source_flag               sample 
_entity_src_gen.pdbx_seq_type                      'Biological sequence' 
_entity_src_gen.pdbx_beg_seq_num                   1 
_entity_src_gen.pdbx_end_seq_num                   140 
_entity_src_gen.gene_src_common_name               human 
_entity_src_gen.gene_src_genus                     ? 
_entity_src_gen.pdbx_gene_src_gene                 'SNCA, NACP, PARK1' 
_entity_src_gen.gene_src_species                   ? 
_entity_src_gen.gene_src_strain                    ? 
_entity_src_gen.gene_src_tissue                    ? 
_entity_src_gen.gene_src_tissue_fraction           ? 
_entity_src_gen.gene_src_details                   ? 
_entity_src_gen.pdbx_gene_src_fragment             ? 
_entity_src_gen.pdbx_gene_src_scientific_name      'Homo sapiens' 
_entity_src_gen.pdbx_gene_src_ncbi_taxonomy_id     9606 
_entity_src_gen.pdbx_gene_src_variant              ? 
_entity_src_gen.pdbx_gene_src_cell_line            ? 
_entity_src_gen.pdbx_gene_src_atcc                 ? 
_entity_src_gen.pdbx_gene_src_organ                ? 
_entity_src_gen.pdbx_gene_src_organelle            ? 
_entity_src_gen.pdbx_gene_src_cell                 ? 
_entity_src_gen.pdbx_gene_src_cellular_location    ? 
_entity_src_gen.host_org_common_name               ? 
_entity_src_gen.pdbx_host_org_scientific_name      'Escherichia coli' 
_entity_src_gen.pdbx_host_org_ncbi_taxonomy_id     562 
_entity_src_gen.host_org_genus                     ? 
_entity_src_gen.pdbx_host_org_gene                 ? 
_entity_src_gen.pdbx_host_org_organ                ? 
_entity_src_gen.host_org_species                   ? 
_entity_src_gen.pdbx_host_org_tissue               ? 
_entity_src_gen.pdbx_host_org_tissue_fraction      ? 
_entity_src_gen.pdbx_host_org_strain               ? 
_entity_src_gen.pdbx_host_org_variant              ? 
_entity_src_gen.pdbx_host_org_cell_line            ? 
_entity_src_gen.pdbx_host_org_atcc                 ? 
_entity_src_gen.pdbx_host_org_culture_collection   ? 
_entity_src_gen.pdbx_host_org_cell                 ? 
_entity_src_gen.pdbx_host_org_organelle            ? 
_entity_src_gen.pdbx_host_org_cellular_location    ? 
_entity_src_gen.pdbx_host_org_vector_type          ? 
_entity_src_gen.pdbx_host_org_vector               ? 
_entity_src_gen.host_org_details                   ? 
_entity_src_gen.expression_system_id               ? 
_entity_src_gen.plasmid_name                       ? 
_entity_src_gen.plasmid_details                    ? 
_entity_src_gen.pdbx_description                   ? 
# 
loop_
_chem_comp.id 
_chem_comp.type 
_chem_comp.mon_nstd_flag 
_chem_comp.name 
_chem_comp.pdbx_synonyms 
_chem_comp.formula 
_chem_comp.formula_weight 
ALA 'L-peptide linking' y ALANINE         ? 'C3 H7 N O2'     89.093  
ASN 'L-peptide linking' y ASPARAGINE      ? 'C4 H8 N2 O3'    132.118 
ASP 'L-peptide linking' y 'ASPARTIC ACID' ? 'C4 H7 N O4'     133.103 
GLN 'L-peptide linking' y GLUTAMINE       ? 'C5 H10 N2 O3'   146.144 
GLU 'L-peptide linking' y 'GLUTAMIC ACID' ? 'C5 H9 N O4'     147.129 
GLY 'peptide linking'   y GLYCINE         ? 'C2 H5 N O2'     75.067  
HIS 'L-peptide linking' y HISTIDINE       ? 'C6 H10 N3 O2 1' 156.162 
ILE 'L-peptide linking' y ISOLEUCINE      ? 'C6 H13 N O2'    131.173 
LEU 'L-peptide linking' y LEUCINE         ? 'C6 H13 N O2'    131.173 
LYS 'L-peptide linking' y LYSINE          ? 'C6 H15 N2 O2 1' 147.195 
MET 'L-peptide linking' y METHIONINE      ? 'C5 H11 N O2 S'  149.211 
PHE 'L-peptide linking' y PHENYLALANINE   ? 'C9 H11 N O2'    165.189 
PRO 'L-peptide linking' y PROLINE         ? 'C5 H9 N O2'     115.130 
SER 'L-peptide linking' y SERINE          ? 'C3 H7 N O3'     105.093 
THR 'L-peptide linking' y THREONINE       ? 'C4 H9 N O3'     119.119 
TYR 'L-peptide linking' y TYROSINE        ? 'C9 H11 N O3'    181.189 
VAL 'L-peptide linking' y VALINE          ? 'C5 H11 N O2'    117.146 
# 
loop_
_pdbx_poly_seq_scheme.asym_id 
_pdbx_poly_seq_scheme.entity_id 
_pdbx_poly_seq_scheme.seq_id 
_pdbx_poly_seq_scheme.mon_id 
_pdbx_poly_seq_scheme.ndb_seq_num 
_pdbx_poly_seq_scheme.pdb_seq_num 
_pdbx_poly_seq_scheme.auth_seq_num 
_pdbx_poly_seq_scheme.pdb_mon_id 
_pdbx_poly_seq_scheme.auth_mon_id 
_pdbx_poly_seq_scheme.pdb_strand_id 
_pdbx_poly_seq_scheme.pdb_ins_code 
_pdbx_poly_seq_scheme.hetero 
A 1 1   MET 1   1   ?  ?   ?   A . n 
A 1 2   ASP 2   2   ?  ?   ?   A . n 
A 1 3   VAL 3   3   ?  ?   ?   A . n 
A 1 4   PHE 4   4   ?  ?   ?   A . n 
A 1 5   MET 5   5   ?  ?   ?   A . n 
A 1 6   LYS 6   6   ?  ?   ?   A . n 
A 1 7   GLY 7   7   ?  ?   ?   A . n 
A 1 8   LEU 8   8   ?  ?   ?   A . n 
A 1 9   SER 9   9   ?  ?   ?   A . n 
A 1 10  LYS 10  10  ?  ?   ?   A . n 
A 1 11  ALA 11  11  ?  ?   ?   A . n 
A 1 12  LYS 12  12  ?  ?   ?   A . n 
A 1 13  GLU 13  13  ?  ?   ?   A . n 
A 1 14  GLY 14  14  14 GLY GLY A . n 
A 1 15  VAL 15  15  15 VAL VAL A . n 
A 1 16  VAL 16  16  16 VAL VAL A . n 
A 1 17  ALA 17  17  17 ALA ALA A . n 
A 1 18  ALA 18  18  18 ALA ALA A . n 
A 1 19  ALA 19  19  19 ALA ALA A . n 
A 1 20  GLU 20  20  20 GLU GLU A . n 
A 1 21  LYS 21  21  21 LYS LYS A . n 
A 1 22  THR 22  22  22 THR THR A . n 
A 1 23  LYS 23  23  23 LYS LYS A . n 
A 1 24  GLN 24  24  24 GLN GLN A . n 
A 1 25  GLY 25  25  25 GLY GLY A . n 
A 1 26  VAL 26  26  ?  ?   ?   A . n 
A 1 27  ALA 27  27  ?  ?   ?   A . n 
A 1 28  GLU 28  28  ?  ?   ?   A . n 
A 1 29  ALA 29  29  ?  ?   ?   A . n 
A 1 30  ALA 30  30  ?  ?   ?   A . n 
A 1 31  GLY 31  31  ?  ?   ?   A . n 
A 1 32  LYS 32  32  ?  ?   ?   A . n 
A 1 33  THR 33  33  ?  ?   ?   A . n 
A 1 34  LYS 34  34  ?  ?   ?   A . n 
A 1 35  GLU 35  35  ?  ?   ?   A . n 
A 1 36  GLY 36  36  36 GLY GLY A . n 
A 1 37  VAL 37  37  37 VAL VAL A . n 
A 1 38  LEU 38  38  38 LEU LEU A . n 
A 1 39  TYR 39  39  39 TYR TYR A . n 
A 1 40  VAL 40  40  40 VAL VAL A . n 
A 1 41  GLY 41  41  41 GLY GLY A . n 
A 1 42  SER 42  42  42 SER SER A . n 
A 1 43  LYS 43  43  43 LYS LYS A . n 
A 1 44  THR 44  44  44 THR THR A . n 
A 1 45  LYS 45  45  45 LYS LYS A . n 
A 1 46  GLU 46  46  46 GLU GLU A . n 
A 1 47  GLY 47  47  47 GLY GLY A . n 
A 1 48  VAL 48  48  48 VAL VAL A . n 
A 1 49  VAL 49  49  49 VAL VAL A . n 
A 1 50  HIS 50  50  50 HIS HIS A . n 
A 1 51  GLY 51  51  51 GLY GLY A . n 
A 1 52  VAL 52  52  52 VAL VAL A . n 
A 1 53  ALA 53  53  53 ALA ALA A . n 
A 1 54  THR 54  54  54 THR THR A . n 
A 1 55  VAL 55  55  55 VAL VAL A . n 
A 1 56  ALA 56  56  56 ALA ALA A . n 
A 1 57  GLU 57  57  57 GLU GLU A . n 
A 1 58  LYS 58  58  58 LYS LYS A . n 
A 1 59  THR 59  59  59 THR THR A . n 
A 1 60  LYS 60  60  60 LYS LYS A . n 
A 1 61  GLU 61  61  61 GLU GLU A . n 
A 1 62  GLN 62  62  62 GLN GLN A . n 
A 1 63  VAL 63  63  63 VAL VAL A . n 
A 1 64  THR 64  64  64 THR THR A . n 
A 1 65  ASN 65  65  65 ASN ASN A . n 
A 1 66  VAL 66  66  66 VAL VAL A . n 
A 1 67  GLY 67  67  67 GLY GLY A . n 
A 1 68  GLY 68  68  68 GLY GLY A . n 
A 1 69  ALA 69  69  69 ALA ALA A . n 
A 1 70  VAL 70  70  70 VAL VAL A . n 
A 1 71  VAL 71  71  71 VAL VAL A . n 
A 1 72  THR 72  72  72 THR THR A . n 
A 1 73  GLY 73  73  73 GLY GLY A . n 
A 1 74  VAL 74  74  74 VAL VAL A . n 
A 1 75  THR 75  75  75 THR THR A . n 
A 1 76  ALA 76  76  76 ALA ALA A . n 
A 1 77  VAL 77  77  77 VAL VAL A . n 
A 1 78  ALA 78  78  78 ALA ALA A . n 
A 1 79  GLN 79  79  79 GLN GLN A . n 
A 1 80  LYS 80  80  80 LYS LYS A . n 
A 1 81  THR 81  81  81 THR THR A . n 
A 1 82  VAL 82  82  82 VAL VAL A . n 
A 1 83  GLU 83  83  83 GLU GLU A . n 
A 1 84  GLY 84  84  84 GLY GLY A . n 
A 1 85  ALA 85  85  85 ALA ALA A . n 
A 1 86  GLY 86  86  86 GLY GLY A . n 
A 1 87  SER 87  87  87 SER SER A . n 
A 1 88  ILE 88  88  88 ILE ILE A . n 
A 1 89  ALA 89  89  89 ALA ALA A . n 
A 1 90  ALA 90  90  90 ALA ALA A . n 
A 1 91  ALA 91  91  91 ALA ALA A . n 
A 1 92  THR 92  92  92 THR THR A . n 
A 1 93  GLY 93  93  93 GLY GLY A . n 
A 1 94  PHE 94  94  94 PHE PHE A . n 
A 1 95  VAL 95  95  ?  ?   ?   A . n 
A 1 96  LYS 96  96  ?  ?   ?   A . n 
A 1 97  LYS 97  97  ?  ?   ?   A . n 
A 1 98  ASP 98  98  ?  ?   ?   A . n 
A 1 99  GLN 99  99  ?  ?   ?   A . n 
A 1 100 LEU 100 100 ?  ?   ?   A . n 
A 1 101 GLY 101 101 ?  ?   ?   A . n 
A 1 102 LYS 102 102 ?  ?   ?   A . n 
A 1 103 ASN 103 103 ?  ?   ?   A . n 
A 1 104 GLU 104 104 ?  ?   ?   A . n 
A 1 105 GLU 105 105 ?  ?   ?   A . n 
A 1 106 GLY 106 106 ?  ?   ?   A . n 
A 1 107 ALA 107 107 ?  ?   ?   A . n 
A 1 108 PRO 108 108 ?  ?   ?   A . n 
A 1 109 GLN 109 109 ?  ?   ?   A . n 
A 1 110 GLU 110 110 ?  ?   ?   A . n 
A 1 111 GLY 111 111 ?  ?   ?   A . n 
A 1 112 ILE 112 112 ?  ?   ?   A . n 
A 1 113 LEU 113 113 ?  ?   ?   A . n 
A 1 114 GLU 114 114 ?  ?   ?   A . n 
A 1 115 ASP 115 115 ?  ?   ?   A . n 
A 1 116 MET 116 116 ?  ?   ?   A . n 
A 1 117 PRO 117 117 ?  ?   ?   A . n 
A 1 118 VAL 118 118 ?  ?   ?   A . n 
A 1 119 ASP 119 119 ?  ?   ?   A . n 
A 1 120 PRO 120 120 ?  ?   ?   A . n 
A 1 121 ASP 121 121 ?  ?   ?   A . n 
A 1 122 ASN 122 122 ?  ?   ?   A . n 
A 1 123 GLU 123 123 ?  ?   ?   A . n 
A 1 124 ALA 124 124 ?  ?   ?   A . n 
A 1 125 TYR 125 125 ?  ?   ?   A . n 
A 1 126 GLU 126 126 ?  ?   ?   A . n 
A 1 127 MET 127 127 ?  ?   ?   A . n 
A 1 128 PRO 128 128 ?  ?   ?   A . n 
A 1 129 SER 129 129 ?  ?   ?   A . n 
A 1 130 GLU 130 130 ?  ?   ?   A . n 
A 1 131 GLU 131 131 ?  ?   ?   A . n 
A 1 132 GLY 132 132 ?  ?   ?   A . n 
A 1 133 TYR 133 133 ?  ?   ?   A . n 
A 1 134 GLN 134 134 ?  ?   ?   A . n 
A 1 135 ASP 135 135 ?  ?   ?   A . n 
A 1 136 TYR 136 136 ?  ?   ?   A . n 
A 1 137 GLU 137 137 ?  ?   ?   A . n 
A 1 138 PRO 138 138 ?  ?   ?   A . n 
A 1 139 GLU 139 139 ?  ?   ?   A . n 
A 1 140 ALA 140 140 ?  ?   ?   A . n 
B 1 1   MET 1   1   ?  ?   ?   B . n 
B 1 2   ASP 2   2   ?  ?   ?   B . n 
B 1 3   VAL 3   3   ?  ?   ?   B . n 
B 1 4   PHE 4   4   ?  ?   ?   B . n 
B 1 5   MET 5   5   ?  ?   ?   B . n 
B 1 6   LYS 6   6   ?  ?   ?   B . n 
B 1 7   GLY 7   7   ?  ?   ?   B . n 
B 1 8   LEU 8   8   ?  ?   ?   B . n 
B 1 9   SER 9   9   ?  ?   ?   B . n 
B 1 10  LYS 10  10  ?  ?   ?   B . n 
B 1 11  ALA 11  11  ?  ?   ?   B . n 
B 1 12  LYS 12  12  ?  ?   ?   B . n 
B 1 13  GLU 13  13  ?  ?   ?   B . n 
B 1 14  GLY 14  14  14 GLY GLY B . n 
B 1 15  VAL 15  15  15 VAL VAL B . n 
B 1 16  VAL 16  16  16 VAL VAL B . n 
B 1 17  ALA 17  17  17 ALA ALA B . n 
B 1 18  ALA 18  18  18 ALA ALA B . n 
B 1 19  ALA 19  19  19 ALA ALA B . n 
B 1 20  GLU 20  20  20 GLU GLU B . n 
B 1 21  LYS 21  21  21 LYS LYS B . n 
B 1 22  THR 22  22  22 THR THR B . n 
B 1 23  LYS 23  23  23 LYS LYS B . n 
B 1 24  GLN 24  24  24 GLN GLN B . n 
B 1 25  GLY 25  25  25 GLY GLY B . n 
B 1 26  VAL 26  26  ?  ?   ?   B . n 
B 1 27  ALA 27  27  ?  ?   ?   B . n 
B 1 28  GLU 28  28  ?  ?   ?   B . n 
B 1 29  ALA 29  29  ?  ?   ?   B . n 
B 1 30  ALA 30  30  ?  ?   ?   B . n 
B 1 31  GLY 31  31  ?  ?   ?   B . n 
B 1 32  LYS 32  32  ?  ?   ?   B . n 
B 1 33  THR 33  33  ?  ?   ?   B . n 
B 1 34  LYS 34  34  ?  ?   ?   B . n 
B 1 35  GLU 35  35  ?  ?   ?   B . n 
B 1 36  GLY 36  36  36 GLY GLY B . n 
B 1 37  VAL 37  37  37 VAL VAL B . n 
B 1 38  LEU 38  38  38 LEU LEU B . n 
B 1 39  TYR 39  39  39 TYR TYR B . n 
B 1 40  VAL 40  40  40 VAL VAL B . n 
B 1 41  GLY 41  41  41 GLY GLY B . n 
B 1 42  SER 42  42  42 SER SER B . n 
B 1 43  LYS 43  43  43 LYS LYS B . n 
B 1 44  THR 44  44  44 THR THR B . n 
B 1 45  LYS 45  45  45 LYS LYS B . n 
B 1 46  GLU 46  46  46 GLU GLU B . n 
B 1 47  GLY 47  47  47 GLY GLY B . n 
B 1 48  VAL 48  48  48 VAL VAL B . n 
B 1 49  VAL 49  49  49 VAL VAL B . n 
B 1 50  HIS 50  50  50 HIS HIS B . n 
B 1 51  GLY 51  51  51 GLY GLY B . n 
B 1 52  VAL 52  52  52 VAL VAL B . n 
B 1 53  ALA 53  53  53 ALA ALA B . n 
B 1 54  THR 54  54  54 THR THR B . n 
B 1 55  VAL 55  55  55 VAL VAL B . n 
B 1 56  ALA 56  56  56 ALA ALA B . n 
B 1 57  GLU 57  57  57 GLU GLU B . n 
B 1 58  LYS 58  58  58 LYS LYS B . n 
B 1 59  THR 59  59  59 THR THR B . n 
B 1 60  LYS 60  60  60 LYS LYS B . n 
B 1 61  GLU 61  61  61 GLU GLU B . n 
B 1 62  GLN 62  62  62 GLN GLN B . n 
B 1 63  VAL 63  63  63 VAL VAL B . n 
B 1 64  THR 64  64  64 THR THR B . n 
B 1 65  ASN 65  65  65 ASN ASN B . n 
B 1 66  VAL 66  66  66 VAL VAL B . n 
B 1 67  GLY 67  67  67 GLY GLY B . n 
B 1 68  GLY 68  68  68 GLY GLY B . n 
B 1 69  ALA 69  69  69 ALA ALA B . n 
B 1 70  VAL 70  70  70 VAL VAL B . n 
B 1 71  VAL 71  71  71 VAL VAL B . n 
B 1 72  THR 72  72  72 THR THR B . n 
B 1 73  GLY 73  73  73 GLY GLY B . n 
B 1 74  VAL 74  74  74 VAL VAL B . n 
B 1 75  THR 75  75  75 THR THR B . n 
B 1 76  ALA 76  76  76 ALA ALA B . n 
B 1 77  VAL 77  77  77 VAL VAL B . n 
B 1 78  ALA 78  78  78 ALA ALA B . n 
B 1 79  GLN 79  79  79 GLN GLN B . n 
B 1 80  LYS 80  80  80 LYS LYS B . n 
B 1 81  THR 81  81  81 THR THR B . n 
B 1 82  VAL 82  82  82 VAL VAL B . n 
B 1 83  GLU 83  83  83 GLU GLU B . n 
B 1 84  GLY 84  84  84 GLY GLY B . n 
B 1 85  ALA 85  85  85 ALA ALA B . n 
B 1 86  GLY 86  86  86 GLY GLY B . n 
B 1 87  SER 87  87  87 SER SER B . n 
B 1 88  ILE 88  88  88 ILE ILE B . n 
B 1 89  ALA 89  89  89 ALA ALA B . n 
B 1 90  ALA 90  90  90 ALA ALA B . n 
B 1 91  ALA 91  91  91 ALA ALA B . n 
B 1 92  THR 92  92  92 THR THR B . n 
B 1 93  GLY 93  93  93 GLY GLY B . n 
B 1 94  PHE 94  94  94 PHE PHE B . n 
B 1 95  VAL 95  95  ?  ?   ?   B . n 
B 1 96  LYS 96  96  ?  ?   ?   B . n 
B 1 97  LYS 97  97  ?  ?   ?   B . n 
B 1 98  ASP 98  98  ?  ?   ?   B . n 
B 1 99  GLN 99  99  ?  ?   ?   B . n 
B 1 100 LEU 100 100 ?  ?   ?   B . n 
B 1 101 GLY 101 101 ?  ?   ?   B . n 
B 1 102 LYS 102 102 ?  ?   ?   B . n 
B 1 103 ASN 103 103 ?  ?   ?   B . n 
B 1 104 GLU 104 104 ?  ?   ?   B . n 
B 1 105 GLU 105 105 ?  ?   ?   B . n 
B 1 106 GLY 106 106 ?  ?   ?   B . n 
B 1 107 ALA 107 107 ?  ?   ?   B . n 
B 1 108 PRO 108 108 ?  ?   ?   B . n 
B 1 109 GLN 109 109 ?  ?   ?   B . n 
B 1 110 GLU 110 110 ?  ?   ?   B . n 
B 1 111 GLY 111 111 ?  ?   ?   B . n 
B 1 112 ILE 112 112 ?  ?   ?   B . n 
B 1 113 LEU 113 113 ?  ?   ?   B . n 
B 1 114 GLU 114 114 ?  ?   ?   B . n 
B 1 115 ASP 115 115 ?  ?   ?   B . n 
B 1 116 MET 116 116 ?  ?   ?   B . n 
B 1 117 PRO 117 117 ?  ?   ?   B . n 
B 1 118 VAL 118 118 ?  ?   ?   B . n 
B 1 119 ASP 119 119 ?  ?   ?   B . n 
B 1 120 PRO 120 120 ?  ?   ?   B . n 
B 1 121 ASP 121 121 ?  ?   ?   B . n 
B 1 122 ASN 122 122 ?  ?   ?   B . n 
B 1 123 GLU 123 123 ?  ?   ?   B . n 
B 1 124 ALA 124 124 ?  ?   ?   B . n 
B 1 125 TYR 125 125 ?  ?   ?   B . n 
B 1 126 GLU 126 126 ?  ?   ?   B . n 
B 1 127 MET 127 127 ?  ?   ?   B . n 
B 1 128 PRO 128 128 ?  ?   ?   B . n 
B 1 129 SER 129 129 ?  ?   ?   B . n 
B 1 130 GLU 130 130 ?  ?   ?   B . n 
B 1 131 GLU 131 131 ?  ?   ?   B . n 
B 1 132 GLY 132 132 ?  ?   ?   B . n 
B 1 133 TYR 133 133 ?  ?   ?   B . n 
B 1 134 GLN 134 134 ?  ?   ?   B . n 
B 1 135 ASP 135 135 ?  ?   ?   B . n 
B 1 136 TYR 136 136 ?  ?   ?   B . n 
B 1 137 GLU 137 137 ?  ?   ?   B . n 
B 1 138 PRO 138 138 ?  ?   ?   B . n 
B 1 139 GLU 139 139 ?  ?   ?   B . n 
B 1 140 ALA 140 140 ?  ?   ?   B . n 
# 
_cell.angle_alpha                  90.00 
_cell.angle_alpha_esd              ? 
_cell.angle_beta                   90.00 
_cell.angle_beta_esd               ? 
_cell.angle_gamma                  90.00 
_cell.angle_gamma_esd              ? 
_cell.entry_id                     9HGR 
_cell.details                      ? 
_cell.formula_units_Z              ? 
_cell.length_a                     1.00 
_cell.length_a_esd                 ? 
_cell.length_b                     1.00 
_cell.length_b_esd                 ? 
_cell.length_c                     1.00 
_cell.length_c_esd                 ? 
_cell.volume                       ? 
_cell.volume_esd                   ? 
_cell.Z_PDB                        ? 
_cell.reciprocal_angle_alpha       ? 
_cell.reciprocal_angle_beta        ? 
_cell.reciprocal_angle_gamma       ? 
_cell.reciprocal_angle_alpha_esd   ? 
_cell.reciprocal_angle_beta_esd    ? 
_cell.reciprocal_angle_gamma_esd   ? 
_cell.reciprocal_length_a          ? 
_cell.reciprocal_length_b          ? 
_cell.reciprocal_length_c          ? 
_cell.reciprocal_length_a_esd      ? 
_cell.reciprocal_length_b_esd      ? 
_cell.reciprocal_length_c_esd      ? 
_cell.pdbx_unique_axis             ? 
_cell.pdbx_esd_method              ? 
# 
_symmetry.entry_id                         9HGR 
_symmetry.cell_setting                     ? 
_symmetry.Int_Tables_number                1 
_symmetry.space_group_name_Hall            ? 
_symmetry.space_group_name_H-M             'P 1' 
_symmetry.pdbx_full_space_group_name_H-M   ? 
# 
_exptl.absorpt_coefficient_mu     ? 
_exptl.absorpt_correction_T_max   ? 
_exptl.absorpt_correction_T_min   ? 
_exptl.absorpt_correction_type    ? 
_exptl.absorpt_process_details    ? 
_exptl.entry_id                   9HGR 
_exptl.crystals_number            ? 
_exptl.details                    ? 
_exptl.method                     'ELECTRON MICROSCOPY' 
_exptl.method_details             ? 
# 
_refine.pdbx_refine_id                           'ELECTRON MICROSCOPY' 
_refine.entry_id                                 9HGR 
_refine.pdbx_diffrn_id                           ? 
_refine.pdbx_TLS_residual_ADP_flag               ? 
_refine.ls_number_reflns_obs                     ? 
_refine.ls_number_reflns_all                     ? 
_refine.pdbx_ls_sigma_I                          ? 
_refine.pdbx_ls_sigma_F                          ? 
_refine.pdbx_data_cutoff_high_absF               ? 
_refine.pdbx_data_cutoff_low_absF                ? 
_refine.pdbx_data_cutoff_high_rms_absF           ? 
_refine.ls_d_res_low                             ? 
_refine.ls_d_res_high                            . 
_refine.ls_percent_reflns_obs                    ? 
_refine.ls_R_factor_obs                          ? 
_refine.ls_R_factor_all                          ? 
_refine.ls_R_factor_R_work                       ? 
_refine.ls_R_factor_R_free                       ? 
_refine.ls_R_factor_R_free_error                 ? 
_refine.ls_R_factor_R_free_error_details         ? 
_refine.ls_percent_reflns_R_free                 ? 
_refine.ls_number_reflns_R_free                  ? 
_refine.ls_number_parameters                     ? 
_refine.ls_number_restraints                     ? 
_refine.occupancy_min                            ? 
_refine.occupancy_max                            ? 
_refine.correlation_coeff_Fo_to_Fc               ? 
_refine.correlation_coeff_Fo_to_Fc_free          ? 
_refine.B_iso_mean                               ? 
_refine.aniso_B[1][1]                            ? 
_refine.aniso_B[2][2]                            ? 
_refine.aniso_B[3][3]                            ? 
_refine.aniso_B[1][2]                            ? 
_refine.aniso_B[1][3]                            ? 
_refine.aniso_B[2][3]                            ? 
_refine.solvent_model_details                    ? 
_refine.solvent_model_param_ksol                 ? 
_refine.solvent_model_param_bsol                 ? 
_refine.pdbx_solvent_vdw_probe_radii             ? 
_refine.pdbx_solvent_ion_probe_radii             ? 
_refine.pdbx_solvent_shrinkage_radii             ? 
_refine.pdbx_ls_cross_valid_method               ? 
_refine.details                                  ? 
_refine.pdbx_starting_model                      ? 
_refine.pdbx_method_to_determine_struct          ? 
_refine.pdbx_isotropic_thermal_model             ? 
_refine.pdbx_stereochemistry_target_values       ? 
_refine.pdbx_stereochem_target_val_spec_case     ? 
_refine.pdbx_R_Free_selection_details            ? 
_refine.pdbx_overall_ESU_R                       ? 
_refine.pdbx_overall_ESU_R_Free                  ? 
_refine.overall_SU_ML                            ? 
_refine.pdbx_overall_phase_error                 ? 
_refine.overall_SU_B                             ? 
_refine.overall_SU_R_Cruickshank_DPI             ? 
_refine.pdbx_overall_SU_R_free_Cruickshank_DPI   ? 
_refine.pdbx_overall_SU_R_Blow_DPI               ? 
_refine.pdbx_overall_SU_R_free_Blow_DPI          ? 
# 
loop_
_refine_ls_restr.pdbx_refine_id 
_refine_ls_restr.criterion 
_refine_ls_restr.dev_ideal 
_refine_ls_restr.dev_ideal_target 
_refine_ls_restr.number 
_refine_ls_restr.rejects 
_refine_ls_restr.type 
_refine_ls_restr.weight 
_refine_ls_restr.pdbx_restraint_function 
'ELECTRON MICROSCOPY' ? 0.001 ? 962  ? f_bond_d           ? ? 
'ELECTRON MICROSCOPY' ? 0.348 ? 1298 ? f_angle_d          ? ? 
'ELECTRON MICROSCOPY' ? 3.124 ? 140  ? f_dihedral_angle_d ? ? 
'ELECTRON MICROSCOPY' ? 0.049 ? 170  ? f_chiral_restr     ? ? 
'ELECTRON MICROSCOPY' ? 0.001 ? 162  ? f_plane_restr      ? ? 
# 
_struct.entry_id                     9HGR 
_struct.title                        'In vitro grown WT Alpha-Synuclein Fibrils' 
_struct.pdbx_model_details           ? 
_struct.pdbx_formula_weight          ? 
_struct.pdbx_formula_weight_method   ? 
_struct.pdbx_model_type_details      ? 
_struct.pdbx_CASP_flag               N 
# 
_struct_keywords.entry_id        9HGR 
_struct_keywords.text            
'Alpha-Synuclein, G14R Mutation, Fibrils, Cryo-EM, Protein Aggregation, Amyloid Structure, PROTEIN FIBRIL' 
_struct_keywords.pdbx_keywords   'PROTEIN FIBRIL' 
# 
loop_
_struct_asym.id 
_struct_asym.pdbx_blank_PDB_chainid_flag 
_struct_asym.pdbx_modified 
_struct_asym.entity_id 
_struct_asym.details 
A N N 1 ? 
B N N 1 ? 
# 
_struct_ref.id                         1 
_struct_ref.db_name                    UNP 
_struct_ref.db_code                    SYUA_HUMAN 
_struct_ref.pdbx_db_accession          P37840 
_struct_ref.pdbx_db_isoform            ? 
_struct_ref.entity_id                  1 
_struct_ref.pdbx_seq_one_letter_code   
;MDVFMKGLSKAKEGVVAAAEKTKQGVAEAAGKTKEGVLYVGSKTKEGVVHGVATVAEKTKEQVTNVGGAVVTGVTAVAQK
TVEGAGSIAAATGFVKKDQLGKNEEGAPQEGILEDMPVDPDNEAYEMPSEEGYQDYEPEA
;
_struct_ref.pdbx_align_begin           1 
# 
loop_
_struct_ref_seq.align_id 
_struct_ref_seq.ref_id 
_struct_ref_seq.pdbx_PDB_id_code 
_struct_ref_seq.pdbx_strand_id 
_struct_ref_seq.seq_align_beg 
_struct_ref_seq.pdbx_seq_align_beg_ins_code 
_struct_ref_seq.seq_align_end 
_struct_ref_seq.pdbx_seq_align_end_ins_code 
_struct_ref_seq.pdbx_db_accession 
_struct_ref_seq.db_align_beg 
_struct_ref_seq.pdbx_db_align_beg_ins_code 
_struct_ref_seq.db_align_end 
_struct_ref_seq.pdbx_db_align_end_ins_code 
_struct_ref_seq.pdbx_auth_seq_align_beg 
_struct_ref_seq.pdbx_auth_seq_align_end 
1 1 9HGR A 1 ? 140 ? P37840 1 ? 140 ? 1 140 
2 1 9HGR B 1 ? 140 ? P37840 1 ? 140 ? 1 140 
# 
_pdbx_struct_assembly.id                   1 
_pdbx_struct_assembly.details              author_and_software_defined_assembly 
_pdbx_struct_assembly.method_details       ? 
_pdbx_struct_assembly.oligomeric_details   dimeric 
_pdbx_struct_assembly.oligomeric_count     2 
# 
_pdbx_struct_assembly_gen.assembly_id       1 
_pdbx_struct_assembly_gen.oper_expression   1 
_pdbx_struct_assembly_gen.asym_id_list      A,B 
# 
_pdbx_struct_assembly_auth_evidence.id                     1 
_pdbx_struct_assembly_auth_evidence.assembly_id            1 
_pdbx_struct_assembly_auth_evidence.experimental_support   'electron microscopy' 
_pdbx_struct_assembly_auth_evidence.details                'not applicable' 
# 
_pdbx_struct_oper_list.id                   1 
_pdbx_struct_oper_list.type                 'identity operation' 
_pdbx_struct_oper_list.name                 1_555 
_pdbx_struct_oper_list.symmetry_operation   x,y,z 
_pdbx_struct_oper_list.matrix[1][1]         1.0 
_pdbx_struct_oper_list.matrix[1][2]         0.0 
_pdbx_struct_oper_list.matrix[1][3]         0.0 
_pdbx_struct_oper_list.vector[1]            0.0 
_pdbx_struct_oper_list.matrix[2][1]         0.0 
_pdbx_struct_oper_list.matrix[2][2]         1.0 
_pdbx_struct_oper_list.matrix[2][3]         0.0 
_pdbx_struct_oper_list.vector[2]            0.0 
_pdbx_struct_oper_list.matrix[3][1]         0.0 
_pdbx_struct_oper_list.matrix[3][2]         0.0 
_pdbx_struct_oper_list.matrix[3][3]         1.0 
_pdbx_struct_oper_list.vector[3]            0.0 
# 
_pdbx_entry_details.entry_id                   9HGR 
_pdbx_entry_details.compound_details           ? 
_pdbx_entry_details.source_details             ? 
_pdbx_entry_details.nonpolymer_details         ? 
_pdbx_entry_details.sequence_details           ? 
_pdbx_entry_details.has_ligand_of_interest     ? 
_pdbx_entry_details.has_protein_modification   N 
# 
_em_3d_fitting.id                1 
_em_3d_fitting.entry_id          9HGR 
_em_3d_fitting.method            ? 
_em_3d_fitting.target_criteria   ? 
_em_3d_fitting.details           ? 
_em_3d_fitting.overall_b_value   ? 
_em_3d_fitting.ref_space         ? 
_em_3d_fitting.ref_protocol      ? 
# 
_em_3d_reconstruction.entry_id                    9HGR 
_em_3d_reconstruction.id                          1 
_em_3d_reconstruction.method                      ? 
_em_3d_reconstruction.algorithm                   ? 
_em_3d_reconstruction.citation_id                 ? 
_em_3d_reconstruction.details                     ? 
_em_3d_reconstruction.resolution                  2.7 
_em_3d_reconstruction.resolution_method           'FSC 0.143 CUT-OFF' 
_em_3d_reconstruction.magnification_calibration   ? 
_em_3d_reconstruction.nominal_pixel_size          ? 
_em_3d_reconstruction.actual_pixel_size           ? 
_em_3d_reconstruction.num_particles               53142 
_em_3d_reconstruction.euler_angles_details        ? 
_em_3d_reconstruction.num_class_averages          ? 
_em_3d_reconstruction.refinement_type             ? 
_em_3d_reconstruction.image_processing_id         1 
_em_3d_reconstruction.symmetry_type               POINT 
# 
_em_buffer.id            1 
_em_buffer.specimen_id   1 
_em_buffer.name          ? 
_em_buffer.details       ? 
_em_buffer.pH            7 
# 
_em_entity_assembly.id                   1 
_em_entity_assembly.parent_id            0 
_em_entity_assembly.source               RECOMBINANT 
_em_entity_assembly.type                 'ORGANELLE OR CELLULAR COMPONENT' 
_em_entity_assembly.name                 'WT Alpha-Synuclein' 
_em_entity_assembly.details              ? 
_em_entity_assembly.synonym              ? 
_em_entity_assembly.oligomeric_details   ? 
_em_entity_assembly.entity_id_list       1 
# 
_em_imaging.entry_id                        9HGR 
_em_imaging.id                              1 
_em_imaging.astigmatism                     ? 
_em_imaging.electron_beam_tilt_params       ? 
_em_imaging.residual_tilt                   ? 
_em_imaging.microscope_model                'TFS KRIOS' 
_em_imaging.specimen_holder_type            ? 
_em_imaging.specimen_holder_model           ? 
_em_imaging.details                         ? 
_em_imaging.date                            ? 
_em_imaging.accelerating_voltage            300 
_em_imaging.illumination_mode               'FLOOD BEAM' 
_em_imaging.mode                            OTHER 
_em_imaging.nominal_cs                      ? 
_em_imaging.nominal_defocus_min             1200 
_em_imaging.nominal_defocus_max             2400 
_em_imaging.calibrated_defocus_min          ? 
_em_imaging.calibrated_defocus_max          ? 
_em_imaging.tilt_angle_min                  ? 
_em_imaging.tilt_angle_max                  ? 
_em_imaging.nominal_magnification           ? 
_em_imaging.calibrated_magnification        ? 
_em_imaging.electron_source                 'FIELD EMISSION GUN' 
_em_imaging.citation_id                     ? 
_em_imaging.temperature                     ? 
_em_imaging.detector_distance               ? 
_em_imaging.recording_temperature_minimum   ? 
_em_imaging.recording_temperature_maximum   ? 
_em_imaging.alignment_procedure             ? 
_em_imaging.c2_aperture_diameter            ? 
_em_imaging.specimen_id                     1 
_em_imaging.cryogen                         ? 
# 
_em_vitrification.entry_id              9HGR 
_em_vitrification.id                    1 
_em_vitrification.specimen_id           1 
_em_vitrification.cryogen_name          ETHANE-PROPANE 
_em_vitrification.humidity              ? 
_em_vitrification.temp                  ? 
_em_vitrification.chamber_temperature   ? 
_em_vitrification.instrument            ? 
_em_vitrification.method                ? 
_em_vitrification.time_resolved_state   ? 
_em_vitrification.citation_id           ? 
_em_vitrification.details               ? 
# 
_em_experiment.entry_id                9HGR 
_em_experiment.id                      1 
_em_experiment.reconstruction_method   'SINGLE PARTICLE' 
_em_experiment.aggregation_state       FILAMENT 
_em_experiment.entity_assembly_id      1 
# 
loop_
_pdbx_unobs_or_zero_occ_residues.id 
_pdbx_unobs_or_zero_occ_residues.PDB_model_num 
_pdbx_unobs_or_zero_occ_residues.polymer_flag 
_pdbx_unobs_or_zero_occ_residues.occupancy_flag 
_pdbx_unobs_or_zero_occ_residues.auth_asym_id 
_pdbx_unobs_or_zero_occ_residues.auth_comp_id 
_pdbx_unobs_or_zero_occ_residues.auth_seq_id 
_pdbx_unobs_or_zero_occ_residues.PDB_ins_code 
_pdbx_unobs_or_zero_occ_residues.label_asym_id 
_pdbx_unobs_or_zero_occ_residues.label_comp_id 
_pdbx_unobs_or_zero_occ_residues.label_seq_id 
1   1 Y 1 A MET 1   ? A MET 1   
2   1 Y 1 A ASP 2   ? A ASP 2   
3   1 Y 1 A VAL 3   ? A VAL 3   
4   1 Y 1 A PHE 4   ? A PHE 4   
5   1 Y 1 A MET 5   ? A MET 5   
6   1 Y 1 A LYS 6   ? A LYS 6   
7   1 Y 1 A GLY 7   ? A GLY 7   
8   1 Y 1 A LEU 8   ? A LEU 8   
9   1 Y 1 A SER 9   ? A SER 9   
10  1 Y 1 A LYS 10  ? A LYS 10  
11  1 Y 1 A ALA 11  ? A ALA 11  
12  1 Y 1 A LYS 12  ? A LYS 12  
13  1 Y 1 A GLU 13  ? A GLU 13  
14  1 Y 1 A VAL 26  ? A VAL 26  
15  1 Y 1 A ALA 27  ? A ALA 27  
16  1 Y 1 A GLU 28  ? A GLU 28  
17  1 Y 1 A ALA 29  ? A ALA 29  
18  1 Y 1 A ALA 30  ? A ALA 30  
19  1 Y 1 A GLY 31  ? A GLY 31  
20  1 Y 1 A LYS 32  ? A LYS 32  
21  1 Y 1 A THR 33  ? A THR 33  
22  1 Y 1 A LYS 34  ? A LYS 34  
23  1 Y 1 A GLU 35  ? A GLU 35  
24  1 Y 1 A VAL 95  ? A VAL 95  
25  1 Y 1 A LYS 96  ? A LYS 96  
26  1 Y 1 A LYS 97  ? A LYS 97  
27  1 Y 1 A ASP 98  ? A ASP 98  
28  1 Y 1 A GLN 99  ? A GLN 99  
29  1 Y 1 A LEU 100 ? A LEU 100 
30  1 Y 1 A GLY 101 ? A GLY 101 
31  1 Y 1 A LYS 102 ? A LYS 102 
32  1 Y 1 A ASN 103 ? A ASN 103 
33  1 Y 1 A GLU 104 ? A GLU 104 
34  1 Y 1 A GLU 105 ? A GLU 105 
35  1 Y 1 A GLY 106 ? A GLY 106 
36  1 Y 1 A ALA 107 ? A ALA 107 
37  1 Y 1 A PRO 108 ? A PRO 108 
38  1 Y 1 A GLN 109 ? A GLN 109 
39  1 Y 1 A GLU 110 ? A GLU 110 
40  1 Y 1 A GLY 111 ? A GLY 111 
41  1 Y 1 A ILE 112 ? A ILE 112 
42  1 Y 1 A LEU 113 ? A LEU 113 
43  1 Y 1 A GLU 114 ? A GLU 114 
44  1 Y 1 A ASP 115 ? A ASP 115 
45  1 Y 1 A MET 116 ? A MET 116 
46  1 Y 1 A PRO 117 ? A PRO 117 
47  1 Y 1 A VAL 118 ? A VAL 118 
48  1 Y 1 A ASP 119 ? A ASP 119 
49  1 Y 1 A PRO 120 ? A PRO 120 
50  1 Y 1 A ASP 121 ? A ASP 121 
51  1 Y 1 A ASN 122 ? A ASN 122 
52  1 Y 1 A GLU 123 ? A GLU 123 
53  1 Y 1 A ALA 124 ? A ALA 124 
54  1 Y 1 A TYR 125 ? A TYR 125 
55  1 Y 1 A GLU 126 ? A GLU 126 
56  1 Y 1 A MET 127 ? A MET 127 
57  1 Y 1 A PRO 128 ? A PRO 128 
58  1 Y 1 A SER 129 ? A SER 129 
59  1 Y 1 A GLU 130 ? A GLU 130 
60  1 Y 1 A GLU 131 ? A GLU 131 
61  1 Y 1 A GLY 132 ? A GLY 132 
62  1 Y 1 A TYR 133 ? A TYR 133 
63  1 Y 1 A GLN 134 ? A GLN 134 
64  1 Y 1 A ASP 135 ? A ASP 135 
65  1 Y 1 A TYR 136 ? A TYR 136 
66  1 Y 1 A GLU 137 ? A GLU 137 
67  1 Y 1 A PRO 138 ? A PRO 138 
68  1 Y 1 A GLU 139 ? A GLU 139 
69  1 Y 1 A ALA 140 ? A ALA 140 
70  1 Y 1 B MET 1   ? B MET 1   
71  1 Y 1 B ASP 2   ? B ASP 2   
72  1 Y 1 B VAL 3   ? B VAL 3   
73  1 Y 1 B PHE 4   ? B PHE 4   
74  1 Y 1 B MET 5   ? B MET 5   
75  1 Y 1 B LYS 6   ? B LYS 6   
76  1 Y 1 B GLY 7   ? B GLY 7   
77  1 Y 1 B LEU 8   ? B LEU 8   
78  1 Y 1 B SER 9   ? B SER 9   
79  1 Y 1 B LYS 10  ? B LYS 10  
80  1 Y 1 B ALA 11  ? B ALA 11  
81  1 Y 1 B LYS 12  ? B LYS 12  
82  1 Y 1 B GLU 13  ? B GLU 13  
83  1 Y 1 B VAL 26  ? B VAL 26  
84  1 Y 1 B ALA 27  ? B ALA 27  
85  1 Y 1 B GLU 28  ? B GLU 28  
86  1 Y 1 B ALA 29  ? B ALA 29  
87  1 Y 1 B ALA 30  ? B ALA 30  
88  1 Y 1 B GLY 31  ? B GLY 31  
89  1 Y 1 B LYS 32  ? B LYS 32  
90  1 Y 1 B THR 33  ? B THR 33  
91  1 Y 1 B LYS 34  ? B LYS 34  
92  1 Y 1 B GLU 35  ? B GLU 35  
93  1 Y 1 B VAL 95  ? B VAL 95  
94  1 Y 1 B LYS 96  ? B LYS 96  
95  1 Y 1 B LYS 97  ? B LYS 97  
96  1 Y 1 B ASP 98  ? B ASP 98  
97  1 Y 1 B GLN 99  ? B GLN 99  
98  1 Y 1 B LEU 100 ? B LEU 100 
99  1 Y 1 B GLY 101 ? B GLY 101 
100 1 Y 1 B LYS 102 ? B LYS 102 
101 1 Y 1 B ASN 103 ? B ASN 103 
102 1 Y 1 B GLU 104 ? B GLU 104 
103 1 Y 1 B GLU 105 ? B GLU 105 
104 1 Y 1 B GLY 106 ? B GLY 106 
105 1 Y 1 B ALA 107 ? B ALA 107 
106 1 Y 1 B PRO 108 ? B PRO 108 
107 1 Y 1 B GLN 109 ? B GLN 109 
108 1 Y 1 B GLU 110 ? B GLU 110 
109 1 Y 1 B GLY 111 ? B GLY 111 
110 1 Y 1 B ILE 112 ? B ILE 112 
111 1 Y 1 B LEU 113 ? B LEU 113 
112 1 Y 1 B GLU 114 ? B GLU 114 
113 1 Y 1 B ASP 115 ? B ASP 115 
114 1 Y 1 B MET 116 ? B MET 116 
115 1 Y 1 B PRO 117 ? B PRO 117 
116 1 Y 1 B VAL 118 ? B VAL 118 
117 1 Y 1 B ASP 119 ? B ASP 119 
118 1 Y 1 B PRO 120 ? B PRO 120 
119 1 Y 1 B ASP 121 ? B ASP 121 
120 1 Y 1 B ASN 122 ? B ASN 122 
121 1 Y 1 B GLU 123 ? B GLU 123 
122 1 Y 1 B ALA 124 ? B ALA 124 
123 1 Y 1 B TYR 125 ? B TYR 125 
124 1 Y 1 B GLU 126 ? B GLU 126 
125 1 Y 1 B MET 127 ? B MET 127 
126 1 Y 1 B PRO 128 ? B PRO 128 
127 1 Y 1 B SER 129 ? B SER 129 
128 1 Y 1 B GLU 130 ? B GLU 130 
129 1 Y 1 B GLU 131 ? B GLU 131 
130 1 Y 1 B GLY 132 ? B GLY 132 
131 1 Y 1 B TYR 133 ? B TYR 133 
132 1 Y 1 B GLN 134 ? B GLN 134 
133 1 Y 1 B ASP 135 ? B ASP 135 
134 1 Y 1 B TYR 136 ? B TYR 136 
135 1 Y 1 B GLU 137 ? B GLU 137 
136 1 Y 1 B PRO 138 ? B PRO 138 
137 1 Y 1 B GLU 139 ? B GLU 139 
138 1 Y 1 B ALA 140 ? B ALA 140 
# 
loop_
_chem_comp_atom.comp_id 
_chem_comp_atom.atom_id 
_chem_comp_atom.type_symbol 
_chem_comp_atom.pdbx_aromatic_flag 
_chem_comp_atom.pdbx_stereo_config 
_chem_comp_atom.pdbx_ordinal 
ALA N    N N N 1   
ALA CA   C N S 2   
ALA C    C N N 3   
ALA O    O N N 4   
ALA CB   C N N 5   
ALA OXT  O N N 6   
ALA H    H N N 7   
ALA H2   H N N 8   
ALA HA   H N N 9   
ALA HB1  H N N 10  
ALA HB2  H N N 11  
ALA HB3  H N N 12  
ALA HXT  H N N 13  
ASN N    N N N 14  
ASN CA   C N S 15  
ASN C    C N N 16  
ASN O    O N N 17  
ASN CB   C N N 18  
ASN CG   C N N 19  
ASN OD1  O N N 20  
ASN ND2  N N N 21  
ASN OXT  O N N 22  
ASN H    H N N 23  
ASN H2   H N N 24  
ASN HA   H N N 25  
ASN HB2  H N N 26  
ASN HB3  H N N 27  
ASN HD21 H N N 28  
ASN HD22 H N N 29  
ASN HXT  H N N 30  
ASP N    N N N 31  
ASP CA   C N S 32  
ASP C    C N N 33  
ASP O    O N N 34  
ASP CB   C N N 35  
ASP CG   C N N 36  
ASP OD1  O N N 37  
ASP OD2  O N N 38  
ASP OXT  O N N 39  
ASP H    H N N 40  
ASP H2   H N N 41  
ASP HA   H N N 42  
ASP HB2  H N N 43  
ASP HB3  H N N 44  
ASP HD2  H N N 45  
ASP HXT  H N N 46  
GLN N    N N N 47  
GLN CA   C N S 48  
GLN C    C N N 49  
GLN O    O N N 50  
GLN CB   C N N 51  
GLN CG   C N N 52  
GLN CD   C N N 53  
GLN OE1  O N N 54  
GLN NE2  N N N 55  
GLN OXT  O N N 56  
GLN H    H N N 57  
GLN H2   H N N 58  
GLN HA   H N N 59  
GLN HB2  H N N 60  
GLN HB3  H N N 61  
GLN HG2  H N N 62  
GLN HG3  H N N 63  
GLN HE21 H N N 64  
GLN HE22 H N N 65  
GLN HXT  H N N 66  
GLU N    N N N 67  
GLU CA   C N S 68  
GLU C    C N N 69  
GLU O    O N N 70  
GLU CB   C N N 71  
GLU CG   C N N 72  
GLU CD   C N N 73  
GLU OE1  O N N 74  
GLU OE2  O N N 75  
GLU OXT  O N N 76  
GLU H    H N N 77  
GLU H2   H N N 78  
GLU HA   H N N 79  
GLU HB2  H N N 80  
GLU HB3  H N N 81  
GLU HG2  H N N 82  
GLU HG3  H N N 83  
GLU HE2  H N N 84  
GLU HXT  H N N 85  
GLY N    N N N 86  
GLY CA   C N N 87  
GLY C    C N N 88  
GLY O    O N N 89  
GLY OXT  O N N 90  
GLY H    H N N 91  
GLY H2   H N N 92  
GLY HA2  H N N 93  
GLY HA3  H N N 94  
GLY HXT  H N N 95  
HIS N    N N N 96  
HIS CA   C N S 97  
HIS C    C N N 98  
HIS O    O N N 99  
HIS CB   C N N 100 
HIS CG   C Y N 101 
HIS ND1  N Y N 102 
HIS CD2  C Y N 103 
HIS CE1  C Y N 104 
HIS NE2  N Y N 105 
HIS OXT  O N N 106 
HIS H    H N N 107 
HIS H2   H N N 108 
HIS HA   H N N 109 
HIS HB2  H N N 110 
HIS HB3  H N N 111 
HIS HD1  H N N 112 
HIS HD2  H N N 113 
HIS HE1  H N N 114 
HIS HE2  H N N 115 
HIS HXT  H N N 116 
ILE N    N N N 117 
ILE CA   C N S 118 
ILE C    C N N 119 
ILE O    O N N 120 
ILE CB   C N S 121 
ILE CG1  C N N 122 
ILE CG2  C N N 123 
ILE CD1  C N N 124 
ILE OXT  O N N 125 
ILE H    H N N 126 
ILE H2   H N N 127 
ILE HA   H N N 128 
ILE HB   H N N 129 
ILE HG12 H N N 130 
ILE HG13 H N N 131 
ILE HG21 H N N 132 
ILE HG22 H N N 133 
ILE HG23 H N N 134 
ILE HD11 H N N 135 
ILE HD12 H N N 136 
ILE HD13 H N N 137 
ILE HXT  H N N 138 
LEU N    N N N 139 
LEU CA   C N S 140 
LEU C    C N N 141 
LEU O    O N N 142 
LEU CB   C N N 143 
LEU CG   C N N 144 
LEU CD1  C N N 145 
LEU CD2  C N N 146 
LEU OXT  O N N 147 
LEU H    H N N 148 
LEU H2   H N N 149 
LEU HA   H N N 150 
LEU HB2  H N N 151 
LEU HB3  H N N 152 
LEU HG   H N N 153 
LEU HD11 H N N 154 
LEU HD12 H N N 155 
LEU HD13 H N N 156 
LEU HD21 H N N 157 
LEU HD22 H N N 158 
LEU HD23 H N N 159 
LEU HXT  H N N 160 
LYS N    N N N 161 
LYS CA   C N S 162 
LYS C    C N N 163 
LYS O    O N N 164 
LYS CB   C N N 165 
LYS CG   C N N 166 
LYS CD   C N N 167 
LYS CE   C N N 168 
LYS NZ   N N N 169 
LYS OXT  O N N 170 
LYS H    H N N 171 
LYS H2   H N N 172 
LYS HA   H N N 173 
LYS HB2  H N N 174 
LYS HB3  H N N 175 
LYS HG2  H N N 176 
LYS HG3  H N N 177 
LYS HD2  H N N 178 
LYS HD3  H N N 179 
LYS HE2  H N N 180 
LYS HE3  H N N 181 
LYS HZ1  H N N 182 
LYS HZ2  H N N 183 
LYS HZ3  H N N 184 
LYS HXT  H N N 185 
MET N    N N N 186 
MET CA   C N S 187 
MET C    C N N 188 
MET O    O N N 189 
MET CB   C N N 190 
MET CG   C N N 191 
MET SD   S N N 192 
MET CE   C N N 193 
MET OXT  O N N 194 
MET H    H N N 195 
MET H2   H N N 196 
MET HA   H N N 197 
MET HB2  H N N 198 
MET HB3  H N N 199 
MET HG2  H N N 200 
MET HG3  H N N 201 
MET HE1  H N N 202 
MET HE2  H N N 203 
MET HE3  H N N 204 
MET HXT  H N N 205 
PHE N    N N N 206 
PHE CA   C N S 207 
PHE C    C N N 208 
PHE O    O N N 209 
PHE CB   C N N 210 
PHE CG   C Y N 211 
PHE CD1  C Y N 212 
PHE CD2  C Y N 213 
PHE CE1  C Y N 214 
PHE CE2  C Y N 215 
PHE CZ   C Y N 216 
PHE OXT  O N N 217 
PHE H    H N N 218 
PHE H2   H N N 219 
PHE HA   H N N 220 
PHE HB2  H N N 221 
PHE HB3  H N N 222 
PHE HD1  H N N 223 
PHE HD2  H N N 224 
PHE HE1  H N N 225 
PHE HE2  H N N 226 
PHE HZ   H N N 227 
PHE HXT  H N N 228 
PRO N    N N N 229 
PRO CA   C N S 230 
PRO C    C N N 231 
PRO O    O N N 232 
PRO CB   C N N 233 
PRO CG   C N N 234 
PRO CD   C N N 235 
PRO OXT  O N N 236 
PRO H    H N N 237 
PRO HA   H N N 238 
PRO HB2  H N N 239 
PRO HB3  H N N 240 
PRO HG2  H N N 241 
PRO HG3  H N N 242 
PRO HD2  H N N 243 
PRO HD3  H N N 244 
PRO HXT  H N N 245 
SER N    N N N 246 
SER CA   C N S 247 
SER C    C N N 248 
SER O    O N N 249 
SER CB   C N N 250 
SER OG   O N N 251 
SER OXT  O N N 252 
SER H    H N N 253 
SER H2   H N N 254 
SER HA   H N N 255 
SER HB2  H N N 256 
SER HB3  H N N 257 
SER HG   H N N 258 
SER HXT  H N N 259 
THR N    N N N 260 
THR CA   C N S 261 
THR C    C N N 262 
THR O    O N N 263 
THR CB   C N R 264 
THR OG1  O N N 265 
THR CG2  C N N 266 
THR OXT  O N N 267 
THR H    H N N 268 
THR H2   H N N 269 
THR HA   H N N 270 
THR HB   H N N 271 
THR HG1  H N N 272 
THR HG21 H N N 273 
THR HG22 H N N 274 
THR HG23 H N N 275 
THR HXT  H N N 276 
TYR N    N N N 277 
TYR CA   C N S 278 
TYR C    C N N 279 
TYR O    O N N 280 
TYR CB   C N N 281 
TYR CG   C Y N 282 
TYR CD1  C Y N 283 
TYR CD2  C Y N 284 
TYR CE1  C Y N 285 
TYR CE2  C Y N 286 
TYR CZ   C Y N 287 
TYR OH   O N N 288 
TYR OXT  O N N 289 
TYR H    H N N 290 
TYR H2   H N N 291 
TYR HA   H N N 292 
TYR HB2  H N N 293 
TYR HB3  H N N 294 
TYR HD1  H N N 295 
TYR HD2  H N N 296 
TYR HE1  H N N 297 
TYR HE2  H N N 298 
TYR HH   H N N 299 
TYR HXT  H N N 300 
VAL N    N N N 301 
VAL CA   C N S 302 
VAL C    C N N 303 
VAL O    O N N 304 
VAL CB   C N N 305 
VAL CG1  C N N 306 
VAL CG2  C N N 307 
VAL OXT  O N N 308 
VAL H    H N N 309 
VAL H2   H N N 310 
VAL HA   H N N 311 
VAL HB   H N N 312 
VAL HG11 H N N 313 
VAL HG12 H N N 314 
VAL HG13 H N N 315 
VAL HG21 H N N 316 
VAL HG22 H N N 317 
VAL HG23 H N N 318 
VAL HXT  H N N 319 
# 
loop_
_chem_comp_bond.comp_id 
_chem_comp_bond.atom_id_1 
_chem_comp_bond.atom_id_2 
_chem_comp_bond.value_order 
_chem_comp_bond.pdbx_aromatic_flag 
_chem_comp_bond.pdbx_stereo_config 
_chem_comp_bond.pdbx_ordinal 
ALA N   CA   sing N N 1   
ALA N   H    sing N N 2   
ALA N   H2   sing N N 3   
ALA CA  C    sing N N 4   
ALA CA  CB   sing N N 5   
ALA CA  HA   sing N N 6   
ALA C   O    doub N N 7   
ALA C   OXT  sing N N 8   
ALA CB  HB1  sing N N 9   
ALA CB  HB2  sing N N 10  
ALA CB  HB3  sing N N 11  
ALA OXT HXT  sing N N 12  
ASN N   CA   sing N N 13  
ASN N   H    sing N N 14  
ASN N   H2   sing N N 15  
ASN CA  C    sing N N 16  
ASN CA  CB   sing N N 17  
ASN CA  HA   sing N N 18  
ASN C   O    doub N N 19  
ASN C   OXT  sing N N 20  
ASN CB  CG   sing N N 21  
ASN CB  HB2  sing N N 22  
ASN CB  HB3  sing N N 23  
ASN CG  OD1  doub N N 24  
ASN CG  ND2  sing N N 25  
ASN ND2 HD21 sing N N 26  
ASN ND2 HD22 sing N N 27  
ASN OXT HXT  sing N N 28  
ASP N   CA   sing N N 29  
ASP N   H    sing N N 30  
ASP N   H2   sing N N 31  
ASP CA  C    sing N N 32  
ASP CA  CB   sing N N 33  
ASP CA  HA   sing N N 34  
ASP C   O    doub N N 35  
ASP C   OXT  sing N N 36  
ASP CB  CG   sing N N 37  
ASP CB  HB2  sing N N 38  
ASP CB  HB3  sing N N 39  
ASP CG  OD1  doub N N 40  
ASP CG  OD2  sing N N 41  
ASP OD2 HD2  sing N N 42  
ASP OXT HXT  sing N N 43  
GLN N   CA   sing N N 44  
GLN N   H    sing N N 45  
GLN N   H2   sing N N 46  
GLN CA  C    sing N N 47  
GLN CA  CB   sing N N 48  
GLN CA  HA   sing N N 49  
GLN C   O    doub N N 50  
GLN C   OXT  sing N N 51  
GLN CB  CG   sing N N 52  
GLN CB  HB2  sing N N 53  
GLN CB  HB3  sing N N 54  
GLN CG  CD   sing N N 55  
GLN CG  HG2  sing N N 56  
GLN CG  HG3  sing N N 57  
GLN CD  OE1  doub N N 58  
GLN CD  NE2  sing N N 59  
GLN NE2 HE21 sing N N 60  
GLN NE2 HE22 sing N N 61  
GLN OXT HXT  sing N N 62  
GLU N   CA   sing N N 63  
GLU N   H    sing N N 64  
GLU N   H2   sing N N 65  
GLU CA  C    sing N N 66  
GLU CA  CB   sing N N 67  
GLU CA  HA   sing N N 68  
GLU C   O    doub N N 69  
GLU C   OXT  sing N N 70  
GLU CB  CG   sing N N 71  
GLU CB  HB2  sing N N 72  
GLU CB  HB3  sing N N 73  
GLU CG  CD   sing N N 74  
GLU CG  HG2  sing N N 75  
GLU CG  HG3  sing N N 76  
GLU CD  OE1  doub N N 77  
GLU CD  OE2  sing N N 78  
GLU OE2 HE2  sing N N 79  
GLU OXT HXT  sing N N 80  
GLY N   CA   sing N N 81  
GLY N   H    sing N N 82  
GLY N   H2   sing N N 83  
GLY CA  C    sing N N 84  
GLY CA  HA2  sing N N 85  
GLY CA  HA3  sing N N 86  
GLY C   O    doub N N 87  
GLY C   OXT  sing N N 88  
GLY OXT HXT  sing N N 89  
HIS N   CA   sing N N 90  
HIS N   H    sing N N 91  
HIS N   H2   sing N N 92  
HIS CA  C    sing N N 93  
HIS CA  CB   sing N N 94  
HIS CA  HA   sing N N 95  
HIS C   O    doub N N 96  
HIS C   OXT  sing N N 97  
HIS CB  CG   sing N N 98  
HIS CB  HB2  sing N N 99  
HIS CB  HB3  sing N N 100 
HIS CG  ND1  sing Y N 101 
HIS CG  CD2  doub Y N 102 
HIS ND1 CE1  doub Y N 103 
HIS ND1 HD1  sing N N 104 
HIS CD2 NE2  sing Y N 105 
HIS CD2 HD2  sing N N 106 
HIS CE1 NE2  sing Y N 107 
HIS CE1 HE1  sing N N 108 
HIS NE2 HE2  sing N N 109 
HIS OXT HXT  sing N N 110 
ILE N   CA   sing N N 111 
ILE N   H    sing N N 112 
ILE N   H2   sing N N 113 
ILE CA  C    sing N N 114 
ILE CA  CB   sing N N 115 
ILE CA  HA   sing N N 116 
ILE C   O    doub N N 117 
ILE C   OXT  sing N N 118 
ILE CB  CG1  sing N N 119 
ILE CB  CG2  sing N N 120 
ILE CB  HB   sing N N 121 
ILE CG1 CD1  sing N N 122 
ILE CG1 HG12 sing N N 123 
ILE CG1 HG13 sing N N 124 
ILE CG2 HG21 sing N N 125 
ILE CG2 HG22 sing N N 126 
ILE CG2 HG23 sing N N 127 
ILE CD1 HD11 sing N N 128 
ILE CD1 HD12 sing N N 129 
ILE CD1 HD13 sing N N 130 
ILE OXT HXT  sing N N 131 
LEU N   CA   sing N N 132 
LEU N   H    sing N N 133 
LEU N   H2   sing N N 134 
LEU CA  C    sing N N 135 
LEU CA  CB   sing N N 136 
LEU CA  HA   sing N N 137 
LEU C   O    doub N N 138 
LEU C   OXT  sing N N 139 
LEU CB  CG   sing N N 140 
LEU CB  HB2  sing N N 141 
LEU CB  HB3  sing N N 142 
LEU CG  CD1  sing N N 143 
LEU CG  CD2  sing N N 144 
LEU CG  HG   sing N N 145 
LEU CD1 HD11 sing N N 146 
LEU CD1 HD12 sing N N 147 
LEU CD1 HD13 sing N N 148 
LEU CD2 HD21 sing N N 149 
LEU CD2 HD22 sing N N 150 
LEU CD2 HD23 sing N N 151 
LEU OXT HXT  sing N N 152 
LYS N   CA   sing N N 153 
LYS N   H    sing N N 154 
LYS N   H2   sing N N 155 
LYS CA  C    sing N N 156 
LYS CA  CB   sing N N 157 
LYS CA  HA   sing N N 158 
LYS C   O    doub N N 159 
LYS C   OXT  sing N N 160 
LYS CB  CG   sing N N 161 
LYS CB  HB2  sing N N 162 
LYS CB  HB3  sing N N 163 
LYS CG  CD   sing N N 164 
LYS CG  HG2  sing N N 165 
LYS CG  HG3  sing N N 166 
LYS CD  CE   sing N N 167 
LYS CD  HD2  sing N N 168 
LYS CD  HD3  sing N N 169 
LYS CE  NZ   sing N N 170 
LYS CE  HE2  sing N N 171 
LYS CE  HE3  sing N N 172 
LYS NZ  HZ1  sing N N 173 
LYS NZ  HZ2  sing N N 174 
LYS NZ  HZ3  sing N N 175 
LYS OXT HXT  sing N N 176 
MET N   CA   sing N N 177 
MET N   H    sing N N 178 
MET N   H2   sing N N 179 
MET CA  C    sing N N 180 
MET CA  CB   sing N N 181 
MET CA  HA   sing N N 182 
MET C   O    doub N N 183 
MET C   OXT  sing N N 184 
MET CB  CG   sing N N 185 
MET CB  HB2  sing N N 186 
MET CB  HB3  sing N N 187 
MET CG  SD   sing N N 188 
MET CG  HG2  sing N N 189 
MET CG  HG3  sing N N 190 
MET SD  CE   sing N N 191 
MET CE  HE1  sing N N 192 
MET CE  HE2  sing N N 193 
MET CE  HE3  sing N N 194 
MET OXT HXT  sing N N 195 
PHE N   CA   sing N N 196 
PHE N   H    sing N N 197 
PHE N   H2   sing N N 198 
PHE CA  C    sing N N 199 
PHE CA  CB   sing N N 200 
PHE CA  HA   sing N N 201 
PHE C   O    doub N N 202 
PHE C   OXT  sing N N 203 
PHE CB  CG   sing N N 204 
PHE CB  HB2  sing N N 205 
PHE CB  HB3  sing N N 206 
PHE CG  CD1  doub Y N 207 
PHE CG  CD2  sing Y N 208 
PHE CD1 CE1  sing Y N 209 
PHE CD1 HD1  sing N N 210 
PHE CD2 CE2  doub Y N 211 
PHE CD2 HD2  sing N N 212 
PHE CE1 CZ   doub Y N 213 
PHE CE1 HE1  sing N N 214 
PHE CE2 CZ   sing Y N 215 
PHE CE2 HE2  sing N N 216 
PHE CZ  HZ   sing N N 217 
PHE OXT HXT  sing N N 218 
PRO N   CA   sing N N 219 
PRO N   CD   sing N N 220 
PRO N   H    sing N N 221 
PRO CA  C    sing N N 222 
PRO CA  CB   sing N N 223 
PRO CA  HA   sing N N 224 
PRO C   O    doub N N 225 
PRO C   OXT  sing N N 226 
PRO CB  CG   sing N N 227 
PRO CB  HB2  sing N N 228 
PRO CB  HB3  sing N N 229 
PRO CG  CD   sing N N 230 
PRO CG  HG2  sing N N 231 
PRO CG  HG3  sing N N 232 
PRO CD  HD2  sing N N 233 
PRO CD  HD3  sing N N 234 
PRO OXT HXT  sing N N 235 
SER N   CA   sing N N 236 
SER N   H    sing N N 237 
SER N   H2   sing N N 238 
SER CA  C    sing N N 239 
SER CA  CB   sing N N 240 
SER CA  HA   sing N N 241 
SER C   O    doub N N 242 
SER C   OXT  sing N N 243 
SER CB  OG   sing N N 244 
SER CB  HB2  sing N N 245 
SER CB  HB3  sing N N 246 
SER OG  HG   sing N N 247 
SER OXT HXT  sing N N 248 
THR N   CA   sing N N 249 
THR N   H    sing N N 250 
THR N   H2   sing N N 251 
THR CA  C    sing N N 252 
THR CA  CB   sing N N 253 
THR CA  HA   sing N N 254 
THR C   O    doub N N 255 
THR C   OXT  sing N N 256 
THR CB  OG1  sing N N 257 
THR CB  CG2  sing N N 258 
THR CB  HB   sing N N 259 
THR OG1 HG1  sing N N 260 
THR CG2 HG21 sing N N 261 
THR CG2 HG22 sing N N 262 
THR CG2 HG23 sing N N 263 
THR OXT HXT  sing N N 264 
TYR N   CA   sing N N 265 
TYR N   H    sing N N 266 
TYR N   H2   sing N N 267 
TYR CA  C    sing N N 268 
TYR CA  CB   sing N N 269 
TYR CA  HA   sing N N 270 
TYR C   O    doub N N 271 
TYR C   OXT  sing N N 272 
TYR CB  CG   sing N N 273 
TYR CB  HB2  sing N N 274 
TYR CB  HB3  sing N N 275 
TYR CG  CD1  doub Y N 276 
TYR CG  CD2  sing Y N 277 
TYR CD1 CE1  sing Y N 278 
TYR CD1 HD1  sing N N 279 
TYR CD2 CE2  doub Y N 280 
TYR CD2 HD2  sing N N 281 
TYR CE1 CZ   doub Y N 282 
TYR CE1 HE1  sing N N 283 
TYR CE2 CZ   sing Y N 284 
TYR CE2 HE2  sing N N 285 
TYR CZ  OH   sing N N 286 
TYR OH  HH   sing N N 287 
TYR OXT HXT  sing N N 288 
VAL N   CA   sing N N 289 
VAL N   H    sing N N 290 
VAL N   H2   sing N N 291 
VAL CA  C    sing N N 292 
VAL CA  CB   sing N N 293 
VAL CA  HA   sing N N 294 
VAL C   O    doub N N 295 
VAL C   OXT  sing N N 296 
VAL CB  CG1  sing N N 297 
VAL CB  CG2  sing N N 298 
VAL CB  HB   sing N N 299 
VAL CG1 HG11 sing N N 300 
VAL CG1 HG12 sing N N 301 
VAL CG1 HG13 sing N N 302 
VAL CG2 HG21 sing N N 303 
VAL CG2 HG22 sing N N 304 
VAL CG2 HG23 sing N N 305 
VAL OXT HXT  sing N N 306 
# 
_em_admin.current_status     REL 
_em_admin.deposition_date    2024-11-20 
_em_admin.deposition_site    PDBE 
_em_admin.entry_id           9HGR 
_em_admin.last_update        2025-10-08 
_em_admin.map_release_date   2025-01-29 
_em_admin.title              'In vitro grown WT Alpha-Synuclein Fibrils' 
# 
_em_ctf_correction.details                  ? 
_em_ctf_correction.em_image_processing_id   1 
_em_ctf_correction.id                       1 
_em_ctf_correction.type                     'PHASE FLIPPING AND AMPLITUDE CORRECTION' 
# 
_em_entity_assembly_molwt.entity_assembly_id   1 
_em_entity_assembly_molwt.experimental_flag    NO 
_em_entity_assembly_molwt.id                   1 
_em_entity_assembly_molwt.units                KILODALTONS/NANOMETER 
_em_entity_assembly_molwt.value                14.46 
# 
_em_entity_assembly_naturalsource.cell                 ? 
_em_entity_assembly_naturalsource.cellular_location    ? 
_em_entity_assembly_naturalsource.entity_assembly_id   1 
_em_entity_assembly_naturalsource.id                   2 
_em_entity_assembly_naturalsource.ncbi_tax_id          9606 
_em_entity_assembly_naturalsource.organism             'Homo sapiens' 
_em_entity_assembly_naturalsource.organelle            ? 
_em_entity_assembly_naturalsource.organ                ? 
_em_entity_assembly_naturalsource.strain               ? 
_em_entity_assembly_naturalsource.tissue               ? 
_em_entity_assembly_naturalsource.details              ? 
# 
_em_entity_assembly_recombinant.cell                 ? 
_em_entity_assembly_recombinant.entity_assembly_id   1 
_em_entity_assembly_recombinant.id                   2 
_em_entity_assembly_recombinant.ncbi_tax_id          562 
_em_entity_assembly_recombinant.organism             'Escherichia coli' 
_em_entity_assembly_recombinant.plasmid              ? 
_em_entity_assembly_recombinant.strain               ? 
# 
_em_image_processing.details              ? 
_em_image_processing.id                   1 
_em_image_processing.image_recording_id   1 
# 
_em_image_recording.average_exposure_time               ? 
_em_image_recording.avg_electron_dose_per_subtomogram   ? 
_em_image_recording.avg_electron_dose_per_image         40 
_em_image_recording.details                             ? 
_em_image_recording.detector_mode                       ? 
_em_image_recording.film_or_detector_model              'FEI FALCON IV (4k x 4k)' 
_em_image_recording.id                                  1 
_em_image_recording.imaging_id                          1 
_em_image_recording.num_diffraction_images              ? 
_em_image_recording.num_grids_imaged                    ? 
_em_image_recording.num_real_images                     ? 
# 
loop_
_em_software.category 
_em_software.details 
_em_software.id 
_em_software.image_processing_id 
_em_software.fitting_id 
_em_software.imaging_id 
_em_software.name 
_em_software.version 
'PARTICLE SELECTION'       ? 1  1 ? ? ?      ? 
'IMAGE ACQUISITION'        ? 2  ? ? 1 ?      ? 
MASKING                    ? 3  ? ? ? ?      ? 
'CTF CORRECTION'           ? 4  1 ? ? ?      ? 
'LAYERLINE INDEXING'       ? 5  ? ? ? ?      ? 
'DIFFRACTION INDEXING'     ? 6  ? ? ? ?      ? 
'MODEL FITTING'            ? 7  ? ? ? ?      ? 
'MODEL REFINEMENT'         ? 8  ? ? ? PHENIX ? 
OTHER                      ? 9  ? ? ? ?      ? 
'INITIAL EULER ASSIGNMENT' ? 10 1 ? ? ?      ? 
'FINAL EULER ASSIGNMENT'   ? 11 1 ? ? ?      ? 
CLASSIFICATION             ? 12 1 ? ? ?      ? 
RECONSTRUCTION             ? 13 1 ? ? ?      ? 
# 
_em_specimen.concentration           ? 
_em_specimen.details                 ? 
_em_specimen.embedding_applied       NO 
_em_specimen.experiment_id           1 
_em_specimen.id                      1 
_em_specimen.shadowing_applied       NO 
_em_specimen.staining_applied        NO 
_em_specimen.vitrification_applied   YES 
# 
loop_
_pdbx_audit_support.funding_organization 
_pdbx_audit_support.country 
_pdbx_audit_support.grant_number 
_pdbx_audit_support.ordinal 
'German Research Foundation (DFG)' Germany         'EXC 2067/1-390729940' 1 
'German Research Foundation (DFG)' Germany         'SFB1286 (B8)'         2 
'German Research Foundation (DFG)' Germany         'SFB1286 (A12)'        3 
'German Research Foundation (DFG)' Germany         448415290              4 
'Michael J. Fox Foundation'        'United States' ASAP-000282            5 
# 
_atom_sites.entry_id                    9HGR 
_atom_sites.Cartn_transf_matrix[1][1]   ? 
_atom_sites.Cartn_transf_matrix[1][2]   ? 
_atom_sites.Cartn_transf_matrix[1][3]   ? 
_atom_sites.Cartn_transf_matrix[2][1]   ? 
_atom_sites.Cartn_transf_matrix[2][2]   ? 
_atom_sites.Cartn_transf_matrix[2][3]   ? 
_atom_sites.Cartn_transf_matrix[3][1]   ? 
_atom_sites.Cartn_transf_matrix[3][2]   ? 
_atom_sites.Cartn_transf_matrix[3][3]   ? 
_atom_sites.Cartn_transf_vector[1]      ? 
_atom_sites.Cartn_transf_vector[2]      ? 
_atom_sites.Cartn_transf_vector[3]      ? 
_atom_sites.Cartn_transform_axes        ? 
_atom_sites.fract_transf_matrix[1][1]   1.000000 
_atom_sites.fract_transf_matrix[1][2]   0.000000 
_atom_sites.fract_transf_matrix[1][3]   0.000000 
_atom_sites.fract_transf_matrix[2][1]   0.000000 
_atom_sites.fract_transf_matrix[2][2]   1.000000 
_atom_sites.fract_transf_matrix[2][3]   0.000000 
_atom_sites.fract_transf_matrix[3][1]   0.000000 
_atom_sites.fract_transf_matrix[3][2]   0.000000 
_atom_sites.fract_transf_matrix[3][3]   1.000000 
_atom_sites.fract_transf_vector[1]      0.00000 
_atom_sites.fract_transf_vector[2]      0.00000 
_atom_sites.fract_transf_vector[3]      0.00000 
_atom_sites.solution_primary            ? 
_atom_sites.solution_secondary          ? 
_atom_sites.solution_hydrogens          ? 
_atom_sites.special_details             ? 
# 
loop_
_atom_type.symbol 
C 
N 
O 
# 
loop_
_atom_site.group_PDB 
_atom_site.id 
_atom_site.type_symbol 
_atom_site.label_atom_id 
_atom_site.label_alt_id 
_atom_site.label_comp_id 
_atom_site.label_asym_id 
_atom_site.label_entity_id 
_atom_site.label_seq_id 
_atom_site.pdbx_PDB_ins_code 
_atom_site.Cartn_x 
_atom_site.Cartn_y 
_atom_site.Cartn_z 
_atom_site.occupancy 
_atom_site.B_iso_or_equiv 
_atom_site.pdbx_formal_charge 
_atom_site.auth_seq_id 
_atom_site.auth_comp_id 
_atom_site.auth_asym_id 
_atom_site.auth_atom_id 
_atom_site.pdbx_PDB_model_num 
ATOM 1   N N   . GLY A 1 14 ? -39.539 -21.023 -1.147  1.00 46.87 ? 14 GLY A N   1 
ATOM 2   C CA  . GLY A 1 14 ? -38.221 -20.608 -0.701  1.00 47.64 ? 14 GLY A CA  1 
ATOM 3   C C   . GLY A 1 14 ? -37.629 -19.500 -1.549  1.00 49.84 ? 14 GLY A C   1 
ATOM 4   O O   . GLY A 1 14 ? -38.354 -18.659 -2.081  1.00 52.57 ? 14 GLY A O   1 
ATOM 5   N N   . VAL A 1 15 ? -36.305 -19.498 -1.675  1.00 43.13 ? 15 VAL A N   1 
ATOM 6   C CA  . VAL A 1 15 ? -35.605 -18.490 -2.462  1.00 41.47 ? 15 VAL A CA  1 
ATOM 7   C C   . VAL A 1 15 ? -35.760 -18.847 -3.938  1.00 40.36 ? 15 VAL A C   1 
ATOM 8   O O   . VAL A 1 15 ? -35.274 -19.884 -4.395  1.00 42.21 ? 15 VAL A O   1 
ATOM 9   C CB  . VAL A 1 15 ? -34.128 -18.388 -2.061  1.00 38.65 ? 15 VAL A CB  1 
ATOM 10  C CG1 . VAL A 1 15 ? -33.404 -19.697 -2.343  1.00 40.35 ? 15 VAL A CG1 1 
ATOM 11  C CG2 . VAL A 1 15 ? -33.455 -17.230 -2.780  1.00 40.25 ? 15 VAL A CG2 1 
ATOM 12  N N   . VAL A 1 16 ? -36.456 -17.993 -4.685  1.00 42.91 ? 16 VAL A N   1 
ATOM 13  C CA  . VAL A 1 16 ? -36.733 -18.217 -6.099  1.00 42.86 ? 16 VAL A CA  1 
ATOM 14  C C   . VAL A 1 16 ? -36.416 -16.939 -6.863  1.00 39.22 ? 16 VAL A C   1 
ATOM 15  O O   . VAL A 1 16 ? -36.847 -15.851 -6.466  1.00 43.62 ? 16 VAL A O   1 
ATOM 16  C CB  . VAL A 1 16 ? -38.197 -18.638 -6.337  1.00 39.34 ? 16 VAL A CB  1 
ATOM 17  C CG1 . VAL A 1 16 ? -38.494 -18.714 -7.826  1.00 37.52 ? 16 VAL A CG1 1 
ATOM 18  C CG2 . VAL A 1 16 ? -38.486 -19.972 -5.667  1.00 38.79 ? 16 VAL A CG2 1 
ATOM 19  N N   . ALA A 1 17 ? -35.665 -17.072 -7.952  1.00 33.37 ? 17 ALA A N   1 
ATOM 20  C CA  . ALA A 1 17 ? -35.376 -15.963 -8.848  1.00 29.75 ? 17 ALA A CA  1 
ATOM 21  C C   . ALA A 1 17 ? -35.790 -16.344 -10.260 1.00 36.08 ? 17 ALA A C   1 
ATOM 22  O O   . ALA A 1 17 ? -35.437 -17.419 -10.750 1.00 44.20 ? 17 ALA A O   1 
ATOM 23  C CB  . ALA A 1 17 ? -33.891 -15.589 -8.819  1.00 38.93 ? 17 ALA A CB  1 
ATOM 24  N N   . ALA A 1 18 ? -36.537 -15.457 -10.912 1.00 40.72 ? 18 ALA A N   1 
ATOM 25  C CA  . ALA A 1 18 ? -37.019 -15.712 -12.262 1.00 41.49 ? 18 ALA A CA  1 
ATOM 26  C C   . ALA A 1 18 ? -36.928 -14.430 -13.075 1.00 43.07 ? 18 ALA A C   1 
ATOM 27  O O   . ALA A 1 18 ? -37.333 -13.365 -12.602 1.00 49.17 ? 18 ALA A O   1 
ATOM 28  C CB  . ALA A 1 18 ? -38.459 -16.234 -12.248 1.00 35.04 ? 18 ALA A CB  1 
ATOM 29  N N   . ALA A 1 19 ? -36.397 -14.539 -14.290 1.00 32.60 ? 19 ALA A N   1 
ATOM 30  C CA  . ALA A 1 19 ? -36.294 -13.407 -15.197 1.00 35.08 ? 19 ALA A CA  1 
ATOM 31  C C   . ALA A 1 19 ? -36.649 -13.861 -16.603 1.00 38.10 ? 19 ALA A C   1 
ATOM 32  O O   . ALA A 1 19 ? -36.117 -14.860 -17.093 1.00 42.43 ? 19 ALA A O   1 
ATOM 33  C CB  . ALA A 1 19 ? -34.888 -12.798 -15.178 1.00 39.84 ? 19 ALA A CB  1 
ATOM 34  N N   . GLU A 1 20 ? -37.547 -13.120 -17.248 1.00 48.18 ? 20 GLU A N   1 
ATOM 35  C CA  . GLU A 1 20 ? -38.012 -13.442 -18.590 1.00 47.72 ? 20 GLU A CA  1 
ATOM 36  C C   . GLU A 1 20 ? -37.874 -12.217 -19.479 1.00 45.00 ? 20 GLU A C   1 
ATOM 37  O O   . GLU A 1 20 ? -38.308 -11.123 -19.106 1.00 50.56 ? 20 GLU A O   1 
ATOM 38  C CB  . GLU A 1 20 ? -39.469 -13.915 -18.576 1.00 44.27 ? 20 GLU A CB  1 
ATOM 39  C CG  . GLU A 1 20 ? -39.751 -15.057 -17.617 1.00 46.05 ? 20 GLU A CG  1 
ATOM 40  C CD  . GLU A 1 20 ? -41.219 -15.422 -17.567 1.00 50.46 ? 20 GLU A CD  1 
ATOM 41  O OE1 . GLU A 1 20 ? -42.015 -14.787 -18.291 1.00 52.83 ? 20 GLU A OE1 1 
ATOM 42  O OE2 . GLU A 1 20 ? -41.580 -16.342 -16.803 1.00 54.03 ? 20 GLU A OE2 1 
ATOM 43  N N   . LYS A 1 21 ? -37.276 -12.404 -20.655 1.00 36.87 ? 21 LYS A N   1 
ATOM 44  C CA  . LYS A 1 21 ? -37.159 -11.355 -21.668 1.00 40.05 ? 21 LYS A CA  1 
ATOM 45  C C   . LYS A 1 21 ? -37.661 -11.942 -22.983 1.00 43.50 ? 21 LYS A C   1 
ATOM 46  O O   . LYS A 1 21 ? -36.933 -12.662 -23.671 1.00 48.57 ? 21 LYS A O   1 
ATOM 47  C CB  . LYS A 1 21 ? -35.728 -10.843 -21.784 1.00 40.45 ? 21 LYS A CB  1 
ATOM 48  C CG  . LYS A 1 21 ? -35.583 -9.649  -22.711 1.00 42.96 ? 21 LYS A CG  1 
ATOM 49  C CD  . LYS A 1 21 ? -34.130 -9.249  -22.890 1.00 42.69 ? 21 LYS A CD  1 
ATOM 50  C CE  . LYS A 1 21 ? -33.999 -8.103  -23.879 1.00 43.14 ? 21 LYS A CE  1 
ATOM 51  N NZ  . LYS A 1 21 ? -32.578 -7.729  -24.117 1.00 48.96 ? 21 LYS A NZ  1 
ATOM 52  N N   . THR A 1 22 ? -38.907 -11.635 -23.329 1.00 47.39 ? 22 THR A N   1 
ATOM 53  C CA  . THR A 1 22 ? -39.535 -12.138 -24.549 1.00 49.07 ? 22 THR A CA  1 
ATOM 54  C C   . THR A 1 22 ? -39.696 -10.972 -25.518 1.00 48.24 ? 22 THR A C   1 
ATOM 55  O O   . THR A 1 22 ? -40.675 -10.225 -25.450 1.00 53.83 ? 22 THR A O   1 
ATOM 56  C CB  . THR A 1 22 ? -40.876 -12.794 -24.239 1.00 49.18 ? 22 THR A CB  1 
ATOM 57  O OG1 . THR A 1 22 ? -41.797 -11.806 -23.765 1.00 53.04 ? 22 THR A OG1 1 
ATOM 58  C CG2 . THR A 1 22 ? -40.706 -13.866 -23.174 1.00 48.62 ? 22 THR A CG2 1 
ATOM 59  N N   . LYS A 1 23 ? -38.731 -10.819 -26.423 1.00 48.21 ? 23 LYS A N   1 
ATOM 60  C CA  . LYS A 1 23 ? -38.770 -9.765  -27.435 1.00 52.77 ? 23 LYS A CA  1 
ATOM 61  C C   . LYS A 1 23 ? -39.472 -10.320 -28.668 1.00 55.89 ? 23 LYS A C   1 
ATOM 62  O O   . LYS A 1 23 ? -38.850 -10.906 -29.556 1.00 56.49 ? 23 LYS A O   1 
ATOM 63  C CB  . LYS A 1 23 ? -37.365 -9.271  -27.757 1.00 50.46 ? 23 LYS A CB  1 
ATOM 64  C CG  . LYS A 1 23 ? -37.322 -8.131  -28.760 1.00 54.71 ? 23 LYS A CG  1 
ATOM 65  C CD  . LYS A 1 23 ? -35.891 -7.743  -29.094 1.00 54.88 ? 23 LYS A CD  1 
ATOM 66  C CE  . LYS A 1 23 ? -35.849 -6.610  -30.106 1.00 55.74 ? 23 LYS A CE  1 
ATOM 67  N NZ  . LYS A 1 23 ? -34.452 -6.199  -30.418 1.00 56.74 ? 23 LYS A NZ  1 
ATOM 68  N N   . GLN A 1 24 ? -40.794 -10.141 -28.717 1.00 62.87 ? 24 GLN A N   1 
ATOM 69  C CA  . GLN A 1 24 ? -41.571 -10.642 -29.846 1.00 62.45 ? 24 GLN A CA  1 
ATOM 70  C C   . GLN A 1 24 ? -41.193 -9.932  -31.142 1.00 64.59 ? 24 GLN A C   1 
ATOM 71  O O   . GLN A 1 24 ? -41.085 -10.568 -32.196 1.00 68.05 ? 24 GLN A O   1 
ATOM 72  C CB  . GLN A 1 24 ? -43.066 -10.488 -29.565 1.00 62.57 ? 24 GLN A CB  1 
ATOM 73  C CG  . GLN A 1 24 ? -43.963 -11.043 -30.659 1.00 63.53 ? 24 GLN A CG  1 
ATOM 74  C CD  . GLN A 1 24 ? -45.432 -11.019 -30.279 1.00 68.14 ? 24 GLN A CD  1 
ATOM 75  O OE1 . GLN A 1 24 ? -45.798 -10.553 -29.200 1.00 68.18 ? 24 GLN A OE1 1 
ATOM 76  N NE2 . GLN A 1 24 ? -46.280 -11.524 -31.167 1.00 66.69 ? 24 GLN A NE2 1 
ATOM 77  N N   . GLY A 1 25 ? -40.987 -8.620  -31.084 1.00 60.40 ? 25 GLY A N   1 
ATOM 78  C CA  . GLY A 1 25 ? -40.624 -7.855  -32.262 1.00 61.21 ? 25 GLY A CA  1 
ATOM 79  C C   . GLY A 1 25 ? -39.159 -7.981  -32.635 1.00 61.05 ? 25 GLY A C   1 
ATOM 80  O O   . GLY A 1 25 ? -38.464 -8.883  -32.167 1.00 61.13 ? 25 GLY A O   1 
ATOM 81  N N   . GLY A 1 36 ? -24.124 8.254   -31.748 1.00 36.62 ? 36 GLY A N   1 
ATOM 82  C CA  . GLY A 1 36 ? -23.744 8.615   -30.395 1.00 41.47 ? 36 GLY A CA  1 
ATOM 83  C C   . GLY A 1 36 ? -22.265 8.434   -30.120 1.00 44.88 ? 36 GLY A C   1 
ATOM 84  O O   . GLY A 1 36 ? -21.825 7.353   -29.728 1.00 46.69 ? 36 GLY A O   1 
ATOM 85  N N   . VAL A 1 37 ? -21.496 9.497   -30.327 1.00 43.75 ? 37 VAL A N   1 
ATOM 86  C CA  . VAL A 1 37 ? -20.052 9.449   -30.125 1.00 44.25 ? 37 VAL A CA  1 
ATOM 87  C C   . VAL A 1 37 ? -19.750 9.572   -28.638 1.00 40.35 ? 37 VAL A C   1 
ATOM 88  O O   . VAL A 1 37 ? -20.231 10.492  -27.967 1.00 44.93 ? 37 VAL A O   1 
ATOM 89  C CB  . VAL A 1 37 ? -19.354 10.559  -30.929 1.00 40.00 ? 37 VAL A CB  1 
ATOM 90  C CG1 . VAL A 1 37 ? -17.994 10.883  -30.327 1.00 35.77 ? 37 VAL A CG1 1 
ATOM 91  C CG2 . VAL A 1 37 ? -19.216 10.149  -32.386 1.00 39.83 ? 37 VAL A CG2 1 
ATOM 92  N N   . LEU A 1 38 ? -18.956 8.638   -28.118 1.00 28.23 ? 38 LEU A N   1 
ATOM 93  C CA  . LEU A 1 38 ? -18.522 8.654   -26.723 1.00 25.58 ? 38 LEU A CA  1 
ATOM 94  C C   . LEU A 1 38 ? -16.997 8.608   -26.712 1.00 27.35 ? 38 LEU A C   1 
ATOM 95  O O   . LEU A 1 38 ? -16.399 7.557   -26.964 1.00 42.72 ? 38 LEU A O   1 
ATOM 96  C CB  . LEU A 1 38 ? -19.120 7.491   -25.941 1.00 32.98 ? 38 LEU A CB  1 
ATOM 97  C CG  . LEU A 1 38 ? -18.598 7.302   -24.516 1.00 31.34 ? 38 LEU A CG  1 
ATOM 98  C CD1 . LEU A 1 38 ? -19.062 8.441   -23.625 1.00 35.26 ? 38 LEU A CD1 1 
ATOM 99  C CD2 . LEU A 1 38 ? -19.045 5.965   -23.954 1.00 31.37 ? 38 LEU A CD2 1 
ATOM 100 N N   . TYR A 1 39 ? -16.374 9.745   -26.424 1.00 29.39 ? 39 TYR A N   1 
ATOM 101 C CA  . TYR A 1 39 ? -14.924 9.864   -26.375 1.00 33.64 ? 39 TYR A CA  1 
ATOM 102 C C   . TYR A 1 39 ? -14.489 9.978   -24.922 1.00 33.01 ? 39 TYR A C   1 
ATOM 103 O O   . TYR A 1 39 ? -14.912 10.898  -24.213 1.00 40.65 ? 39 TYR A O   1 
ATOM 104 C CB  . TYR A 1 39 ? -14.452 11.078  -27.182 1.00 32.76 ? 39 TYR A CB  1 
ATOM 105 C CG  . TYR A 1 39 ? -12.956 11.154  -27.413 1.00 32.93 ? 39 TYR A CG  1 
ATOM 106 C CD1 . TYR A 1 39 ? -12.084 11.471  -26.379 1.00 31.11 ? 39 TYR A CD1 1 
ATOM 107 C CD2 . TYR A 1 39 ? -12.420 10.939  -28.675 1.00 33.48 ? 39 TYR A CD2 1 
ATOM 108 C CE1 . TYR A 1 39 ? -10.721 11.548  -26.591 1.00 34.06 ? 39 TYR A CE1 1 
ATOM 109 C CE2 . TYR A 1 39 ? -11.059 11.015  -28.898 1.00 39.45 ? 39 TYR A CE2 1 
ATOM 110 C CZ  . TYR A 1 39 ? -10.214 11.320  -27.852 1.00 40.97 ? 39 TYR A CZ  1 
ATOM 111 O OH  . TYR A 1 39 ? -8.858  11.398  -28.068 1.00 37.92 ? 39 TYR A OH  1 
ATOM 112 N N   . VAL A 1 40 ? -13.649 9.046   -24.481 1.00 24.13 ? 40 VAL A N   1 
ATOM 113 C CA  . VAL A 1 40 ? -13.149 9.019   -23.113 1.00 29.55 ? 40 VAL A CA  1 
ATOM 114 C C   . VAL A 1 40 ? -11.630 9.001   -23.169 1.00 28.09 ? 40 VAL A C   1 
ATOM 115 O O   . VAL A 1 40 ? -11.035 8.059   -23.706 1.00 36.22 ? 40 VAL A O   1 
ATOM 116 C CB  . VAL A 1 40 ? -13.681 7.808   -22.326 1.00 28.35 ? 40 VAL A CB  1 
ATOM 117 C CG1 . VAL A 1 40 ? -12.815 7.539   -21.106 1.00 28.79 ? 40 VAL A CG1 1 
ATOM 118 C CG2 . VAL A 1 40 ? -15.127 8.037   -21.918 1.00 30.47 ? 40 VAL A CG2 1 
ATOM 119 N N   . GLY A 1 41 ? -11.004 10.042  -22.630 1.00 31.27 ? 41 GLY A N   1 
ATOM 120 C CA  . GLY A 1 41 ? -9.558  10.120  -22.585 1.00 34.81 ? 41 GLY A CA  1 
ATOM 121 C C   . GLY A 1 41 ? -9.037  10.314  -21.177 1.00 37.75 ? 41 GLY A C   1 
ATOM 122 O O   . GLY A 1 41 ? -9.443  11.250  -20.483 1.00 41.71 ? 41 GLY A O   1 
ATOM 123 N N   . SER A 1 42 ? -8.139  9.435   -20.741 1.00 33.57 ? 42 SER A N   1 
ATOM 124 C CA  . SER A 1 42 ? -7.594  9.481   -19.394 1.00 40.63 ? 42 SER A CA  1 
ATOM 125 C C   . SER A 1 42 ? -6.075  9.477   -19.452 1.00 43.05 ? 42 SER A C   1 
ATOM 126 O O   . SER A 1 42 ? -5.478  8.819   -20.309 1.00 43.64 ? 42 SER A O   1 
ATOM 127 C CB  . SER A 1 42 ? -8.090  8.300   -18.552 1.00 41.00 ? 42 SER A CB  1 
ATOM 128 O OG  . SER A 1 42 ? -7.401  8.231   -17.316 1.00 47.70 ? 42 SER A OG  1 
ATOM 129 N N   . LYS A 1 43 ? -5.456  10.219  -18.535 1.00 49.29 ? 43 LYS A N   1 
ATOM 130 C CA  . LYS A 1 43 ? -3.998  10.261  -18.433 1.00 47.76 ? 43 LYS A CA  1 
ATOM 131 C C   . LYS A 1 43 ? -3.651  10.437  -16.959 1.00 47.44 ? 43 LYS A C   1 
ATOM 132 O O   . LYS A 1 43 ? -3.600  11.567  -16.463 1.00 54.04 ? 43 LYS A O   1 
ATOM 133 C CB  . LYS A 1 43 ? -3.417  11.381  -19.285 1.00 48.97 ? 43 LYS A CB  1 
ATOM 134 C CG  . LYS A 1 43 ? -1.905  11.338  -19.414 1.00 49.77 ? 43 LYS A CG  1 
ATOM 135 C CD  . LYS A 1 43 ? -1.451  11.907  -20.749 1.00 49.50 ? 43 LYS A CD  1 
ATOM 136 C CE  . LYS A 1 43 ? -1.805  13.379  -20.865 1.00 50.15 ? 43 LYS A CE  1 
ATOM 137 N NZ  . LYS A 1 43 ? -0.656  14.189  -21.356 1.00 51.57 ? 43 LYS A NZ  1 
ATOM 138 N N   . THR A 1 44 ? -3.418  9.323   -16.270 1.00 40.92 ? 44 THR A N   1 
ATOM 139 C CA  . THR A 1 44 ? -3.067  9.329   -14.859 1.00 43.95 ? 44 THR A CA  1 
ATOM 140 C C   . THR A 1 44 ? -1.717  8.656   -14.672 1.00 47.78 ? 44 THR A C   1 
ATOM 141 O O   . THR A 1 44 ? -1.467  7.582   -15.226 1.00 46.71 ? 44 THR A O   1 
ATOM 142 C CB  . THR A 1 44 ? -4.124  8.612   -14.005 1.00 45.56 ? 44 THR A CB  1 
ATOM 143 O OG1 . THR A 1 44 ? -3.826  7.212   -13.948 1.00 47.73 ? 44 THR A OG1 1 
ATOM 144 C CG2 . THR A 1 44 ? -5.514  8.808   -14.588 1.00 48.14 ? 44 THR A CG2 1 
ATOM 145 N N   . LYS A 1 45 ? -0.845  9.299   -13.893 1.00 47.28 ? 45 LYS A N   1 
ATOM 146 C CA  . LYS A 1 45 ? 0.469   8.725   -13.624 1.00 44.76 ? 45 LYS A CA  1 
ATOM 147 C C   . LYS A 1 45 ? 0.355   7.470   -12.766 1.00 45.76 ? 45 LYS A C   1 
ATOM 148 O O   . LYS A 1 45 ? 0.965   6.438   -13.072 1.00 52.65 ? 45 LYS A O   1 
ATOM 149 C CB  . LYS A 1 45 ? 1.365   9.761   -12.947 1.00 43.30 ? 45 LYS A CB  1 
ATOM 150 C CG  . LYS A 1 45 ? 2.782   9.280   -12.691 1.00 47.02 ? 45 LYS A CG  1 
ATOM 151 C CD  . LYS A 1 45 ? 3.629   10.372  -12.063 1.00 48.16 ? 45 LYS A CD  1 
ATOM 152 C CE  . LYS A 1 45 ? 5.040   9.883   -11.785 1.00 48.82 ? 45 LYS A CE  1 
ATOM 153 N NZ  . LYS A 1 45 ? 5.883   10.943  -11.168 1.00 48.96 ? 45 LYS A NZ  1 
ATOM 154 N N   . GLU A 1 46 ? -0.423  7.538   -11.689 1.00 37.47 ? 46 GLU A N   1 
ATOM 155 C CA  . GLU A 1 46 ? -0.630  6.409   -10.795 1.00 41.88 ? 46 GLU A CA  1 
ATOM 156 C C   . GLU A 1 46 ? -2.110  6.297   -10.470 1.00 41.98 ? 46 GLU A C   1 
ATOM 157 O O   . GLU A 1 46 ? -2.769  7.307   -10.207 1.00 48.62 ? 46 GLU A O   1 
ATOM 158 C CB  . GLU A 1 46 ? 0.186   6.564   -9.508  1.00 42.13 ? 46 GLU A CB  1 
ATOM 159 C CG  . GLU A 1 46 ? 0.156   5.343   -8.604  1.00 47.23 ? 46 GLU A CG  1 
ATOM 160 C CD  . GLU A 1 46 ? 0.613   5.651   -7.192  1.00 50.58 ? 46 GLU A CD  1 
ATOM 161 O OE1 . GLU A 1 46 ? -0.224  5.585   -6.268  1.00 53.30 ? 46 GLU A OE1 1 
ATOM 162 O OE2 . GLU A 1 46 ? 1.809   5.960   -7.006  1.00 49.34 ? 46 GLU A OE2 1 
ATOM 163 N N   . GLY A 1 47 ? -2.629  5.072   -10.485 1.00 30.66 ? 47 GLY A N   1 
ATOM 164 C CA  . GLY A 1 47 ? -4.029  4.851   -10.189 1.00 31.43 ? 47 GLY A CA  1 
ATOM 165 C C   . GLY A 1 47 ? -4.300  3.548   -9.468  1.00 31.65 ? 47 GLY A C   1 
ATOM 166 O O   . GLY A 1 47 ? -3.819  2.488   -9.880  1.00 38.66 ? 47 GLY A O   1 
ATOM 167 N N   . VAL A 1 48 ? -5.069  3.615   -8.385  1.00 28.32 ? 48 VAL A N   1 
ATOM 168 C CA  . VAL A 1 48 ? -5.509  2.439   -7.643  1.00 30.15 ? 48 VAL A CA  1 
ATOM 169 C C   . VAL A 1 48 ? -7.030  2.468   -7.605  1.00 28.10 ? 48 VAL A C   1 
ATOM 170 O O   . VAL A 1 48 ? -7.624  3.386   -7.027  1.00 32.46 ? 48 VAL A O   1 
ATOM 171 C CB  . VAL A 1 48 ? -4.923  2.402   -6.224  1.00 27.71 ? 48 VAL A CB  1 
ATOM 172 C CG1 . VAL A 1 48 ? -5.541  1.265   -5.428  1.00 25.14 ? 48 VAL A CG1 1 
ATOM 173 C CG2 . VAL A 1 48 ? -3.412  2.256   -6.280  1.00 25.98 ? 48 VAL A CG2 1 
ATOM 174 N N   . VAL A 1 49 ? -7.658  1.466   -8.216  1.00 24.00 ? 49 VAL A N   1 
ATOM 175 C CA  . VAL A 1 49 ? -9.107  1.412   -8.367  1.00 23.92 ? 49 VAL A CA  1 
ATOM 176 C C   . VAL A 1 49 ? -9.615  0.129   -7.729  1.00 23.77 ? 49 VAL A C   1 
ATOM 177 O O   . VAL A 1 49 ? -9.102  -0.959  -8.016  1.00 29.42 ? 49 VAL A O   1 
ATOM 178 C CB  . VAL A 1 49 ? -9.527  1.486   -9.847  1.00 26.54 ? 49 VAL A CB  1 
ATOM 179 C CG1 . VAL A 1 49 ? -11.044 1.507   -9.966  1.00 23.82 ? 49 VAL A CG1 1 
ATOM 180 C CG2 . VAL A 1 49 ? -8.916  2.708   -10.514 1.00 23.79 ? 49 VAL A CG2 1 
ATOM 181 N N   . HIS A 1 50 ? -10.618 0.258   -6.866  1.00 27.74 ? 50 HIS A N   1 
ATOM 182 C CA  . HIS A 1 50 ? -11.300 -0.878  -6.263  1.00 28.18 ? 50 HIS A CA  1 
ATOM 183 C C   . HIS A 1 50 ? -12.769 -0.834  -6.654  1.00 29.01 ? 50 HIS A C   1 
ATOM 184 O O   . HIS A 1 50 ? -13.427 0.199   -6.490  1.00 38.08 ? 50 HIS A O   1 
ATOM 185 C CB  . HIS A 1 50 ? -11.160 -0.870  -4.737  1.00 31.94 ? 50 HIS A CB  1 
ATOM 186 C CG  . HIS A 1 50 ? -9.802  -1.268  -4.251  1.00 33.76 ? 50 HIS A CG  1 
ATOM 187 N ND1 . HIS A 1 50 ? -8.639  -0.812  -4.832  1.00 32.75 ? 50 HIS A ND1 1 
ATOM 188 C CD2 . HIS A 1 50 ? -9.421  -2.082  -3.238  1.00 32.81 ? 50 HIS A CD2 1 
ATOM 189 C CE1 . HIS A 1 50 ? -7.600  -1.326  -4.198  1.00 33.15 ? 50 HIS A CE1 1 
ATOM 190 N NE2 . HIS A 1 50 ? -8.048  -2.101  -3.227  1.00 33.77 ? 50 HIS A NE2 1 
ATOM 191 N N   . GLY A 1 51 ? -13.279 -1.950  -7.165  1.00 29.22 ? 51 GLY A N   1 
ATOM 192 C CA  . GLY A 1 51 ? -14.675 -2.027  -7.545  1.00 29.97 ? 51 GLY A CA  1 
ATOM 193 C C   . GLY A 1 51 ? -15.545 -2.424  -6.374  1.00 33.65 ? 51 GLY A C   1 
ATOM 194 O O   . GLY A 1 51 ? -15.500 -1.784  -5.320  1.00 38.23 ? 51 GLY A O   1 
ATOM 195 N N   . VAL A 1 52 ? -16.344 -3.473  -6.540  1.00 34.67 ? 52 VAL A N   1 
ATOM 196 C CA  . VAL A 1 52 ? -17.137 -4.007  -5.438  1.00 36.61 ? 52 VAL A CA  1 
ATOM 197 C C   . VAL A 1 52 ? -16.216 -4.866  -4.579  1.00 33.15 ? 52 VAL A C   1 
ATOM 198 O O   . VAL A 1 52 ? -15.776 -5.937  -5.002  1.00 41.04 ? 52 VAL A O   1 
ATOM 199 C CB  . VAL A 1 52 ? -18.339 -4.811  -5.942  1.00 29.33 ? 52 VAL A CB  1 
ATOM 200 C CG1 . VAL A 1 52 ? -19.022 -5.520  -4.785  1.00 31.06 ? 52 VAL A CG1 1 
ATOM 201 C CG2 . VAL A 1 52 ? -19.318 -3.900  -6.662  1.00 29.42 ? 52 VAL A CG2 1 
ATOM 202 N N   . ALA A 1 53 ? -15.917 -4.394  -3.372  1.00 28.04 ? 53 ALA A N   1 
ATOM 203 C CA  . ALA A 1 53 ? -15.022 -5.089  -2.458  1.00 26.74 ? 53 ALA A CA  1 
ATOM 204 C C   . ALA A 1 53 ? -15.707 -5.255  -1.112  1.00 31.59 ? 53 ALA A C   1 
ATOM 205 O O   . ALA A 1 53 ? -16.173 -4.274  -0.524  1.00 37.70 ? 53 ALA A O   1 
ATOM 206 C CB  . ALA A 1 53 ? -13.702 -4.331  -2.289  1.00 24.72 ? 53 ALA A CB  1 
ATOM 207 N N   . THR A 1 54 ? -15.768 -6.492  -0.631  1.00 38.09 ? 54 THR A N   1 
ATOM 208 C CA  . THR A 1 54 ? -16.287 -6.802  0.695   1.00 37.95 ? 54 THR A CA  1 
ATOM 209 C C   . THR A 1 54 ? -15.143 -7.339  1.547   1.00 33.40 ? 54 THR A C   1 
ATOM 210 O O   . THR A 1 54 ? -14.495 -8.324  1.177   1.00 40.98 ? 54 THR A O   1 
ATOM 211 C CB  . THR A 1 54 ? -17.444 -7.803  0.619   1.00 38.74 ? 54 THR A CB  1 
ATOM 212 O OG1 . THR A 1 54 ? -17.739 -8.302  1.930   1.00 41.54 ? 54 THR A OG1 1 
ATOM 213 C CG2 . THR A 1 54 ? -17.116 -8.962  -0.318  1.00 37.53 ? 54 THR A CG2 1 
ATOM 214 N N   . VAL A 1 55 ? -14.891 -6.683  2.676   1.00 30.86 ? 55 VAL A N   1 
ATOM 215 C CA  . VAL A 1 55 ? -13.763 -7.002  3.544   1.00 30.18 ? 55 VAL A CA  1 
ATOM 216 C C   . VAL A 1 55 ? -14.295 -7.266  4.944   1.00 31.43 ? 55 VAL A C   1 
ATOM 217 O O   . VAL A 1 55 ? -15.094 -6.480  5.467   1.00 40.59 ? 55 VAL A O   1 
ATOM 218 C CB  . VAL A 1 55 ? -12.722 -5.868  3.561   1.00 31.06 ? 55 VAL A CB  1 
ATOM 219 C CG1 . VAL A 1 55 ? -11.536 -6.247  4.434   1.00 29.76 ? 55 VAL A CG1 1 
ATOM 220 C CG2 . VAL A 1 55 ? -12.269 -5.536  2.148   1.00 30.43 ? 55 VAL A CG2 1 
ATOM 221 N N   . ALA A 1 56 ? -13.867 -8.383  5.535   1.00 31.63 ? 56 ALA A N   1 
ATOM 222 C CA  . ALA A 1 56 ? -14.300 -8.726  6.910   1.00 34.34 ? 56 ALA A CA  1 
ATOM 223 C C   . ALA A 1 56 ? -13.206 -9.537  7.602   1.00 39.36 ? 56 ALA A C   1 
ATOM 224 O O   . ALA A 1 56 ? -12.362 -10.136 6.902   1.00 46.02 ? 56 ALA A O   1 
ATOM 225 C CB  . ALA A 1 56 ? -15.597 -9.496  6.863   1.00 32.01 ? 56 ALA A CB  1 
ATOM 226 N N   . GLU A 1 57 ? -13.216 -9.553  8.935   1.00 49.00 ? 57 GLU A N   1 
ATOM 227 C CA  . GLU A 1 57 ? -12.235 -10.373 9.688   1.00 51.23 ? 57 GLU A CA  1 
ATOM 228 C C   . GLU A 1 57 ? -12.938 -11.651 10.163  1.00 51.25 ? 57 GLU A C   1 
ATOM 229 O O   . GLU A 1 57 ? -12.338 -12.738 10.032  1.00 56.41 ? 57 GLU A O   1 
ATOM 230 C CB  . GLU A 1 57 ? -11.674 -9.580  10.865  1.00 50.74 ? 57 GLU A CB  1 
ATOM 231 C CG  . GLU A 1 57 ? -10.760 -8.435  10.438  1.00 49.50 ? 57 GLU A CG  1 
ATOM 232 C CD  . GLU A 1 57 ? -9.663  -8.133  11.441  1.00 55.98 ? 57 GLU A CD  1 
ATOM 233 O OE1 . GLU A 1 57 ? -8.988  -7.094  11.287  1.00 57.85 ? 57 GLU A OE1 1 
ATOM 234 O OE2 . GLU A 1 57 ? -9.481  -8.939  12.378  1.00 56.80 ? 57 GLU A OE2 1 
ATOM 235 N N   . LYS A 1 58 ? -14.163 -11.519 10.682  1.00 45.55 ? 58 LYS A N   1 
ATOM 236 C CA  . LYS A 1 58 ? -14.905 -12.674 11.184  1.00 41.57 ? 58 LYS A CA  1 
ATOM 237 C C   . LYS A 1 58 ? -16.354 -12.521 10.729  1.00 45.02 ? 58 LYS A C   1 
ATOM 238 O O   . LYS A 1 58 ? -17.091 -11.691 11.267  1.00 54.08 ? 58 LYS A O   1 
ATOM 239 C CB  . LYS A 1 58 ? -14.807 -12.784 12.700  1.00 46.83 ? 58 LYS A CB  1 
ATOM 240 C CG  . LYS A 1 58 ? -13.467 -13.283 13.211  1.00 49.09 ? 58 LYS A CG  1 
ATOM 241 C CD  . LYS A 1 58 ? -13.479 -13.432 14.725  1.00 51.02 ? 58 LYS A CD  1 
ATOM 242 C CE  . LYS A 1 58 ? -12.171 -14.012 15.235  1.00 50.29 ? 58 LYS A CE  1 
ATOM 243 N NZ  . LYS A 1 58 ? -12.170 -14.162 16.715  1.00 50.71 ? 58 LYS A NZ  1 
ATOM 244 N N   . THR A 1 59 ? -16.750 -13.321 9.742   1.00 46.05 ? 59 THR A N   1 
ATOM 245 C CA  . THR A 1 59 ? -18.117 -13.328 9.245   1.00 42.80 ? 59 THR A CA  1 
ATOM 246 C C   . THR A 1 59 ? -18.529 -14.757 8.928   1.00 44.76 ? 59 THR A C   1 
ATOM 247 O O   . THR A 1 59 ? -17.686 -15.628 8.701   1.00 49.98 ? 59 THR A O   1 
ATOM 248 C CB  . THR A 1 59 ? -18.286 -12.454 7.993   1.00 45.13 ? 59 THR A CB  1 
ATOM 249 O OG1 . THR A 1 59 ? -17.117 -12.557 7.170   1.00 43.55 ? 59 THR A OG1 1 
ATOM 250 C CG2 . THR A 1 59 ? -18.519 -11.001 8.377   1.00 47.47 ? 59 THR A CG2 1 
ATOM 251 N N   . LYS A 1 60 ? -19.842 -14.987 8.920   1.00 43.51 ? 60 LYS A N   1 
ATOM 252 C CA  . LYS A 1 60 ? -20.363 -16.301 8.559   1.00 42.51 ? 60 LYS A CA  1 
ATOM 253 C C   . LYS A 1 60 ? -20.512 -16.434 7.048   1.00 41.88 ? 60 LYS A C   1 
ATOM 254 O O   . LYS A 1 60 ? -19.940 -17.345 6.439   1.00 46.22 ? 60 LYS A O   1 
ATOM 255 C CB  . LYS A 1 60 ? -21.703 -16.542 9.255   1.00 42.57 ? 60 LYS A CB  1 
ATOM 256 C CG  . LYS A 1 60 ? -21.611 -16.620 10.769  1.00 42.94 ? 60 LYS A CG  1 
ATOM 257 C CD  . LYS A 1 60 ? -22.974 -16.860 11.392  1.00 44.54 ? 60 LYS A CD  1 
ATOM 258 C CE  . LYS A 1 60 ? -22.889 -16.890 12.909  1.00 46.14 ? 60 LYS A CE  1 
ATOM 259 N NZ  . LYS A 1 60 ? -22.041 -18.014 13.395  1.00 49.49 ? 60 LYS A NZ  1 
ATOM 260 N N   . GLU A 1 61 ? -21.268 -15.532 6.430   1.00 41.24 ? 61 GLU A N   1 
ATOM 261 C CA  . GLU A 1 61 ? -21.519 -15.561 4.997   1.00 43.95 ? 61 GLU A CA  1 
ATOM 262 C C   . GLU A 1 61 ? -21.025 -14.268 4.367   1.00 40.75 ? 61 GLU A C   1 
ATOM 263 O O   . GLU A 1 61 ? -21.208 -13.184 4.929   1.00 46.92 ? 61 GLU A O   1 
ATOM 264 C CB  . GLU A 1 61 ? -23.012 -15.752 4.693   1.00 39.46 ? 61 GLU A CB  1 
ATOM 265 C CG  . GLU A 1 61 ? -23.539 -17.139 5.018   1.00 42.71 ? 61 GLU A CG  1 
ATOM 266 C CD  . GLU A 1 61 ? -24.577 -17.125 6.122   1.00 49.96 ? 61 GLU A CD  1 
ATOM 267 O OE1 . GLU A 1 61 ? -24.277 -16.605 7.216   1.00 49.60 ? 61 GLU A OE1 1 
ATOM 268 O OE2 . GLU A 1 61 ? -25.694 -17.638 5.897   1.00 52.31 ? 61 GLU A OE2 1 
ATOM 269 N N   . GLN A 1 62 ? -20.396 -14.390 3.202   1.00 36.07 ? 62 GLN A N   1 
ATOM 270 C CA  . GLN A 1 62 ? -19.855 -13.259 2.456   1.00 35.84 ? 62 GLN A CA  1 
ATOM 271 C C   . GLN A 1 62 ? -20.245 -13.366 0.988   1.00 38.39 ? 62 GLN A C   1 
ATOM 272 O O   . GLN A 1 62 ? -19.427 -13.199 0.081   1.00 42.03 ? 62 GLN A O   1 
ATOM 273 C CB  . GLN A 1 62 ? -18.340 -13.182 2.618   1.00 37.11 ? 62 GLN A CB  1 
ATOM 274 C CG  . GLN A 1 62 ? -17.783 -11.772 2.593   1.00 41.49 ? 62 GLN A CG  1 
ATOM 275 C CD  . GLN A 1 62 ? -16.438 -11.668 3.280   1.00 42.68 ? 62 GLN A CD  1 
ATOM 276 O OE1 . GLN A 1 62 ? -15.853 -12.675 3.677   1.00 44.49 ? 62 GLN A OE1 1 
ATOM 277 N NE2 . GLN A 1 62 ? -15.939 -10.447 3.424   1.00 40.79 ? 62 GLN A NE2 1 
ATOM 278 N N   . VAL A 1 63 ? -21.518 -13.654 0.743   1.00 31.98 ? 63 VAL A N   1 
ATOM 279 C CA  . VAL A 1 63 ? -22.009 -13.889 -0.610  1.00 37.24 ? 63 VAL A CA  1 
ATOM 280 C C   . VAL A 1 63 ? -22.108 -12.564 -1.357  1.00 29.95 ? 63 VAL A C   1 
ATOM 281 O O   . VAL A 1 63 ? -22.644 -11.578 -0.838  1.00 29.61 ? 63 VAL A O   1 
ATOM 282 C CB  . VAL A 1 63 ? -23.364 -14.612 -0.575  1.00 31.47 ? 63 VAL A CB  1 
ATOM 283 C CG1 . VAL A 1 63 ? -24.298 -13.939 0.412   1.00 30.03 ? 63 VAL A CG1 1 
ATOM 284 C CG2 . VAL A 1 63 ? -23.989 -14.649 -1.962  1.00 27.83 ? 63 VAL A CG2 1 
ATOM 285 N N   . THR A 1 64 ? -21.576 -12.538 -2.578  1.00 28.81 ? 64 THR A N   1 
ATOM 286 C CA  . THR A 1 64 ? -21.697 -11.394 -3.473  1.00 27.14 ? 64 THR A CA  1 
ATOM 287 C C   . THR A 1 64 ? -22.351 -11.869 -4.760  1.00 27.15 ? 64 THR A C   1 
ATOM 288 O O   . THR A 1 64 ? -21.827 -12.763 -5.430  1.00 34.25 ? 64 THR A O   1 
ATOM 289 C CB  . THR A 1 64 ? -20.331 -10.765 -3.765  1.00 33.67 ? 64 THR A CB  1 
ATOM 290 O OG1 . THR A 1 64 ? -19.812 -10.165 -2.571  1.00 36.56 ? 64 THR A OG1 1 
ATOM 291 C CG2 . THR A 1 64 ? -20.453 -9.703  -4.848  1.00 30.24 ? 64 THR A CG2 1 
ATOM 292 N N   . ASN A 1 65 ? -23.489 -11.274 -5.104  1.00 33.62 ? 65 ASN A N   1 
ATOM 293 C CA  . ASN A 1 65 ? -24.250 -11.653 -6.284  1.00 31.90 ? 65 ASN A CA  1 
ATOM 294 C C   . ASN A 1 65 ? -24.181 -10.546 -7.326  1.00 28.55 ? 65 ASN A C   1 
ATOM 295 O O   . ASN A 1 65 ? -24.472 -9.383  -7.030  1.00 34.53 ? 65 ASN A O   1 
ATOM 296 C CB  . ASN A 1 65 ? -25.711 -11.943 -5.930  1.00 28.61 ? 65 ASN A CB  1 
ATOM 297 C CG  . ASN A 1 65 ? -25.888 -13.283 -5.248  1.00 32.74 ? 65 ASN A CG  1 
ATOM 298 O OD1 . ASN A 1 65 ? -24.990 -14.123 -5.262  1.00 33.96 ? 65 ASN A OD1 1 
ATOM 299 N ND2 . ASN A 1 65 ? -27.053 -13.488 -4.643  1.00 34.43 ? 65 ASN A ND2 1 
ATOM 300 N N   . VAL A 1 66 ? -23.798 -10.913 -8.544  1.00 20.59 ? 66 VAL A N   1 
ATOM 301 C CA  . VAL A 1 66 ? -23.679 -9.975  -9.653  1.00 25.00 ? 66 VAL A CA  1 
ATOM 302 C C   . VAL A 1 66 ? -24.658 -10.406 -10.734 1.00 27.59 ? 66 VAL A C   1 
ATOM 303 O O   . VAL A 1 66 ? -24.509 -11.482 -11.325 1.00 28.34 ? 66 VAL A O   1 
ATOM 304 C CB  . VAL A 1 66 ? -22.250 -9.912  -10.205 1.00 28.19 ? 66 VAL A CB  1 
ATOM 305 C CG1 . VAL A 1 66 ? -22.220 -9.094  -11.484 1.00 23.50 ? 66 VAL A CG1 1 
ATOM 306 C CG2 . VAL A 1 66 ? -21.306 -9.326  -9.168  1.00 23.50 ? 66 VAL A CG2 1 
ATOM 307 N N   . GLY A 1 67 ? -25.661 -9.571  -10.989 1.00 31.52 ? 67 GLY A N   1 
ATOM 308 C CA  . GLY A 1 67 ? -26.570 -9.794  -12.092 1.00 33.63 ? 67 GLY A CA  1 
ATOM 309 C C   . GLY A 1 67 ? -26.416 -8.733  -13.159 1.00 34.64 ? 67 GLY A C   1 
ATOM 310 O O   . GLY A 1 67 ? -26.776 -8.945  -14.320 1.00 38.26 ? 67 GLY A O   1 
ATOM 311 N N   . GLY A 1 68 ? -25.872 -7.581  -12.771 1.00 39.79 ? 68 GLY A N   1 
ATOM 312 C CA  . GLY A 1 68 ? -25.660 -6.487  -13.696 1.00 34.71 ? 68 GLY A CA  1 
ATOM 313 C C   . GLY A 1 68 ? -24.242 -6.422  -14.220 1.00 31.74 ? 68 GLY A C   1 
ATOM 314 O O   . GLY A 1 68 ? -23.720 -7.412  -14.739 1.00 34.83 ? 68 GLY A O   1 
ATOM 315 N N   . ALA A 1 69 ? -23.607 -5.258  -14.094 1.00 24.65 ? 69 ALA A N   1 
ATOM 316 C CA  . ALA A 1 69 ? -22.244 -5.055  -14.561 1.00 27.09 ? 69 ALA A CA  1 
ATOM 317 C C   . ALA A 1 69 ? -21.411 -4.419  -13.459 1.00 29.95 ? 69 ALA A C   1 
ATOM 318 O O   . ALA A 1 69 ? -21.880 -3.528  -12.745 1.00 34.59 ? 69 ALA A O   1 
ATOM 319 C CB  . ALA A 1 69 ? -22.211 -4.178  -15.818 1.00 23.03 ? 69 ALA A CB  1 
ATOM 320 N N   . VAL A 1 70 ? -20.170 -4.886  -13.326 1.00 25.64 ? 70 VAL A N   1 
ATOM 321 C CA  . VAL A 1 70 ? -19.237 -4.388  -12.320 1.00 29.54 ? 70 VAL A CA  1 
ATOM 322 C C   . VAL A 1 70 ? -18.000 -3.849  -13.029 1.00 28.67 ? 70 VAL A C   1 
ATOM 323 O O   . VAL A 1 70 ? -16.874 -4.009  -12.545 1.00 37.56 ? 70 VAL A O   1 
ATOM 324 C CB  . VAL A 1 70 ? -18.873 -5.477  -11.292 1.00 30.80 ? 70 VAL A CB  1 
ATOM 325 C CG1 . VAL A 1 70 ? -18.281 -4.856  -10.032 1.00 23.84 ? 70 VAL A CG1 1 
ATOM 326 C CG2 . VAL A 1 70 ? -20.095 -6.295  -10.936 1.00 28.94 ? 70 VAL A CG2 1 
ATOM 327 N N   . VAL A 1 71 ? -18.199 -3.255  -14.207 1.00 20.48 ? 71 VAL A N   1 
ATOM 328 C CA  . VAL A 1 71 ? -17.104 -2.708  -15.005 1.00 21.48 ? 71 VAL A CA  1 
ATOM 329 C C   . VAL A 1 71 ? -16.249 -1.793  -14.142 1.00 21.43 ? 71 VAL A C   1 
ATOM 330 O O   . VAL A 1 71 ? -16.727 -0.775  -13.628 1.00 29.07 ? 71 VAL A O   1 
ATOM 331 C CB  . VAL A 1 71 ? -17.639 -1.955  -16.237 1.00 21.50 ? 71 VAL A CB  1 
ATOM 332 C CG1 . VAL A 1 71 ? -16.496 -1.583  -17.167 1.00 23.04 ? 71 VAL A CG1 1 
ATOM 333 C CG2 . VAL A 1 71 ? -18.678 -2.794  -16.963 1.00 28.28 ? 71 VAL A CG2 1 
ATOM 334 N N   . THR A 1 72 ? -14.977 -2.150  -13.976 1.00 29.37 ? 72 THR A N   1 
ATOM 335 C CA  . THR A 1 72 ? -14.091 -1.462  -13.049 1.00 27.06 ? 72 THR A CA  1 
ATOM 336 C C   . THR A 1 72 ? -12.697 -1.379  -13.652 1.00 29.00 ? 72 THR A C   1 
ATOM 337 O O   . THR A 1 72 ? -12.177 -2.376  -14.160 1.00 33.20 ? 72 THR A O   1 
ATOM 338 C CB  . THR A 1 72 ? -14.048 -2.186  -11.696 1.00 29.34 ? 72 THR A CB  1 
ATOM 339 O OG1 . THR A 1 72 ? -15.188 -1.806  -10.915 1.00 34.59 ? 72 THR A OG1 1 
ATOM 340 C CG2 . THR A 1 72 ? -12.780 -1.842  -10.929 1.00 32.79 ? 72 THR A CG2 1 
ATOM 341 N N   . GLY A 1 73 ? -12.100 -0.195  -13.594 1.00 28.12 ? 73 GLY A N   1 
ATOM 342 C CA  . GLY A 1 73 ? -10.756 -0.013  -14.104 1.00 27.98 ? 73 GLY A CA  1 
ATOM 343 C C   . GLY A 1 73 ? -10.324 1.426   -13.937 1.00 29.18 ? 73 GLY A C   1 
ATOM 344 O O   . GLY A 1 73 ? -11.072 2.272   -13.436 1.00 37.53 ? 73 GLY A O   1 
ATOM 345 N N   . VAL A 1 74 ? -9.089  1.692   -14.363 1.00 28.40 ? 74 VAL A N   1 
ATOM 346 C CA  . VAL A 1 74 ? -8.580  3.059   -14.344 1.00 24.10 ? 74 VAL A CA  1 
ATOM 347 C C   . VAL A 1 74 ? -9.369  3.929   -15.313 1.00 26.78 ? 74 VAL A C   1 
ATOM 348 O O   . VAL A 1 74 ? -9.604  5.116   -15.056 1.00 38.72 ? 74 VAL A O   1 
ATOM 349 C CB  . VAL A 1 74 ? -7.073  3.072   -14.662 1.00 29.89 ? 74 VAL A CB  1 
ATOM 350 C CG1 . VAL A 1 74 ? -6.506  4.473   -14.505 1.00 29.29 ? 74 VAL A CG1 1 
ATOM 351 C CG2 . VAL A 1 74 ? -6.334  2.094   -13.761 1.00 29.11 ? 74 VAL A CG2 1 
ATOM 352 N N   . THR A 1 75 ? -9.795  3.354   -16.435 1.00 30.06 ? 75 THR A N   1 
ATOM 353 C CA  . THR A 1 75 ? -10.585 4.038   -17.452 1.00 30.00 ? 75 THR A CA  1 
ATOM 354 C C   . THR A 1 75 ? -11.854 3.247   -17.749 1.00 32.63 ? 75 THR A C   1 
ATOM 355 O O   . THR A 1 75 ? -12.200 2.981   -18.901 1.00 36.72 ? 75 THR A O   1 
ATOM 356 C CB  . THR A 1 75 ? -9.768  4.252   -18.724 1.00 34.57 ? 75 THR A CB  1 
ATOM 357 O OG1 . THR A 1 75 ? -8.628  5.068   -18.429 1.00 40.36 ? 75 THR A OG1 1 
ATOM 358 C CG2 . THR A 1 75 ? -10.609 4.944   -19.783 1.00 30.99 ? 75 THR A CG2 1 
ATOM 359 N N   . ALA A 1 76 ? -12.556 2.847   -16.691 1.00 29.94 ? 76 ALA A N   1 
ATOM 360 C CA  . ALA A 1 76 ? -13.744 2.013   -16.831 1.00 28.18 ? 76 ALA A CA  1 
ATOM 361 C C   . ALA A 1 76 ? -14.842 2.767   -17.573 1.00 24.66 ? 76 ALA A C   1 
ATOM 362 O O   . ALA A 1 76 ? -15.255 3.853   -17.153 1.00 30.08 ? 76 ALA A O   1 
ATOM 363 C CB  . ALA A 1 76 ? -14.238 1.569   -15.457 1.00 24.98 ? 76 ALA A CB  1 
ATOM 364 N N   . VAL A 1 77 ? -15.314 2.186   -18.673 1.00 30.45 ? 77 VAL A N   1 
ATOM 365 C CA  . VAL A 1 77 ? -16.390 2.754   -19.477 1.00 28.31 ? 77 VAL A CA  1 
ATOM 366 C C   . VAL A 1 77 ? -17.447 1.680   -19.683 1.00 23.69 ? 77 VAL A C   1 
ATOM 367 O O   . VAL A 1 77 ? -17.131 0.570   -20.124 1.00 35.74 ? 77 VAL A O   1 
ATOM 368 C CB  . VAL A 1 77 ? -15.882 3.276   -20.835 1.00 27.89 ? 77 VAL A CB  1 
ATOM 369 C CG1 . VAL A 1 77 ? -17.039 3.809   -21.664 1.00 24.60 ? 77 VAL A CG1 1 
ATOM 370 C CG2 . VAL A 1 77 ? -14.823 4.349   -20.634 1.00 28.53 ? 77 VAL A CG2 1 
ATOM 371 N N   . ALA A 1 78 ? -18.696 2.008   -19.364 1.00 26.55 ? 78 ALA A N   1 
ATOM 372 C CA  . ALA A 1 78 ? -19.823 1.106   -19.550 1.00 23.12 ? 78 ALA A CA  1 
ATOM 373 C C   . ALA A 1 78 ? -20.847 1.774   -20.455 1.00 25.46 ? 78 ALA A C   1 
ATOM 374 O O   . ALA A 1 78 ? -21.280 2.898   -20.183 1.00 35.33 ? 78 ALA A O   1 
ATOM 375 C CB  . ALA A 1 78 ? -20.459 0.731   -18.209 1.00 22.75 ? 78 ALA A CB  1 
ATOM 376 N N   . GLN A 1 79 ? -21.232 1.082   -21.525 1.00 32.02 ? 79 GLN A N   1 
ATOM 377 C CA  . GLN A 1 79 ? -22.179 1.617   -22.500 1.00 34.74 ? 79 GLN A CA  1 
ATOM 378 C C   . GLN A 1 79 ? -23.187 0.528   -22.838 1.00 33.71 ? 79 GLN A C   1 
ATOM 379 O O   . GLN A 1 79 ? -22.831 -0.469  -23.475 1.00 42.84 ? 79 GLN A O   1 
ATOM 380 C CB  . GLN A 1 79 ? -21.463 2.106   -23.758 1.00 31.02 ? 79 GLN A CB  1 
ATOM 381 C CG  . GLN A 1 79 ? -22.213 3.189   -24.514 1.00 33.76 ? 79 GLN A CG  1 
ATOM 382 C CD  . GLN A 1 79 ? -21.447 3.696   -25.718 1.00 36.05 ? 79 GLN A CD  1 
ATOM 383 O OE1 . GLN A 1 79 ? -20.477 3.078   -26.155 1.00 38.18 ? 79 GLN A OE1 1 
ATOM 384 N NE2 . GLN A 1 79 ? -21.877 4.829   -26.259 1.00 39.09 ? 79 GLN A NE2 1 
ATOM 385 N N   . LYS A 1 80 ? -24.438 0.724   -22.419 1.00 36.74 ? 80 LYS A N   1 
ATOM 386 C CA  . LYS A 1 80 ? -25.532 -0.204  -22.699 1.00 32.95 ? 80 LYS A CA  1 
ATOM 387 C C   . LYS A 1 80 ? -25.196 -1.616  -22.210 1.00 38.84 ? 80 LYS A C   1 
ATOM 388 O O   . LYS A 1 80 ? -25.097 -2.568  -22.984 1.00 47.56 ? 80 LYS A O   1 
ATOM 389 C CB  . LYS A 1 80 ? -25.879 -0.205  -24.192 1.00 32.45 ? 80 LYS A CB  1 
ATOM 390 C CG  . LYS A 1 80 ? -26.028 1.177   -24.804 1.00 35.21 ? 80 LYS A CG  1 
ATOM 391 C CD  . LYS A 1 80 ? -25.216 1.305   -26.081 1.00 37.50 ? 80 LYS A CD  1 
ATOM 392 C CE  . LYS A 1 80 ? -25.398 2.675   -26.714 1.00 39.93 ? 80 LYS A CE  1 
ATOM 393 N NZ  . LYS A 1 80 ? -24.472 2.886   -27.861 1.00 38.81 ? 80 LYS A NZ  1 
ATOM 394 N N   . THR A 1 81 ? -25.020 -1.732  -20.893 1.00 38.29 ? 81 THR A N   1 
ATOM 395 C CA  . THR A 1 81 ? -24.617 -2.990  -20.274 1.00 46.14 ? 81 THR A CA  1 
ATOM 396 C C   . THR A 1 81 ? -25.812 -3.814  -19.804 1.00 48.00 ? 81 THR A C   1 
ATOM 397 O O   . THR A 1 81 ? -25.989 -4.958  -20.235 1.00 52.00 ? 81 THR A O   1 
ATOM 398 C CB  . THR A 1 81 ? -23.667 -2.719  -19.100 1.00 45.92 ? 81 THR A CB  1 
ATOM 399 O OG1 . THR A 1 81 ? -24.287 -1.814  -18.178 1.00 49.14 ? 81 THR A OG1 1 
ATOM 400 C CG2 . THR A 1 81 ? -22.365 -2.116  -19.601 1.00 39.19 ? 81 THR A CG2 1 
ATOM 401 N N   . VAL A 1 82 ? -26.640 -3.252  -18.929 1.00 33.91 ? 82 VAL A N   1 
ATOM 402 C CA  . VAL A 1 82 ? -27.755 -3.970  -18.322 1.00 40.54 ? 82 VAL A CA  1 
ATOM 403 C C   . VAL A 1 82 ? -29.032 -3.485  -19.000 1.00 41.24 ? 82 VAL A C   1 
ATOM 404 O O   . VAL A 1 82 ? -29.585 -2.443  -18.640 1.00 46.48 ? 82 VAL A O   1 
ATOM 405 C CB  . VAL A 1 82 ? -27.803 -3.759  -16.806 1.00 38.42 ? 82 VAL A CB  1 
ATOM 406 C CG1 . VAL A 1 82 ? -28.815 -4.697  -16.172 1.00 39.01 ? 82 VAL A CG1 1 
ATOM 407 C CG2 . VAL A 1 82 ? -26.423 -3.956  -16.203 1.00 37.49 ? 82 VAL A CG2 1 
ATOM 408 N N   . GLU A 1 83 ? -29.502 -4.241  -19.990 1.00 39.67 ? 83 GLU A N   1 
ATOM 409 C CA  . GLU A 1 83 ? -30.717 -3.923  -20.735 1.00 39.93 ? 83 GLU A CA  1 
ATOM 410 C C   . GLU A 1 83 ? -31.578 -5.167  -20.904 1.00 38.86 ? 83 GLU A C   1 
ATOM 411 O O   . GLU A 1 83 ? -32.078 -5.466  -21.990 1.00 43.96 ? 83 GLU A O   1 
ATOM 412 C CB  . GLU A 1 83 ? -30.391 -3.318  -22.095 1.00 40.45 ? 83 GLU A CB  1 
ATOM 413 C CG  . GLU A 1 83 ? -29.571 -2.045  -22.040 1.00 39.03 ? 83 GLU A CG  1 
ATOM 414 C CD  . GLU A 1 83 ? -28.783 -1.815  -23.309 1.00 43.56 ? 83 GLU A CD  1 
ATOM 415 O OE1 . GLU A 1 83 ? -27.914 -2.654  -23.629 1.00 43.40 ? 83 GLU A OE1 1 
ATOM 416 O OE2 . GLU A 1 83 ? -29.036 -0.802  -23.992 1.00 43.61 ? 83 GLU A OE2 1 
ATOM 417 N N   . GLY A 1 84 ? -31.763 -5.915  -19.818 1.00 36.91 ? 84 GLY A N   1 
ATOM 418 C CA  . GLY A 1 84 ? -32.555 -7.126  -19.873 1.00 37.62 ? 84 GLY A CA  1 
ATOM 419 C C   . GLY A 1 84 ? -33.139 -7.454  -18.517 1.00 39.74 ? 84 GLY A C   1 
ATOM 420 O O   . GLY A 1 84 ? -32.882 -6.773  -17.520 1.00 46.96 ? 84 GLY A O   1 
ATOM 421 N N   . ALA A 1 85 ? -33.938 -8.514  -18.493 1.00 37.64 ? 85 ALA A N   1 
ATOM 422 C CA  . ALA A 1 85 ? -34.569 -8.955  -17.256 1.00 38.48 ? 85 ALA A CA  1 
ATOM 423 C C   . ALA A 1 85 ? -33.538 -9.627  -16.359 1.00 39.63 ? 85 ALA A C   1 
ATOM 424 O O   . ALA A 1 85 ? -32.964 -10.658 -16.726 1.00 44.25 ? 85 ALA A O   1 
ATOM 425 C CB  . ALA A 1 85 ? -35.722 -9.907  -17.559 1.00 39.30 ? 85 ALA A CB  1 
ATOM 426 N N   . GLY A 1 86 ? -33.302 -9.044  -15.188 1.00 30.91 ? 86 GLY A N   1 
ATOM 427 C CA  . GLY A 1 86 ? -32.372 -9.609  -14.234 1.00 21.55 ? 86 GLY A CA  1 
ATOM 428 C C   . GLY A 1 86 ? -33.005 -9.816  -12.876 1.00 24.89 ? 86 GLY A C   1 
ATOM 429 O O   . GLY A 1 86 ? -33.663 -8.915  -12.348 1.00 35.81 ? 86 GLY A O   1 
ATOM 430 N N   . SER A 1 87 ? -32.814 -10.997 -12.298 1.00 30.49 ? 87 SER A N   1 
ATOM 431 C CA  . SER A 1 87 ? -33.421 -11.351 -11.024 1.00 35.68 ? 87 SER A CA  1 
ATOM 432 C C   . SER A 1 87 ? -32.354 -11.895 -10.088 1.00 33.58 ? 87 SER A C   1 
ATOM 433 O O   . SER A 1 87 ? -31.578 -12.776 -10.472 1.00 43.65 ? 87 SER A O   1 
ATOM 434 C CB  . SER A 1 87 ? -34.537 -12.384 -11.213 1.00 34.50 ? 87 SER A CB  1 
ATOM 435 O OG  . SER A 1 87 ? -35.125 -12.731 -9.973  1.00 40.57 ? 87 SER A OG  1 
ATOM 436 N N   . ILE A 1 88 ? -32.316 -11.366 -8.869  1.00 19.47 ? 88 ILE A N   1 
ATOM 437 C CA  . ILE A 1 88 ? -31.411 -11.836 -7.828  1.00 25.65 ? 88 ILE A CA  1 
ATOM 438 C C   . ILE A 1 88 ? -32.241 -12.124 -6.586  1.00 27.97 ? 88 ILE A C   1 
ATOM 439 O O   . ILE A 1 88 ? -32.937 -11.235 -6.082  1.00 34.33 ? 88 ILE A O   1 
ATOM 440 C CB  . ILE A 1 88 ? -30.307 -10.814 -7.510  1.00 29.04 ? 88 ILE A CB  1 
ATOM 441 C CG1 . ILE A 1 88 ? -29.482 -10.507 -8.762  1.00 30.22 ? 88 ILE A CG1 1 
ATOM 442 C CG2 . ILE A 1 88 ? -29.418 -11.325 -6.387  1.00 25.94 ? 88 ILE A CG2 1 
ATOM 443 C CD1 . ILE A 1 88 ? -28.388 -9.492  -8.534  1.00 29.77 ? 88 ILE A CD1 1 
ATOM 444 N N   . ALA A 1 89 ? -32.172 -13.359 -6.098  1.00 37.11 ? 89 ALA A N   1 
ATOM 445 C CA  . ALA A 1 89 ? -32.860 -13.765 -4.880  1.00 41.05 ? 89 ALA A CA  1 
ATOM 446 C C   . ALA A 1 89 ? -31.839 -14.371 -3.930  1.00 39.35 ? 89 ALA A C   1 
ATOM 447 O O   . ALA A 1 89 ? -31.195 -15.372 -4.262  1.00 46.66 ? 89 ALA A O   1 
ATOM 448 C CB  . ALA A 1 89 ? -33.980 -14.762 -5.184  1.00 35.71 ? 89 ALA A CB  1 
ATOM 449 N N   . ALA A 1 90 ? -31.692 -13.766 -2.755  1.00 31.70 ? 90 ALA A N   1 
ATOM 450 C CA  . ALA A 1 90 ? -30.721 -14.198 -1.760  1.00 31.36 ? 90 ALA A CA  1 
ATOM 451 C C   . ALA A 1 90 ? -31.427 -14.433 -0.435  1.00 35.79 ? 90 ALA A C   1 
ATOM 452 O O   . ALA A 1 90 ? -32.196 -13.581 0.024   1.00 42.56 ? 90 ALA A O   1 
ATOM 453 C CB  . ALA A 1 90 ? -29.607 -13.162 -1.594  1.00 35.11 ? 90 ALA A CB  1 
ATOM 454 N N   . ALA A 1 91 ? -31.161 -15.585 0.178   1.00 49.59 ? 91 ALA A N   1 
ATOM 455 C CA  . ALA A 1 91 ? -31.767 -15.935 1.456   1.00 50.71 ? 91 ALA A CA  1 
ATOM 456 C C   . ALA A 1 91 ? -30.689 -16.154 2.509   1.00 50.94 ? 91 ALA A C   1 
ATOM 457 O O   . ALA A 1 91 ? -30.728 -17.139 3.252   1.00 56.92 ? 91 ALA A O   1 
ATOM 458 C CB  . ALA A 1 91 ? -32.642 -17.181 1.316   1.00 48.54 ? 91 ALA A CB  1 
ATOM 459 N N   . THR A 1 92 ? -29.722 -15.242 2.568   1.00 48.04 ? 92 THR A N   1 
ATOM 460 C CA  . THR A 1 92 ? -28.618 -15.368 3.509   1.00 47.73 ? 92 THR A CA  1 
ATOM 461 C C   . THR A 1 92 ? -29.128 -15.362 4.944   1.00 50.99 ? 92 THR A C   1 
ATOM 462 O O   . THR A 1 92 ? -30.038 -14.606 5.296   1.00 57.82 ? 92 THR A O   1 
ATOM 463 C CB  . THR A 1 92 ? -27.619 -14.229 3.306   1.00 48.71 ? 92 THR A CB  1 
ATOM 464 O OG1 . THR A 1 92 ? -28.015 -13.101 4.096   1.00 58.18 ? 92 THR A OG1 1 
ATOM 465 C CG2 . THR A 1 92 ? -27.586 -13.816 1.845   1.00 48.00 ? 92 THR A CG2 1 
ATOM 466 N N   . GLY A 1 93 ? -28.532 -16.210 5.775   1.00 51.49 ? 93 GLY A N   1 
ATOM 467 C CA  . GLY A 1 93 ? -28.941 -16.323 7.158   1.00 54.39 ? 93 GLY A CA  1 
ATOM 468 C C   . GLY A 1 93 ? -30.167 -17.198 7.334   1.00 55.63 ? 93 GLY A C   1 
ATOM 469 O O   . GLY A 1 93 ? -30.671 -17.827 6.402   1.00 53.74 ? 93 GLY A O   1 
ATOM 470 N N   . PHE A 1 94 ? -30.661 -17.208 8.572   1.00 61.51 ? 94 PHE A N   1 
ATOM 471 C CA  . PHE A 1 94 ? -31.776 -18.049 9.022   1.00 60.27 ? 94 PHE A CA  1 
ATOM 472 C C   . PHE A 1 94 ? -31.777 -19.439 8.388   1.00 61.12 ? 94 PHE A C   1 
ATOM 473 O O   . PHE A 1 94 ? -30.939 -20.278 8.714   1.00 66.44 ? 94 PHE A O   1 
ATOM 474 C CB  . PHE A 1 94 ? -33.125 -17.356 8.767   1.00 67.07 ? 94 PHE A CB  1 
ATOM 475 C CG  . PHE A 1 94 ? -33.393 -17.023 7.323   1.00 67.55 ? 94 PHE A CG  1 
ATOM 476 C CD1 . PHE A 1 94 ? -34.003 -17.943 6.487   1.00 64.09 ? 94 PHE A CD1 1 
ATOM 477 C CD2 . PHE A 1 94 ? -33.059 -15.779 6.810   1.00 67.81 ? 94 PHE A CD2 1 
ATOM 478 C CE1 . PHE A 1 94 ? -34.258 -17.637 5.164   1.00 65.41 ? 94 PHE A CE1 1 
ATOM 479 C CE2 . PHE A 1 94 ? -33.311 -15.469 5.486   1.00 64.64 ? 94 PHE A CE2 1 
ATOM 480 C CZ  . PHE A 1 94 ? -33.911 -16.399 4.663   1.00 63.12 ? 94 PHE A CZ  1 
ATOM 481 N N   . GLY B 1 14 ? 39.711  20.680  0.924   1.00 46.87 ? 14 GLY B N   1 
ATOM 482 C CA  . GLY B 1 14 ? 38.419  20.217  0.452   1.00 47.64 ? 14 GLY B CA  1 
ATOM 483 C C   . GLY B 1 14 ? 37.635  19.467  1.510   1.00 49.84 ? 14 GLY B C   1 
ATOM 484 O O   . GLY B 1 14 ? 37.751  19.755  2.701   1.00 52.57 ? 14 GLY B O   1 
ATOM 485 N N   . VAL B 1 15 ? 36.834  18.499  1.073   1.00 43.13 ? 15 VAL B N   1 
ATOM 486 C CA  . VAL B 1 15 ? 36.023  17.698  1.982   1.00 41.47 ? 15 VAL B CA  1 
ATOM 487 C C   . VAL B 1 15 ? 36.931  16.666  2.646   1.00 40.36 ? 15 VAL B C   1 
ATOM 488 O O   . VAL B 1 15 ? 37.483  15.786  1.982   1.00 42.21 ? 15 VAL B O   1 
ATOM 489 C CB  . VAL B 1 15 ? 34.852  17.028  1.251   1.00 38.65 ? 15 VAL B CB  1 
ATOM 490 C CG1 . VAL B 1 15 ? 35.365  16.054  0.199   1.00 40.35 ? 15 VAL B CG1 1 
ATOM 491 C CG2 . VAL B 1 15 ? 33.934  16.327  2.238   1.00 40.25 ? 15 VAL B CG2 1 
ATOM 492 N N   . VAL B 1 16 ? 37.102  16.785  3.961   1.00 42.91 ? 16 VAL B N   1 
ATOM 493 C CA  . VAL B 1 16 ? 37.977  15.908  4.731   1.00 42.86 ? 16 VAL B CA  1 
ATOM 494 C C   . VAL B 1 16 ? 37.224  15.438  5.967   1.00 39.22 ? 16 VAL B C   1 
ATOM 495 O O   . VAL B 1 16 ? 36.625  16.250  6.681   1.00 43.62 ? 16 VAL B O   1 
ATOM 496 C CB  . VAL B 1 16 ? 39.286  16.614  5.134   1.00 39.34 ? 16 VAL B CB  1 
ATOM 497 C CG1 . VAL B 1 16 ? 40.104  15.730  6.061   1.00 37.52 ? 16 VAL B CG1 1 
ATOM 498 C CG2 . VAL B 1 16 ? 40.094  16.986  3.900   1.00 38.79 ? 16 VAL B CG2 1 
ATOM 499 N N   . ALA B 1 17 ? 37.252  14.131  6.216   1.00 33.37 ? 17 ALA B N   1 
ATOM 500 C CA  . ALA B 1 17 ? 36.680  13.548  7.419   1.00 29.75 ? 17 ALA B CA  1 
ATOM 501 C C   . ALA B 1 17 ? 37.745  12.728  8.129   1.00 36.08 ? 17 ALA B C   1 
ATOM 502 O O   . ALA B 1 17 ? 38.421  11.903  7.509   1.00 44.20 ? 17 ALA B O   1 
ATOM 503 C CB  . ALA B 1 17 ? 35.468  12.668  7.096   1.00 38.93 ? 17 ALA B CB  1 
ATOM 504 N N   . ALA B 1 18 ? 37.890  12.956  9.431   1.00 40.72 ? 18 ALA B N   1 
ATOM 505 C CA  . ALA B 1 18 ? 38.892  12.253  10.221  1.00 41.49 ? 18 ALA B CA  1 
ATOM 506 C C   . ALA B 1 18 ? 38.300  11.899  11.576  1.00 43.07 ? 18 ALA B C   1 
ATOM 507 O O   . ALA B 1 18 ? 37.671  12.743  12.220  1.00 49.17 ? 18 ALA B O   1 
ATOM 508 C CB  . ALA B 1 18 ? 40.155  13.102  10.397  1.00 35.04 ? 18 ALA B CB  1 
ATOM 509 N N   . ALA B 1 19 ? 38.503  10.655  12.001  1.00 32.60 ? 19 ALA B N   1 
ATOM 510 C CA  . ALA B 1 19 ? 38.040  10.191  13.299  1.00 35.08 ? 19 ALA B CA  1 
ATOM 511 C C   . ALA B 1 19 ? 39.112  9.320   13.930  1.00 38.10 ? 19 ALA B C   1 
ATOM 512 O O   . ALA B 1 19 ? 39.623  8.394   13.295  1.00 42.43 ? 19 ALA B O   1 
ATOM 513 C CB  . ALA B 1 19 ? 36.727  9.409   13.181  1.00 39.84 ? 19 ALA B CB  1 
ATOM 514 N N   . GLU B 1 20 ? 39.448  9.620   15.183  1.00 48.18 ? 20 GLU B N   1 
ATOM 515 C CA  . GLU B 1 20 ? 40.480  8.897   15.913  1.00 47.72 ? 20 GLU B CA  1 
ATOM 516 C C   . GLU B 1 20 ? 39.926  8.445   17.253  1.00 45.00 ? 20 GLU B C   1 
ATOM 517 O O   . GLU B 1 20 ? 39.335  9.244   17.986  1.00 50.56 ? 20 GLU B O   1 
ATOM 518 C CB  . GLU B 1 20 ? 41.722  9.767   16.130  1.00 44.27 ? 20 GLU B CB  1 
ATOM 519 C CG  . GLU B 1 20 ? 42.288  10.384  14.863  1.00 46.05 ? 20 GLU B CG  1 
ATOM 520 C CD  . GLU B 1 20 ? 43.450  11.313  15.140  1.00 50.46 ? 20 GLU B CD  1 
ATOM 521 O OE1 . GLU B 1 20 ? 43.821  11.465  16.323  1.00 52.83 ? 20 GLU B OE1 1 
ATOM 522 O OE2 . GLU B 1 20 ? 43.995  11.893  14.177  1.00 54.03 ? 20 GLU B OE2 1 
ATOM 523 N N   . LYS B 1 21 ? 40.122  7.166   17.574  1.00 36.87 ? 21 LYS B N   1 
ATOM 524 C CA  . LYS B 1 21 ? 39.745  6.599   18.869  1.00 40.05 ? 21 LYS B CA  1 
ATOM 525 C C   . LYS B 1 21 ? 40.966  5.861   19.408  1.00 43.50 ? 21 LYS B C   1 
ATOM 526 O O   . LYS B 1 21 ? 41.243  4.726   19.012  1.00 48.57 ? 21 LYS B O   1 
ATOM 527 C CB  . LYS B 1 21 ? 38.534  5.682   18.750  1.00 40.45 ? 21 LYS B CB  1 
ATOM 528 C CG  . LYS B 1 21 ? 38.010  5.190   20.088  1.00 42.96 ? 21 LYS B CG  1 
ATOM 529 C CD  . LYS B 1 21 ? 36.883  4.189   19.916  1.00 42.69 ? 21 LYS B CD  1 
ATOM 530 C CE  . LYS B 1 21 ? 36.424  3.652   21.262  1.00 43.14 ? 21 LYS B CE  1 
ATOM 531 N NZ  . LYS B 1 21 ? 35.357  2.622   21.118  1.00 48.96 ? 21 LYS B NZ  1 
ATOM 532 N N   . THR B 1 22 ? 41.696  6.509   20.311  1.00 47.39 ? 22 THR B N   1 
ATOM 533 C CA  . THR B 1 22 ? 42.905  5.941   20.903  1.00 49.07 ? 22 THR B CA  1 
ATOM 534 C C   . THR B 1 22 ? 42.613  5.616   22.364  1.00 48.24 ? 22 THR B C   1 
ATOM 535 O O   . THR B 1 22 ? 42.719  6.480   23.238  1.00 53.83 ? 22 THR B O   1 
ATOM 536 C CB  . THR B 1 22 ? 44.080  6.905   20.772  1.00 49.18 ? 22 THR B CB  1 
ATOM 537 O OG1 . THR B 1 22 ? 43.831  8.075   21.559  1.00 53.04 ? 22 THR B OG1 1 
ATOM 538 C CG2 . THR B 1 22 ? 44.267  7.314   19.320  1.00 48.62 ? 22 THR B CG2 1 
ATOM 539 N N   . LYS B 1 23 ? 42.243  4.363   22.627  1.00 48.21 ? 23 LYS B N   1 
ATOM 540 C CA  . LYS B 1 23 ? 41.963  3.902   23.986  1.00 52.77 ? 23 LYS B CA  1 
ATOM 541 C C   . LYS B 1 23 ? 43.259  3.362   24.578  1.00 55.89 ? 23 LYS B C   1 
ATOM 542 O O   . LYS B 1 23 ? 43.593  2.184   24.436  1.00 56.49 ? 23 LYS B O   1 
ATOM 543 C CB  . LYS B 1 23 ? 40.860  2.851   23.983  1.00 50.46 ? 23 LYS B CB  1 
ATOM 544 C CG  . LYS B 1 23 ? 40.466  2.360   25.367  1.00 54.71 ? 23 LYS B CG  1 
ATOM 545 C CD  . LYS B 1 23 ? 39.422  1.260   25.286  1.00 54.88 ? 23 LYS B CD  1 
ATOM 546 C CE  . LYS B 1 23 ? 39.037  0.762   26.669  1.00 55.74 ? 23 LYS B CE  1 
ATOM 547 N NZ  . LYS B 1 23 ? 37.991  -0.295  26.605  1.00 56.74 ? 23 LYS B NZ  1 
ATOM 548 N N   . GLN B 1 24 ? 44.008  4.244   25.245  1.00 62.87 ? 24 GLN B N   1 
ATOM 549 C CA  . GLN B 1 24 ? 45.274  3.840   25.845  1.00 62.45 ? 24 GLN B CA  1 
ATOM 550 C C   . GLN B 1 24 ? 45.065  2.822   26.961  1.00 64.59 ? 24 GLN B C   1 
ATOM 551 O O   . GLN B 1 24 ? 45.826  1.856   27.078  1.00 68.05 ? 24 GLN B O   1 
ATOM 552 C CB  . GLN B 1 24 ? 46.022  5.067   26.369  1.00 62.57 ? 24 GLN B CB  1 
ATOM 553 C CG  . GLN B 1 24 ? 47.390  4.756   26.956  1.00 63.53 ? 24 GLN B CG  1 
ATOM 554 C CD  . GLN B 1 24 ? 48.169  6.006   27.319  1.00 68.14 ? 24 GLN B CD  1 
ATOM 555 O OE1 . GLN B 1 24 ? 47.676  7.124   27.165  1.00 68.18 ? 24 GLN B OE1 1 
ATOM 556 N NE2 . GLN B 1 24 ? 49.391  5.822   27.802  1.00 66.69 ? 24 GLN B NE2 1 
ATOM 557 N N   . GLY B 1 25 ? 44.042  3.020   27.785  1.00 60.40 ? 25 GLY B N   1 
ATOM 558 C CA  . GLY B 1 25 ? 43.760  2.108   28.879  1.00 61.21 ? 25 GLY B CA  1 
ATOM 559 C C   . GLY B 1 25 ? 43.050  0.843   28.440  1.00 61.05 ? 25 GLY B C   1 
ATOM 560 O O   . GLY B 1 25 ? 43.019  0.515   27.254  1.00 61.13 ? 25 GLY B O   1 
ATOM 561 N N   . GLY B 1 36 ? 22.315  -4.863  33.728  1.00 36.62 ? 36 GLY B N   1 
ATOM 562 C CA  . GLY B 1 36 ? 21.308  -4.067  33.052  1.00 41.47 ? 36 GLY B CA  1 
ATOM 563 C C   . GLY B 1 36 ? 20.373  -4.892  32.191  1.00 44.88 ? 36 GLY B C   1 
ATOM 564 O O   . GLY B 1 36 ? 20.654  -5.145  31.020  1.00 46.69 ? 36 GLY B O   1 
ATOM 565 N N   . VAL B 1 37 ? 19.256  -5.312  32.774  1.00 43.75 ? 37 VAL B N   1 
ATOM 566 C CA  . VAL B 1 37 ? 18.283  -6.135  32.065  1.00 44.25 ? 37 VAL B CA  1 
ATOM 567 C C   . VAL B 1 37 ? 17.431  -5.245  31.171  1.00 40.35 ? 37 VAL B C   1 
ATOM 568 O O   . VAL B 1 37 ? 16.870  -4.241  31.624  1.00 44.93 ? 37 VAL B O   1 
ATOM 569 C CB  . VAL B 1 37 ? 17.412  -6.924  33.058  1.00 40.00 ? 37 VAL B CB  1 
ATOM 570 C CG1 . VAL B 1 37 ? 16.091  -7.323  32.413  1.00 35.77 ? 37 VAL B CG1 1 
ATOM 571 C CG2 . VAL B 1 37 ? 18.160  -8.149  33.559  1.00 39.83 ? 37 VAL B CG2 1 
ATOM 572 N N   . LEU B 1 38 ? 17.338  -5.609  29.894  1.00 28.23 ? 38 LEU B N   1 
ATOM 573 C CA  . LEU B 1 38 ? 16.508  -4.896  28.924  1.00 25.58 ? 38 LEU B CA  1 
ATOM 574 C C   . LEU B 1 38 ? 15.557  -5.910  28.296  1.00 27.35 ? 38 LEU B C   1 
ATOM 575 O O   . LEU B 1 38 ? 15.967  -6.721  27.461  1.00 42.72 ? 38 LEU B O   1 
ATOM 576 C CB  . LEU B 1 38 ? 17.358  -4.201  27.868  1.00 32.98 ? 38 LEU B CB  1 
ATOM 577 C CG  . LEU B 1 38 ? 16.596  -3.571  26.702  1.00 31.34 ? 38 LEU B CG  1 
ATOM 578 C CD1 . LEU B 1 38 ? 15.795  -2.372  27.177  1.00 35.26 ? 38 LEU B CD1 1 
ATOM 579 C CD2 . LEU B 1 38 ? 17.550  -3.172  25.591  1.00 31.37 ? 38 LEU B CD2 1 
ATOM 580 N N   . TYR B 1 39 ? 14.293  -5.863  28.701  1.00 29.39 ? 39 TYR B N   1 
ATOM 581 C CA  . TYR B 1 39 ? 13.265  -6.763  28.198  1.00 33.64 ? 39 TYR B CA  1 
ATOM 582 C C   . TYR B 1 39 ? 12.347  -5.988  27.264  1.00 33.01 ? 39 TYR B C   1 
ATOM 583 O O   . TYR B 1 39 ? 11.734  -4.996  27.673  1.00 40.65 ? 39 TYR B O   1 
ATOM 584 C CB  . TYR B 1 39 ? 12.471  -7.382  29.354  1.00 32.76 ? 39 TYR B CB  1 
ATOM 585 C CG  . TYR B 1 39 ? 11.552  -8.521  28.964  1.00 32.93 ? 39 TYR B CG  1 
ATOM 586 C CD1 . TYR B 1 39 ? 10.382  -8.289  28.252  1.00 31.11 ? 39 TYR B CD1 1 
ATOM 587 C CD2 . TYR B 1 39 ? 11.841  -9.826  29.338  1.00 33.48 ? 39 TYR B CD2 1 
ATOM 588 C CE1 . TYR B 1 39 ? 9.538   -9.327  27.904  1.00 34.06 ? 39 TYR B CE1 1 
ATOM 589 C CE2 . TYR B 1 39 ? 11.003  -10.871 28.996  1.00 39.45 ? 39 TYR B CE2 1 
ATOM 590 C CZ  . TYR B 1 39 ? 9.854   -10.615 28.279  1.00 40.97 ? 39 TYR B CZ  1 
ATOM 591 O OH  . TYR B 1 39 ? 9.016   -11.651 27.936  1.00 37.92 ? 39 TYR B OH  1 
ATOM 592 N N   . VAL B 1 40 ? 12.255  -6.437  26.017  1.00 24.13 ? 40 VAL B N   1 
ATOM 593 C CA  . VAL B 1 40 ? 11.421  -5.798  25.007  1.00 29.55 ? 40 VAL B CA  1 
ATOM 594 C C   . VAL B 1 40 ? 10.480  -6.849  24.441  1.00 28.09 ? 40 VAL B C   1 
ATOM 595 O O   . VAL B 1 40 ? 10.931  -7.837  23.849  1.00 36.22 ? 40 VAL B O   1 
ATOM 596 C CB  . VAL B 1 40 ? 12.259  -5.154  23.889  1.00 28.35 ? 40 VAL B CB  1 
ATOM 597 C CG1 . VAL B 1 40 ? 11.408  -4.916  22.651  1.00 28.79 ? 40 VAL B CG1 1 
ATOM 598 C CG2 . VAL B 1 40 ? 12.875  -3.852  24.375  1.00 30.47 ? 40 VAL B CG2 1 
ATOM 599 N N   . GLY B 1 41 ? 9.180   -6.645  24.629  1.00 31.27 ? 41 GLY B N   1 
ATOM 600 C CA  . GLY B 1 41 ? 8.184   -7.555  24.101  1.00 34.81 ? 41 GLY B CA  1 
ATOM 601 C C   . GLY B 1 41 ? 7.176   -6.851  23.218  1.00 37.75 ? 41 GLY B C   1 
ATOM 602 O O   . GLY B 1 41 ? 6.546   -5.877  23.641  1.00 41.71 ? 41 GLY B O   1 
ATOM 603 N N   . SER B 1 42 ? 7.013   -7.331  21.989  1.00 33.57 ? 42 SER B N   1 
ATOM 604 C CA  . SER B 1 42 ? 6.109   -6.720  21.027  1.00 40.63 ? 42 SER B CA  1 
ATOM 605 C C   . SER B 1 42 ? 5.161   -7.769  20.471  1.00 43.05 ? 42 SER B C   1 
ATOM 606 O O   . SER B 1 42 ? 5.547   -8.924  20.269  1.00 43.64 ? 42 SER B O   1 
ATOM 607 C CB  . SER B 1 42 ? 6.883   -6.053  19.884  1.00 41.00 ? 42 SER B CB  1 
ATOM 608 O OG  . SER B 1 42 ? 6.008   -5.642  18.848  1.00 47.70 ? 42 SER B OG  1 
ATOM 609 N N   . LYS B 1 43 ? 3.917   -7.358  20.229  1.00 49.29 ? 43 LYS B N   1 
ATOM 610 C CA  . LYS B 1 43 ? 2.916   -8.243  19.636  1.00 47.76 ? 43 LYS B CA  1 
ATOM 611 C C   . LYS B 1 43 ? 2.004   -7.381  18.770  1.00 47.44 ? 43 LYS B C   1 
ATOM 612 O O   . LYS B 1 43 ? 1.031   -6.807  19.269  1.00 54.04 ? 43 LYS B O   1 
ATOM 613 C CB  . LYS B 1 43 ? 2.131   -8.987  20.709  1.00 48.97 ? 43 LYS B CB  1 
ATOM 614 C CG  . LYS B 1 43 ? 1.240   -10.091 20.169  1.00 49.77 ? 43 LYS B CG  1 
ATOM 615 C CD  . LYS B 1 43 ? 1.090   -11.218 21.177  1.00 49.50 ? 43 LYS B CD  1 
ATOM 616 C CE  . LYS B 1 43 ? 0.387   -10.738 22.435  1.00 50.15 ? 43 LYS B CE  1 
ATOM 617 N NZ  . LYS B 1 43 ? -0.695  -11.668 22.856  1.00 51.57 ? 43 LYS B NZ  1 
ATOM 618 N N   . THR B 1 44 ? 2.326   -7.291  17.481  1.00 40.92 ? 44 THR B N   1 
ATOM 619 C CA  . THR B 1 44 ? 1.549   -6.514  16.529  1.00 43.95 ? 44 THR B CA  1 
ATOM 620 C C   . THR B 1 44 ? 1.055   -7.427  15.417  1.00 47.78 ? 44 THR B C   1 
ATOM 621 O O   . THR B 1 44 ? 1.822   -8.228  14.875  1.00 46.71 ? 44 THR B O   1 
ATOM 622 C CB  . THR B 1 44 ? 2.369   -5.364  15.927  1.00 45.56 ? 44 THR B CB  1 
ATOM 623 O OG1 . THR B 1 44 ? 3.083   -5.832  14.777  1.00 47.73 ? 44 THR B OG1 1 
ATOM 624 C CG2 . THR B 1 44 ? 3.358   -4.815  16.944  1.00 48.14 ? 44 THR B CG2 1 
ATOM 625 N N   . LYS B 1 45 ? -0.232  -7.304  15.086  1.00 47.28 ? 45 LYS B N   1 
ATOM 626 C CA  . LYS B 1 45 ? -0.798  -8.111  14.011  1.00 44.76 ? 45 LYS B CA  1 
ATOM 627 C C   . LYS B 1 45 ? -0.226  -7.703  12.658  1.00 45.76 ? 45 LYS B C   1 
ATOM 628 O O   . LYS B 1 45 ? 0.184   -8.556  11.862  1.00 52.65 ? 45 LYS B O   1 
ATOM 629 C CB  . LYS B 1 45 ? -2.322  -7.991  14.012  1.00 43.30 ? 45 LYS B CB  1 
ATOM 630 C CG  . LYS B 1 45 ? -3.010  -8.854  12.971  1.00 47.02 ? 45 LYS B CG  1 
ATOM 631 C CD  . LYS B 1 45 ? -4.522  -8.723  13.060  1.00 48.16 ? 45 LYS B CD  1 
ATOM 632 C CE  . LYS B 1 45 ? -5.209  -9.568  12.003  1.00 48.82 ? 45 LYS B CE  1 
ATOM 633 N NZ  . LYS B 1 45 ? -6.692  -9.451  12.076  1.00 48.96 ? 45 LYS B NZ  1 
ATOM 634 N N   . GLU B 1 46 ? -0.191  -6.403  12.380  1.00 37.47 ? 46 GLU B N   1 
ATOM 635 C CA  . GLU B 1 46 ? 0.342   -5.879  11.132  1.00 41.88 ? 46 GLU B CA  1 
ATOM 636 C C   . GLU B 1 46 ? 1.241   -4.690  11.435  1.00 41.98 ? 46 GLU B C   1 
ATOM 637 O O   . GLU B 1 46 ? 0.892   -3.840  12.259  1.00 48.62 ? 46 GLU B O   1 
ATOM 638 C CB  . GLU B 1 46 ? -0.783  -5.465  10.177  1.00 42.13 ? 46 GLU B CB  1 
ATOM 639 C CG  . GLU B 1 46 ? -0.306  -5.073  8.790   1.00 47.23 ? 46 GLU B CG  1 
ATOM 640 C CD  . GLU B 1 46 ? -1.350  -4.297  8.012   1.00 50.58 ? 46 GLU B CD  1 
ATOM 641 O OE1 . GLU B 1 46 ? -1.129  -3.097  7.750   1.00 53.30 ? 46 GLU B OE1 1 
ATOM 642 O OE2 . GLU B 1 46 ? -2.394  -4.888  7.663   1.00 49.34 ? 46 GLU B OE2 1 
ATOM 643 N N   . GLY B 1 47 ? 2.389   -4.631  10.767  1.00 30.66 ? 47 GLY B N   1 
ATOM 644 C CA  . GLY B 1 47 ? 3.318   -3.541  10.979  1.00 31.43 ? 47 GLY B CA  1 
ATOM 645 C C   . GLY B 1 47 ? 4.076   -3.136  9.731   1.00 31.65 ? 47 GLY B C   1 
ATOM 646 O O   . GLY B 1 47 ? 4.628   -3.987  9.026   1.00 38.66 ? 47 GLY B O   1 
ATOM 647 N N   . VAL B 1 48 ? 4.104   -1.838  9.446   1.00 28.32 ? 48 VAL B N   1 
ATOM 648 C CA  . VAL B 1 48 ? 4.877   -1.279  8.342   1.00 30.15 ? 48 VAL B CA  1 
ATOM 649 C C   . VAL B 1 48 ? 5.818   -0.237  8.928   1.00 28.10 ? 48 VAL B C   1 
ATOM 650 O O   . VAL B 1 48 ? 5.367   0.775   9.478   1.00 32.46 ? 48 VAL B O   1 
ATOM 651 C CB  . VAL B 1 48 ? 3.975   -0.662  7.263   1.00 27.71 ? 48 VAL B CB  1 
ATOM 652 C CG1 . VAL B 1 48 ? 4.816   0.062   6.225   1.00 25.14 ? 48 VAL B CG1 1 
ATOM 653 C CG2 . VAL B 1 48 ? 3.124   -1.736  6.608   1.00 25.98 ? 48 VAL B CG2 1 
ATOM 654 N N   . VAL B 1 49 ? 7.121   -0.481  8.809   1.00 24.00 ? 49 VAL B N   1 
ATOM 655 C CA  . VAL B 1 49 ? 8.145   0.359   9.419   1.00 23.92 ? 49 VAL B CA  1 
ATOM 656 C C   . VAL B 1 49 ? 9.073   0.865   8.326   1.00 23.77 ? 49 VAL B C   1 
ATOM 657 O O   . VAL B 1 49 ? 9.575   0.077   7.517   1.00 29.42 ? 49 VAL B O   1 
ATOM 658 C CB  . VAL B 1 49 ? 8.939   -0.403  10.496  1.00 26.54 ? 49 VAL B CB  1 
ATOM 659 C CG1 . VAL B 1 49 ? 9.944   0.521   11.167  1.00 23.82 ? 49 VAL B CG1 1 
ATOM 660 C CG2 . VAL B 1 49 ? 7.997   -1.012  11.522  1.00 23.79 ? 49 VAL B CG2 1 
ATOM 661 N N   . HIS B 1 50 ? 9.295   2.176   8.303   1.00 27.74 ? 50 HIS B N   1 
ATOM 662 C CA  . HIS B 1 50 ? 10.251  2.805   7.403   1.00 28.18 ? 50 HIS B CA  1 
ATOM 663 C C   . HIS B 1 50 ? 11.315  3.510   8.231   1.00 29.01 ? 50 HIS B C   1 
ATOM 664 O O   . HIS B 1 50 ? 10.991  4.295   9.128   1.00 38.08 ? 50 HIS B O   1 
ATOM 665 C CB  . HIS B 1 50 ? 9.564   3.804   6.466   1.00 31.94 ? 50 HIS B CB  1 
ATOM 666 C CG  . HIS B 1 50 ? 8.768   3.162   5.374   1.00 33.76 ? 50 HIS B CG  1 
ATOM 667 N ND1 . HIS B 1 50 ? 7.947   2.078   5.589   1.00 32.75 ? 50 HIS B ND1 1 
ATOM 668 C CD2 . HIS B 1 50 ? 8.670   3.452   4.055   1.00 32.81 ? 50 HIS B CD2 1 
ATOM 669 C CE1 . HIS B 1 50 ? 7.374   1.727   4.450   1.00 33.15 ? 50 HIS B CE1 1 
ATOM 670 N NE2 . HIS B 1 50 ? 7.798   2.546   3.504   1.00 33.77 ? 50 HIS B NE2 1 
ATOM 671 N N   . GLY B 1 51 ? 12.579  3.233   7.926   1.00 29.22 ? 51 GLY B N   1 
ATOM 672 C CA  . GLY B 1 51 ? 13.673  3.869   8.632   1.00 29.97 ? 51 GLY B CA  1 
ATOM 673 C C   . GLY B 1 51 ? 14.040  5.194   8.002   1.00 33.65 ? 51 GLY B C   1 
ATOM 674 O O   . GLY B 1 51 ? 13.178  6.061   7.829   1.00 38.23 ? 51 GLY B O   1 
ATOM 675 N N   . VAL B 1 52 ? 15.312  5.371   7.657   1.00 34.67 ? 52 VAL B N   1 
ATOM 676 C CA  . VAL B 1 52 ? 15.746  6.565   6.940   1.00 36.61 ? 52 VAL B CA  1 
ATOM 677 C C   . VAL B 1 52 ? 15.391  6.377   5.469   1.00 33.15 ? 52 VAL B C   1 
ATOM 678 O O   . VAL B 1 52 ? 15.982  5.543   4.779   1.00 41.04 ? 52 VAL B O   1 
ATOM 679 C CB  . VAL B 1 52 ? 17.244  6.822   7.122   1.00 29.33 ? 52 VAL B CB  1 
ATOM 680 C CG1 . VAL B 1 52 ? 17.703  7.942   6.205   1.00 31.06 ? 52 VAL B CG1 1 
ATOM 681 C CG2 . VAL B 1 52 ? 17.548  7.160   8.571   1.00 29.42 ? 52 VAL B CG2 1 
ATOM 682 N N   . ALA B 1 53 ? 14.418  7.146   4.988   1.00 28.04 ? 53 ALA B N   1 
ATOM 683 C CA  . ALA B 1 53 ? 13.949  7.050   3.614   1.00 26.74 ? 53 ALA B CA  1 
ATOM 684 C C   . ALA B 1 53 ? 13.977  8.429   2.976   1.00 31.59 ? 53 ALA B C   1 
ATOM 685 O O   . ALA B 1 53 ? 13.398  9.377   3.515   1.00 37.70 ? 53 ALA B O   1 
ATOM 686 C CB  . ALA B 1 53 ? 12.536  6.465   3.548   1.00 24.72 ? 53 ALA B CB  1 
ATOM 687 N N   . THR B 1 54 ? 14.648  8.537   1.834   1.00 38.09 ? 54 THR B N   1 
ATOM 688 C CA  . THR B 1 54 ? 14.672  9.759   1.041   1.00 37.95 ? 54 THR B CA  1 
ATOM 689 C C   . THR B 1 54 ? 13.964  9.490   -0.281  1.00 33.40 ? 54 THR B C   1 
ATOM 690 O O   . THR B 1 54 ? 14.344  8.575   -1.020  1.00 40.98 ? 54 THR B O   1 
ATOM 691 C CB  . THR B 1 54 ? 16.107  10.248  0.816   1.00 38.74 ? 54 THR B CB  1 
ATOM 692 O OG1 . THR B 1 54 ? 16.118  11.269  -0.190  1.00 41.54 ? 54 THR B OG1 1 
ATOM 693 C CG2 . THR B 1 54 ? 17.027  9.102   0.407   1.00 37.53 ? 54 THR B CG2 1 
ATOM 694 N N   . VAL B 1 55 ? 12.930  10.275  -0.566  1.00 30.86 ? 55 VAL B N   1 
ATOM 695 C CA  . VAL B 1 55 ? 12.081  10.077  -1.735  1.00 30.18 ? 55 VAL B CA  1 
ATOM 696 C C   . VAL B 1 55 ? 12.054  11.371  -2.534  1.00 31.43 ? 55 VAL B C   1 
ATOM 697 O O   . VAL B 1 55 ? 11.843  12.450  -1.967  1.00 40.59 ? 55 VAL B O   1 
ATOM 698 C CB  . VAL B 1 55 ? 10.656  9.653   -1.337  1.00 31.06 ? 55 VAL B CB  1 
ATOM 699 C CG1 . VAL B 1 55 ? 9.808   9.405   -2.574  1.00 29.76 ? 55 VAL B CG1 1 
ATOM 700 C CG2 . VAL B 1 55 ? 10.694  8.417   -0.451  1.00 30.43 ? 55 VAL B CG2 1 
ATOM 701 N N   . ALA B 1 56 ? 12.289  11.260  -3.843  1.00 31.63 ? 56 ALA B N   1 
ATOM 702 C CA  . ALA B 1 56 ? 12.261  12.453  -4.722  1.00 34.34 ? 56 ALA B CA  1 
ATOM 703 C C   . ALA B 1 56 ? 11.827  12.039  -6.127  1.00 39.36 ? 56 ALA B C   1 
ATOM 704 O O   . ALA B 1 56 ? 11.954  10.846  -6.474  1.00 46.02 ? 56 ALA B O   1 
ATOM 705 C CB  . ALA B 1 56 ? 13.621  13.107  -4.744  1.00 32.01 ? 56 ALA B CB  1 
ATOM 706 N N   . GLU B 1 57 ? 11.328  12.997  -6.910  1.00 49.00 ? 57 GLU B N   1 
ATOM 707 C CA  . GLU B 1 57 ? 10.950  12.699  -8.315  1.00 51.23 ? 57 GLU B CA  1 
ATOM 708 C C   . GLU B 1 57 ? 12.062  13.221  -9.233  1.00 51.25 ? 57 GLU B C   1 
ATOM 709 O O   . GLU B 1 57 ? 12.448  12.487  -10.166 1.00 56.41 ? 57 GLU B O   1 
ATOM 710 C CB  . GLU B 1 57 ? 9.607   13.347  -8.650  1.00 50.74 ? 57 GLU B CB  1 
ATOM 711 C CG  . GLU B 1 57 ? 8.430   12.692  -7.935  1.00 49.50 ? 57 GLU B CG  1 
ATOM 712 C CD  . GLU B 1 57 ? 7.137   12.749  -8.727  1.00 55.98 ? 57 GLU B CD  1 
ATOM 713 O OE1 . GLU B 1 57 ? 6.075   12.423  -8.155  1.00 57.85 ? 57 GLU B OE1 1 
ATOM 714 O OE2 . GLU B 1 57 ? 7.191   13.118  -9.919  1.00 56.80 ? 57 GLU B OE2 1 
ATOM 715 N N   . LYS B 1 58 ? 12.558  14.433  -8.969  1.00 45.55 ? 58 LYS B N   1 
ATOM 716 C CA  . LYS B 1 58 ? 13.605  15.025  -9.800  1.00 41.57 ? 58 LYS B CA  1 
ATOM 717 C C   . LYS B 1 58 ? 14.609  15.694  -8.866  1.00 45.02 ? 58 LYS B C   1 
ATOM 718 O O   . LYS B 1 58 ? 14.323  16.753  -8.300  1.00 54.08 ? 58 LYS B O   1 
ATOM 719 C CB  . LYS B 1 58 ? 13.027  16.019  -10.799 1.00 46.83 ? 58 LYS B CB  1 
ATOM 720 C CG  . LYS B 1 58 ? 12.300  15.384  -11.972 1.00 49.09 ? 58 LYS B CG  1 
ATOM 721 C CD  . LYS B 1 58 ? 11.818  16.440  -12.955 1.00 51.02 ? 58 LYS B CD  1 
ATOM 722 C CE  . LYS B 1 58 ? 11.166  15.808  -14.172 1.00 50.29 ? 58 LYS B CE  1 
ATOM 723 N NZ  . LYS B 1 58 ? 10.690  16.832  -15.142 1.00 50.71 ? 58 LYS B NZ  1 
ATOM 724 N N   . THR B 1 59 ? 15.776  15.073  -8.711  1.00 46.05 ? 59 THR B N   1 
ATOM 725 C CA  . THR B 1 59 ? 16.849  15.623  -7.898  1.00 42.80 ? 59 THR B CA  1 
ATOM 726 C C   . THR B 1 59 ? 18.183  15.351  -8.577  1.00 44.76 ? 59 THR B C   1 
ATOM 727 O O   . THR B 1 59 ? 18.307  14.435  -9.393  1.00 49.98 ? 59 THR B O   1 
ATOM 728 C CB  . THR B 1 59 ? 16.866  15.035  -6.479  1.00 45.13 ? 59 THR B CB  1 
ATOM 729 O OG1 . THR B 1 59 ? 16.503  13.650  -6.525  1.00 43.55 ? 59 THR B OG1 1 
ATOM 730 C CG2 . THR B 1 59 ? 15.904  15.790  -5.574  1.00 47.47 ? 59 THR B CG2 1 
ATOM 731 N N   . LYS B 1 60 ? 19.180  16.164  -8.229  1.00 43.51 ? 60 LYS B N   1 
ATOM 732 C CA  . LYS B 1 60 ? 20.524  15.958  -8.757  1.00 42.51 ? 60 LYS B CA  1 
ATOM 733 C C   . LYS B 1 60 ? 21.294  14.947  -7.915  1.00 41.88 ? 60 LYS B C   1 
ATOM 734 O O   . LYS B 1 60 ? 21.767  13.929  -8.433  1.00 46.22 ? 60 LYS B O   1 
ATOM 735 C CB  . LYS B 1 60 ? 21.273  17.289  -8.817  1.00 42.57 ? 60 LYS B CB  1 
ATOM 736 C CG  . LYS B 1 60 ? 20.678  18.292  -9.791  1.00 42.94 ? 60 LYS B CG  1 
ATOM 737 C CD  . LYS B 1 60 ? 21.470  19.588  -9.798  1.00 44.54 ? 60 LYS B CD  1 
ATOM 738 C CE  . LYS B 1 60 ? 20.846  20.609  -10.736 1.00 46.14 ? 60 LYS B CE  1 
ATOM 739 N NZ  . LYS B 1 60 ? 20.858  20.142  -12.150 1.00 49.49 ? 60 LYS B NZ  1 
ATOM 740 N N   . GLU B 1 61 ? 21.422  15.208  -6.618  1.00 41.24 ? 61 GLU B N   1 
ATOM 741 C CA  . GLU B 1 61 ? 22.157  14.344  -5.707  1.00 43.95 ? 61 GLU B CA  1 
ATOM 742 C C   . GLU B 1 61 ? 21.228  13.856  -4.608  1.00 40.75 ? 61 GLU B C   1 
ATOM 743 O O   . GLU B 1 61 ? 20.411  14.620  -4.088  1.00 46.92 ? 61 GLU B O   1 
ATOM 744 C CB  . GLU B 1 61 ? 23.358  15.074  -5.091  1.00 39.46 ? 61 GLU B CB  1 
ATOM 745 C CG  . GLU B 1 61 ? 24.489  15.345  -6.068  1.00 42.71 ? 61 GLU B CG  1 
ATOM 746 C CD  . GLU B 1 61 ? 24.718  16.826  -6.300  1.00 49.96 ? 61 GLU B CD  1 
ATOM 747 O OE1 . GLU B 1 61 ? 23.757  17.525  -6.680  1.00 49.60 ? 61 GLU B OE1 1 
ATOM 748 O OE2 . GLU B 1 61 ? 25.861  17.290  -6.104  1.00 52.31 ? 61 GLU B OE2 1 
ATOM 749 N N   . GLN B 1 62 ? 21.358  12.579  -4.259  1.00 36.07 ? 62 GLN B N   1 
ATOM 750 C CA  . GLN B 1 62 ? 20.552  11.940  -3.224  1.00 35.84 ? 62 GLN B CA  1 
ATOM 751 C C   . GLN B 1 62 ? 21.442  11.126  -2.296  1.00 38.39 ? 62 GLN B C   1 
ATOM 752 O O   . GLN B 1 62 ? 21.159  9.973   -1.964  1.00 42.03 ? 62 GLN B O   1 
ATOM 753 C CB  . GLN B 1 62 ? 19.467  11.068  -3.850  1.00 37.11 ? 62 GLN B CB  1 
ATOM 754 C CG  . GLN B 1 62 ? 18.186  10.996  -3.041  1.00 41.49 ? 62 GLN B CG  1 
ATOM 755 C CD  . GLN B 1 62 ? 16.989  10.618  -3.886  1.00 42.68 ? 62 GLN B CD  1 
ATOM 756 O OE1 . GLN B 1 62 ? 17.125  10.290  -5.064  1.00 44.49 ? 62 GLN B OE1 1 
ATOM 757 N NE2 . GLN B 1 62 ? 15.804  10.663  -3.289  1.00 40.79 ? 62 GLN B NE2 1 
ATOM 758 N N   . VAL B 1 63 ? 22.544  11.730  -1.867  1.00 31.98 ? 63 VAL B N   1 
ATOM 759 C CA  . VAL B 1 63 ? 23.540  11.037  -1.057  1.00 37.24 ? 63 VAL B CA  1 
ATOM 760 C C   . VAL B 1 63 ? 23.016  10.864  0.364   1.00 29.95 ? 63 VAL B C   1 
ATOM 761 O O   . VAL B 1 63 ? 22.505  11.811  0.974   1.00 29.61 ? 63 VAL B O   1 
ATOM 762 C CB  . VAL B 1 63 ? 24.874  11.798  -1.073  1.00 31.47 ? 63 VAL B CB  1 
ATOM 763 C CG1 . VAL B 1 63 ? 24.644  13.273  -0.804  1.00 30.03 ? 63 VAL B CG1 1 
ATOM 764 C CG2 . VAL B 1 63 ? 25.836  11.213  -0.050  1.00 27.83 ? 63 VAL B CG2 1 
ATOM 765 N N   . THR B 1 64 ? 23.131  9.645   0.888   1.00 28.81 ? 64 THR B N   1 
ATOM 766 C CA  . THR B 1 64 ? 22.798  9.342   2.273   1.00 27.14 ? 64 THR B CA  1 
ATOM 767 C C   . THR B 1 64 ? 24.030  8.749   2.935   1.00 27.15 ? 64 THR B C   1 
ATOM 768 O O   . THR B 1 64 ? 24.547  7.723   2.483   1.00 34.25 ? 64 THR B O   1 
ATOM 769 C CB  . THR B 1 64 ? 21.619  8.369   2.366   1.00 33.67 ? 64 THR B CB  1 
ATOM 770 O OG1 . THR B 1 64 ? 20.426  9.010   1.899   1.00 36.56 ? 64 THR B OG1 1 
ATOM 771 C CG2 . THR B 1 64 ? 21.414  7.912   3.803   1.00 30.24 ? 64 THR B CG2 1 
ATOM 772 N N   . ASN B 1 65 ? 24.500  9.391   4.001   1.00 33.62 ? 65 ASN B N   1 
ATOM 773 C CA  . ASN B 1 65 ? 25.698  8.967   4.711   1.00 31.90 ? 65 ASN B CA  1 
ATOM 774 C C   . ASN B 1 65 ? 25.325  8.425   6.083   1.00 28.55 ? 65 ASN B C   1 
ATOM 775 O O   . ASN B 1 65 ? 24.626  9.089   6.855   1.00 34.53 ? 65 ASN B O   1 
ATOM 776 C CB  . ASN B 1 65 ? 26.689  10.124  4.861   1.00 28.61 ? 65 ASN B CB  1 
ATOM 777 C CG  . ASN B 1 65 ? 27.424  10.429  3.575   1.00 32.74 ? 65 ASN B CG  1 
ATOM 778 O OD1 . ASN B 1 65 ? 27.411  9.636   2.635   1.00 33.96 ? 65 ASN B OD1 1 
ATOM 779 N ND2 . ASN B 1 65 ? 28.072  11.587  3.526   1.00 34.43 ? 65 ASN B ND2 1 
ATOM 780 N N   . VAL B 1 66 ? 25.794  7.218   6.382   1.00 20.59 ? 66 VAL B N   1 
ATOM 781 C CA  . VAL B 1 66 ? 25.526  6.556   7.652   1.00 25.00 ? 66 VAL B CA  1 
ATOM 782 C C   . VAL B 1 66 ? 26.860  6.337   8.352   1.00 27.59 ? 66 VAL B C   1 
ATOM 783 O O   . VAL B 1 66 ? 27.705  5.575   7.869   1.00 28.34 ? 66 VAL B O   1 
ATOM 784 C CB  . VAL B 1 66 ? 24.782  5.229   7.466   1.00 28.19 ? 66 VAL B CB  1 
ATOM 785 C CG1 . VAL B 1 66 ? 24.718  4.477   8.785   1.00 23.50 ? 66 VAL B CG1 1 
ATOM 786 C CG2 . VAL B 1 66 ? 23.387  5.476   6.917   1.00 23.50 ? 66 VAL B CG2 1 
ATOM 787 N N   . GLY B 1 67 ? 27.048  7.006   9.485   1.00 31.52 ? 67 GLY B N   1 
ATOM 788 C CA  . GLY B 1 67 ? 28.208  6.771   10.319  1.00 33.63 ? 67 GLY B CA  1 
ATOM 789 C C   . GLY B 1 67 ? 27.820  6.143   11.639  1.00 34.64 ? 67 GLY B C   1 
ATOM 790 O O   . GLY B 1 67 ? 28.642  5.505   12.302  1.00 38.26 ? 67 GLY B O   1 
ATOM 791 N N   . GLY B 1 68 ? 26.558  6.317   12.028  1.00 39.79 ? 68 GLY B N   1 
ATOM 792 C CA  . GLY B 1 68 ? 26.057  5.760   13.266  1.00 34.71 ? 68 GLY B CA  1 
ATOM 793 C C   . GLY B 1 68 ? 25.307  4.460   13.070  1.00 31.74 ? 68 GLY B C   1 
ATOM 794 O O   . GLY B 1 68 ? 25.829  3.522   12.462  1.00 34.83 ? 68 GLY B O   1 
ATOM 795 N N   . ALA B 1 69 ? 24.080  4.389   13.584  1.00 24.65 ? 69 ALA B N   1 
ATOM 796 C CA  . ALA B 1 69 ? 23.253  3.198   13.476  1.00 27.09 ? 69 ALA B CA  1 
ATOM 797 C C   . ALA B 1 69 ? 21.871  3.575   12.966  1.00 29.95 ? 69 ALA B C   1 
ATOM 798 O O   . ALA B 1 69 ? 21.305  4.595   13.369  1.00 34.59 ? 69 ALA B O   1 
ATOM 799 C CB  . ALA B 1 69 ? 23.139  2.474   14.822  1.00 23.03 ? 69 ALA B CB  1 
ATOM 800 N N   . VAL B 1 70 ? 21.333  2.742   12.076  1.00 25.64 ? 70 VAL B N   1 
ATOM 801 C CA  . VAL B 1 70 ? 20.014  2.954   11.485  1.00 29.54 ? 70 VAL B CA  1 
ATOM 802 C C   . VAL B 1 70 ? 19.140  1.748   11.806  1.00 28.67 ? 70 VAL B C   1 
ATOM 803 O O   . VAL B 1 70 ? 18.335  1.312   10.974  1.00 37.56 ? 70 VAL B O   1 
ATOM 804 C CB  . VAL B 1 70 ? 20.103  3.204   9.967   1.00 30.80 ? 70 VAL B CB  1 
ATOM 805 C CG1 . VAL B 1 70 ? 18.823  3.851   9.450   1.00 23.84 ? 70 VAL B CG1 1 
ATOM 806 C CG2 . VAL B 1 70 ? 21.290  4.086   9.646   1.00 28.94 ? 70 VAL B CG2 1 
ATOM 807 N N   . VAL B 1 71 ? 19.330  1.171   12.993  1.00 20.48 ? 71 VAL B N   1 
ATOM 808 C CA  . VAL B 1 71 ? 18.576  -0.002  13.427  1.00 21.48 ? 71 VAL B CA  1 
ATOM 809 C C   . VAL B 1 71 ? 17.086  0.252   13.248  1.00 21.43 ? 71 VAL B C   1 
ATOM 810 O O   . VAL B 1 71 ? 16.521  1.163   13.862  1.00 29.07 ? 71 VAL B O   1 
ATOM 811 C CB  . VAL B 1 71 ? 18.898  -0.360  14.888  1.00 21.50 ? 71 VAL B CB  1 
ATOM 812 C CG1 . VAL B 1 71 ? 18.280  -1.699  15.255  1.00 23.04 ? 71 VAL B CG1 1 
ATOM 813 C CG2 . VAL B 1 71 ? 20.402  -0.377  15.112  1.00 28.28 ? 71 VAL B CG2 1 
ATOM 814 N N   . THR B 1 72 ? 16.443  -0.553  12.405  1.00 29.37 ? 72 THR B N   1 
ATOM 815 C CA  . THR B 1 72 ? 15.060  -0.324  12.015  1.00 27.06 ? 72 THR B CA  1 
ATOM 816 C C   . THR B 1 72 ? 14.345  -1.660  11.886  1.00 29.00 ? 72 THR B C   1 
ATOM 817 O O   . THR B 1 72 ? 14.868  -2.591  11.269  1.00 33.20 ? 72 THR B O   1 
ATOM 818 C CB  . THR B 1 72 ? 14.987  0.453   10.692  1.00 29.34 ? 72 THR B CB  1 
ATOM 819 O OG1 . THR B 1 72 ? 15.163  1.851   10.950  1.00 34.59 ? 72 THR B OG1 1 
ATOM 820 C CG2 . THR B 1 72 ? 13.649  0.237   10.003  1.00 32.79 ? 72 THR B CG2 1 
ATOM 821 N N   . GLY B 1 73 ? 13.156  -1.750  12.469  1.00 28.12 ? 73 GLY B N   1 
ATOM 822 C CA  . GLY B 1 73 ? 12.371  -2.966  12.378  1.00 27.98 ? 73 GLY B CA  1 
ATOM 823 C C   . GLY B 1 73 ? 11.077  -2.811  13.143  1.00 29.18 ? 73 GLY B C   1 
ATOM 824 O O   . GLY B 1 73 ? 10.802  -1.768  13.745  1.00 37.53 ? 73 GLY B O   1 
ATOM 825 N N   . VAL B 1 74 ? 10.274  -3.875  13.103  1.00 28.40 ? 74 VAL B N   1 
ATOM 826 C CA  . VAL B 1 74 ? 9.036   -3.893  13.874  1.00 24.10 ? 74 VAL B CA  1 
ATOM 827 C C   . VAL B 1 74 ? 9.341   -3.868  15.365  1.00 26.78 ? 74 VAL B C   1 
ATOM 828 O O   . VAL B 1 74 ? 8.606   -3.264  16.155  1.00 38.72 ? 74 VAL B O   1 
ATOM 829 C CB  . VAL B 1 74 ? 8.183   -5.116  13.485  1.00 29.89 ? 74 VAL B CB  1 
ATOM 830 C CG1 . VAL B 1 74 ? 6.831   -5.066  14.177  1.00 29.29 ? 74 VAL B CG1 1 
ATOM 831 C CG2 . VAL B 1 74 ? 8.008   -5.181  11.977  1.00 29.11 ? 74 VAL B CG2 1 
ATOM 832 N N   . THR B 1 75 ? 10.430  -4.516  15.771  1.00 30.06 ? 75 THR B N   1 
ATOM 833 C CA  . THR B 1 75 ? 10.878  -4.566  17.158  1.00 30.00 ? 75 THR B CA  1 
ATOM 834 C C   . THR B 1 75 ? 12.330  -4.114  17.256  1.00 32.63 ? 75 THR B C   1 
ATOM 835 O O   . THR B 1 75 ? 13.176  -4.766  17.870  1.00 36.72 ? 75 THR B O   1 
ATOM 836 C CB  . THR B 1 75 ? 10.706  -5.968  17.736  1.00 34.57 ? 75 THR B CB  1 
ATOM 837 O OG1 . THR B 1 75 ? 9.321   -6.330  17.707  1.00 40.36 ? 75 THR B OG1 1 
ATOM 838 C CG2 . THR B 1 75 ? 11.198  -6.013  19.173  1.00 30.99 ? 75 THR B CG2 1 
ATOM 839 N N   . ALA B 1 76 ? 12.636  -2.982  16.625  1.00 29.94 ? 76 ALA B N   1 
ATOM 840 C CA  . ALA B 1 76 ? 14.004  -2.479  16.569  1.00 28.18 ? 76 ALA B CA  1 
ATOM 841 C C   . ALA B 1 76 ? 14.496  -2.113  17.964  1.00 24.66 ? 76 ALA B C   1 
ATOM 842 O O   . ALA B 1 76 ? 13.880  -1.297  18.656  1.00 30.08 ? 76 ALA B O   1 
ATOM 843 C CB  . ALA B 1 76 ? 14.082  -1.270  15.641  1.00 24.98 ? 76 ALA B CB  1 
ATOM 844 N N   . VAL B 1 77 ? 15.611  -2.716  18.372  1.00 30.45 ? 77 VAL B N   1 
ATOM 845 C CA  . VAL B 1 77 ? 16.236  -2.451  19.661  1.00 28.31 ? 77 VAL B CA  1 
ATOM 846 C C   . VAL B 1 77 ? 17.706  -2.137  19.422  1.00 23.69 ? 77 VAL B C   1 
ATOM 847 O O   . VAL B 1 77 ? 18.409  -2.910  18.763  1.00 35.74 ? 77 VAL B O   1 
ATOM 848 C CB  . VAL B 1 77 ? 16.091  -3.641  20.629  1.00 27.89 ? 77 VAL B CB  1 
ATOM 849 C CG1 . VAL B 1 77 ? 16.802  -3.348  21.940  1.00 24.60 ? 77 VAL B CG1 1 
ATOM 850 C CG2 . VAL B 1 77 ? 14.624  -3.960  20.871  1.00 28.53 ? 77 VAL B CG2 1 
ATOM 851 N N   . ALA B 1 78 ? 18.166  -1.008  19.953  1.00 26.55 ? 78 ALA B N   1 
ATOM 852 C CA  . ALA B 1 78 ? 19.558  -0.595  19.852  1.00 23.12 ? 78 ALA B CA  1 
ATOM 853 C C   . ALA B 1 78 ? 20.124  -0.414  21.252  1.00 25.46 ? 78 ALA B C   1 
ATOM 854 O O   . ALA B 1 78 ? 19.551  0.318   22.065  1.00 35.33 ? 78 ALA B O   1 
ATOM 855 C CB  . ALA B 1 78 ? 19.693  0.700   19.049  1.00 22.75 ? 78 ALA B CB  1 
ATOM 856 N N   . GLN B 1 79 ? 21.243  -1.078  21.528  1.00 32.02 ? 79 GLN B N   1 
ATOM 857 C CA  . GLN B 1 79 ? 21.875  -1.027  22.844  1.00 34.74 ? 79 GLN B CA  1 
ATOM 858 C C   . GLN B 1 79 ? 23.372  -0.844  22.652  1.00 33.71 ? 79 GLN B C   1 
ATOM 859 O O   . GLN B 1 79 ? 24.050  -1.757  22.172  1.00 42.84 ? 79 GLN B O   1 
ATOM 860 C CB  . GLN B 1 79 ? 21.580  -2.292  23.651  1.00 31.02 ? 79 GLN B CB  1 
ATOM 861 C CG  . GLN B 1 79 ? 21.636  -2.093  25.155  1.00 33.76 ? 79 GLN B CG  1 
ATOM 862 C CD  . GLN B 1 79 ? 21.277  -3.347  25.922  1.00 36.05 ? 79 GLN B CD  1 
ATOM 863 O OE1 . GLN B 1 79 ? 21.234  -4.441  25.360  1.00 38.18 ? 79 GLN B OE1 1 
ATOM 864 N NE2 . GLN B 1 79 ? 21.012  -3.196  27.214  1.00 39.09 ? 79 GLN B NE2 1 
ATOM 865 N N   . LYS B 1 80 ? 23.882  0.329   23.032  1.00 36.74 ? 80 LYS B N   1 
ATOM 866 C CA  . LYS B 1 80 ? 25.307  0.646   22.953  1.00 32.95 ? 80 LYS B CA  1 
ATOM 867 C C   . LYS B 1 80 ? 25.836  0.458   21.529  1.00 38.84 ? 80 LYS B C   1 
ATOM 868 O O   . LYS B 1 80 ? 26.704  -0.373  21.260  1.00 47.56 ? 80 LYS B O   1 
ATOM 869 C CB  . LYS B 1 80 ? 26.109  -0.190  23.956  1.00 32.45 ? 80 LYS B CB  1 
ATOM 870 C CG  . LYS B 1 80 ? 25.526  -0.220  25.359  1.00 35.21 ? 80 LYS B CG  1 
ATOM 871 C CD  . LYS B 1 80 ? 25.417  -1.642  25.880  1.00 37.50 ? 80 LYS B CD  1 
ATOM 872 C CE  . LYS B 1 80 ? 24.872  -1.668  27.298  1.00 39.93 ? 80 LYS B CE  1 
ATOM 873 N NZ  . LYS B 1 80 ? 24.583  -3.054  27.759  1.00 38.81 ? 80 LYS B NZ  1 
ATOM 874 N N   . THR B 1 81 ? 25.290  1.256   20.611  1.00 38.29 ? 81 THR B N   1 
ATOM 875 C CA  . THR B 1 81 ? 25.624  1.150   19.195  1.00 46.14 ? 81 THR B CA  1 
ATOM 876 C C   . THR B 1 81 ? 26.754  2.094   18.794  1.00 48.00 ? 81 THR B C   1 
ATOM 877 O O   . THR B 1 81 ? 27.791  1.648   18.295  1.00 52.00 ? 81 THR B O   1 
ATOM 878 C CB  . THR B 1 81 ? 24.380  1.419   18.339  1.00 45.92 ? 81 THR B CB  1 
ATOM 879 O OG1 . THR B 1 81 ? 23.821  2.692   18.688  1.00 49.14 ? 81 THR B OG1 1 
ATOM 880 C CG2 . THR B 1 81 ? 23.340  0.334   18.558  1.00 39.19 ? 81 THR B CG2 1 
ATOM 881 N N   . VAL B 1 82 ? 26.572  3.394   19.006  1.00 33.91 ? 82 VAL B N   1 
ATOM 882 C CA  . VAL B 1 82 ? 27.527  4.406   18.571  1.00 40.54 ? 82 VAL B CA  1 
ATOM 883 C C   . VAL B 1 82 ? 28.289  4.876   19.805  1.00 41.24 ? 82 VAL B C   1 
ATOM 884 O O   . VAL B 1 82 ? 27.814  5.734   20.554  1.00 46.48 ? 82 VAL B O   1 
ATOM 885 C CB  . VAL B 1 82 ? 26.831  5.568   17.857  1.00 38.42 ? 82 VAL B CB  1 
ATOM 886 C CG1 . VAL B 1 82 ? 27.856  6.483   17.208  1.00 39.01 ? 82 VAL B CG1 1 
ATOM 887 C CG2 . VAL B 1 82 ? 25.843  5.040   16.831  1.00 37.49 ? 82 VAL B CG2 1 
ATOM 888 N N   . GLU B 1 83 ? 29.475  4.312   20.021  1.00 39.67 ? 83 GLU B N   1 
ATOM 889 C CA  . GLU B 1 83 ? 30.333  4.656   21.153  1.00 39.93 ? 83 GLU B CA  1 
ATOM 890 C C   . GLU B 1 83 ? 31.773  4.827   20.693  1.00 38.86 ? 83 GLU B C   1 
ATOM 891 O O   . GLU B 1 83 ? 32.714  4.317   21.305  1.00 43.96 ? 83 GLU B O   1 
ATOM 892 C CB  . GLU B 1 83 ? 30.251  3.603   22.252  1.00 40.45 ? 83 GLU B CB  1 
ATOM 893 C CG  . GLU B 1 83 ? 28.860  3.384   22.813  1.00 39.03 ? 83 GLU B CG  1 
ATOM 894 C CD  . GLU B 1 83 ? 28.695  2.005   23.412  1.00 43.56 ? 83 GLU B CD  1 
ATOM 895 O OE1 . GLU B 1 83 ? 28.817  1.014   22.663  1.00 43.40 ? 83 GLU B OE1 1 
ATOM 896 O OE2 . GLU B 1 83 ? 28.451  1.912   24.633  1.00 43.61 ? 83 GLU B OE2 1 
ATOM 897 N N   . GLY B 1 84 ? 31.966  5.559   19.598  1.00 36.91 ? 84 GLY B N   1 
ATOM 898 C CA  . GLY B 1 84 ? 33.297  5.775   19.069  1.00 37.62 ? 84 GLY B CA  1 
ATOM 899 C C   . GLY B 1 84 ? 33.362  7.058   18.272  1.00 39.74 ? 84 GLY B C   1 
ATOM 900 O O   . GLY B 1 84 ? 32.360  7.752   18.079  1.00 46.96 ? 84 GLY B O   1 
ATOM 901 N N   . ALA B 1 85 ? 34.568  7.368   17.808  1.00 37.64 ? 85 ALA B N   1 
ATOM 902 C CA  . ALA B 1 85 ? 34.784  8.571   17.017  1.00 38.48 ? 85 ALA B CA  1 
ATOM 903 C C   . ALA B 1 85 ? 34.221  8.378   15.615  1.00 39.63 ? 85 ALA B C   1 
ATOM 904 O O   . ALA B 1 85 ? 34.677  7.506   14.869  1.00 44.25 ? 85 ALA B O   1 
ATOM 905 C CB  . ALA B 1 85 ? 36.271  8.906   16.957  1.00 39.30 ? 85 ALA B CB  1 
ATOM 906 N N   . GLY B 1 86 ? 33.228  9.189   15.259  1.00 30.91 ? 86 GLY B N   1 
ATOM 907 C CA  . GLY B 1 86 ? 32.636  9.129   13.940  1.00 21.55 ? 86 GLY B CA  1 
ATOM 908 C C   . GLY B 1 86 ? 32.652  10.472  13.246  1.00 24.89 ? 86 GLY B C   1 
ATOM 909 O O   . GLY B 1 86 ? 32.274  11.487  13.837  1.00 35.81 ? 86 GLY B O   1 
ATOM 910 N N   . SER B 1 87 ? 33.087  10.494  11.990  1.00 30.49 ? 87 SER B N   1 
ATOM 911 C CA  . SER B 1 87 ? 33.217  11.728  11.231  1.00 35.68 ? 87 SER B CA  1 
ATOM 912 C C   . SER B 1 87 ? 32.530  11.568  9.884   1.00 33.58 ? 87 SER B C   1 
ATOM 913 O O   . SER B 1 87 ? 32.764  10.582  9.177   1.00 43.65 ? 87 SER B O   1 
ATOM 914 C CB  . SER B 1 87 ? 34.690  12.102  11.032  1.00 34.50 ? 87 SER B CB  1 
ATOM 915 O OG  . SER B 1 87 ? 34.815  13.300  10.289  1.00 40.57 ? 87 SER B OG  1 
ATOM 916 N N   . ILE B 1 88 ? 31.682  12.532  9.538   1.00 19.47 ? 88 ILE B N   1 
ATOM 917 C CA  . ILE B 1 88 ? 31.010  12.571  8.246   1.00 25.65 ? 88 ILE B CA  1 
ATOM 918 C C   . ILE B 1 88 ? 31.251  13.944  7.638   1.00 27.97 ? 88 ILE B C   1 
ATOM 919 O O   . ILE B 1 88 ? 30.913  14.964  8.248   1.00 34.33 ? 88 ILE B O   1 
ATOM 920 C CB  . ILE B 1 88 ? 29.502  12.294  8.365   1.00 29.04 ? 88 ILE B CB  1 
ATOM 921 C CG1 . ILE B 1 88 ? 29.254  10.921  8.995   1.00 30.22 ? 88 ILE B CG1 1 
ATOM 922 C CG2 . ILE B 1 88 ? 28.834  12.392  7.002   1.00 25.94 ? 88 ILE B CG2 1 
ATOM 923 C CD1 . ILE B 1 88 ? 27.793  10.586  9.166   1.00 29.77 ? 88 ILE B CD1 1 
ATOM 924 N N   . ALA B 1 89 ? 31.834  13.971  6.444   1.00 37.11 ? 89 ALA B N   1 
ATOM 925 C CA  . ALA B 1 89 ? 32.073  15.207  5.709   1.00 41.05 ? 89 ALA B CA  1 
ATOM 926 C C   . ALA B 1 89 ? 31.450  15.073  4.329   1.00 39.35 ? 89 ALA B C   1 
ATOM 927 O O   . ALA B 1 89 ? 31.829  14.185  3.558   1.00 46.66 ? 89 ALA B O   1 
ATOM 928 C CB  . ALA B 1 89 ? 33.568  15.509  5.606   1.00 35.71 ? 89 ALA B CB  1 
ATOM 929 N N   . ALA B 1 90 ? 30.500  15.951  4.020   1.00 31.70 ? 90 ALA B N   1 
ATOM 930 C CA  . ALA B 1 90 ? 29.777  15.921  2.758   1.00 31.36 ? 90 ALA B CA  1 
ATOM 931 C C   . ALA B 1 90 ? 29.871  17.284  2.091   1.00 35.79 ? 90 ALA B C   1 
ATOM 932 O O   . ALA B 1 90 ? 29.622  18.311  2.729   1.00 42.56 ? 90 ALA B O   1 
ATOM 933 C CB  . ALA B 1 90 ? 28.312  15.532  2.970   1.00 35.11 ? 90 ALA B CB  1 
ATOM 934 N N   . ALA B 1 91 ? 30.225  17.288  0.806   1.00 49.59 ? 91 ALA B N   1 
ATOM 935 C CA  . ALA B 1 91 ? 30.350  18.525  0.046   1.00 50.71 ? 91 ALA B CA  1 
ATOM 936 C C   . ALA B 1 91 ? 29.395  18.514  -1.140  1.00 50.94 ? 91 ALA B C   1 
ATOM 937 O O   . ALA B 1 91 ? 29.784  18.850  -2.263  1.00 56.92 ? 91 ALA B O   1 
ATOM 938 C CB  . ALA B 1 91 ? 31.791  18.726  -0.426  1.00 48.54 ? 91 ALA B CB  1 
ATOM 939 N N   . THR B 1 92 ? 28.149  18.117  -0.897  1.00 48.04 ? 92 THR B N   1 
ATOM 940 C CA  . THR B 1 92 ? 27.159  18.030  -1.960  1.00 47.73 ? 92 THR B CA  1 
ATOM 941 C C   . THR B 1 92 ? 26.925  19.394  -2.594  1.00 50.99 ? 92 THR B C   1 
ATOM 942 O O   . THR B 1 92 ? 26.873  20.419  -1.908  1.00 57.82 ? 92 THR B O   1 
ATOM 943 C CB  . THR B 1 92 ? 25.844  17.477  -1.413  1.00 48.71 ? 92 THR B CB  1 
ATOM 944 O OG1 . THR B 1 92 ? 25.045  18.556  -0.914  1.00 58.18 ? 92 THR B OG1 1 
ATOM 945 C CG2 . THR B 1 92 ? 26.115  16.503  -0.280  1.00 48.00 ? 92 THR B CG2 1 
ATOM 946 N N   . GLY B 1 93 ? 26.782  19.404  -3.916  1.00 51.49 ? 93 GLY B N   1 
ATOM 947 C CA  . GLY B 1 93 ? 26.583  20.638  -4.643  1.00 54.39 ? 93 GLY B CA  1 
ATOM 948 C C   . GLY B 1 93 ? 27.881  21.382  -4.898  1.00 55.63 ? 93 GLY B C   1 
ATOM 949 O O   . GLY B 1 93 ? 28.982  20.909  -4.610  1.00 53.74 ? 93 GLY B O   1 
ATOM 950 N N   . PHE B 1 94 ? 27.724  22.591  -5.435  1.00 61.51 ? 94 PHE B N   1 
ATOM 951 C CA  . PHE B 1 94 ? 28.821  23.464  -5.868  1.00 60.27 ? 94 PHE B CA  1 
ATOM 952 C C   . PHE B 1 94 ? 29.987  22.701  -6.493  1.00 61.12 ? 94 PHE B C   1 
ATOM 953 O O   . PHE B 1 94 ? 29.879  22.192  -7.607  1.00 66.44 ? 94 PHE B O   1 
ATOM 954 C CB  . PHE B 1 94 ? 29.326  24.331  -4.703  1.00 67.07 ? 94 PHE B CB  1 
ATOM 955 C CG  . PHE B 1 94 ? 29.837  23.551  -3.519  1.00 67.55 ? 94 PHE B CG  1 
ATOM 956 C CD1 . PHE B 1 94 ? 31.162  23.153  -3.456  1.00 64.09 ? 94 PHE B CD1 1 
ATOM 957 C CD2 . PHE B 1 94 ? 28.999  23.241  -2.460  1.00 67.81 ? 94 PHE B CD2 1 
ATOM 958 C CE1 . PHE B 1 94 ? 31.637  22.445  -2.368  1.00 65.41 ? 94 PHE B CE1 1 
ATOM 959 C CE2 . PHE B 1 94 ? 29.468  22.531  -1.371  1.00 64.64 ? 94 PHE B CE2 1 
ATOM 960 C CZ  . PHE B 1 94 ? 30.789  22.134  -1.324  1.00 63.12 ? 94 PHE B CZ  1 
# 
